data_5EXE
#
_entry.id   5EXE
#
_cell.length_a   113.653
_cell.length_b   144.131
_cell.length_c   161.715
_cell.angle_alpha   90.00
_cell.angle_beta   90.00
_cell.angle_gamma   90.00
#
_symmetry.space_group_name_H-M   'P 21 21 21'
#
loop_
_entity.id
_entity.type
_entity.pdbx_description
1 polymer 'Oxalate oxidoreductase subunit alpha'
2 polymer 'Oxalate oxidoreductase subunit delta'
3 polymer 'Oxalate oxidoreductase subunit beta'
4 non-polymer 'IRON/SULFUR CLUSTER'
5 non-polymer '[2-[3-[(4-azanyl-2-methyl-pyrimidin-5-yl)methyl]-2-carboxy-4-methyl-1,3-thiazol-3-ium-5-yl]ethoxy-oxidanyl-phosphoryl] hydrogen phosphate'
6 non-polymer 'MAGNESIUM ION'
7 non-polymer 'SODIUM ION'
8 water water
#
loop_
_entity_poly.entity_id
_entity_poly.type
_entity_poly.pdbx_seq_one_letter_code
_entity_poly.pdbx_strand_id
1 'polypeptide(L)'
;MGKVRNISGCVAVAHGVRLADVDVICSYPIRPYTGIMSELARMVADGELDAEFVHGEGEHAQLSVVYGASAAGARVFTGS
SGVGVTYAMEVYSPISGERLPVQMAIADRTLDPPGDFGEEHTDAECCRDQGWIQGWASTPQEALDNTLIYYRVGEDQRVL
LPQYACLDGYFVSHILGPVDIPDEAQVKEFLPPYKNHHVLDPRKPQIIGPQIEPAMGPPLQYQRYQAVKGVHKVLEEACD
EFARIFGRKYDPYLDEYLTDDAEVIIFGQGAHMETAKAVARRLRNLGEKVGVARLRTFRPFPTEQIKERLSKFKAIGVLD
VSANFGISCSGGVLLSELRAALYDYGDKVKTVGFVAGLGGEVVTHDEFYRMFQKLKEIAKTGKVEQTSYWIPFEL
;
A,D
2 'polypeptide(L)'
;MSTKDLFAEPNLKQITVWARGVVMNKDARDIVVALTEAAAKEGKYVQAWENYVDLPDRIYVPVRAYARISSDPIESKYIY
ENETPDIVVLVEESLIKGVPILKGIRPGSTLVVNTKRSIDTILEFLGDTGNLAQIVTVDANSMAEAVMTLSGAEGATDAT
GIGAGIAAPIAGAVVKATGIVDVENLAAVVKNPAAMRRGYAEAQVRQLPPHEAVEEAAVSATELLRQMPFAGTVPSPVTE
NEGMVTGNWRIQRPIIDREACTECYTCWIYCPDSCITRTEEGPVFNMKYCKGCGLCTAVCPSGALTNVPELDFKD
;
B,E
3 'polypeptide(L)'
;MLDRIASIKKAPDEEYYVPGHRTCAGCGPALTYRLVAKAAGPNTIFIGPTGCMYVANTSYGCGPWRVPWIHAQITNGGAV
ASGIEAAYKAMIRKKKTDAEFPNIIVMAGDGGAVDIGLQALSAMLYRGHDVLFICYDNESYANTGIQTSPTTPYGANTTF
TPPGEVVPEGKKLFPKDNPKVIAHGHPELKYVATASIGWPVDLMNKVRKGLNQEGPAYIHIHAPCPKGWQFPADKTIEMA
KLAVQTGMFQLYEYENGEYKLSVKVDKRKPVSEYMKLQKRFAHLKPEHIAKMQAFVDARCAEVGITVPVVASNA
;
C,F
#
# COMPACT_ATOMS: atom_id res chain seq x y z
N GLY A 2 10.83 38.74 1.17
CA GLY A 2 11.57 38.66 -0.08
C GLY A 2 10.72 38.91 -1.29
N LYS A 3 11.09 38.30 -2.42
CA LYS A 3 10.35 38.46 -3.65
C LYS A 3 8.91 37.95 -3.51
N VAL A 4 7.96 38.70 -4.06
CA VAL A 4 6.56 38.27 -4.07
C VAL A 4 6.13 37.86 -5.47
N ARG A 5 5.61 36.64 -5.60
CA ARG A 5 5.18 36.12 -6.89
C ARG A 5 3.79 35.51 -6.81
N ASN A 6 3.08 35.52 -7.93
CA ASN A 6 1.79 34.88 -8.03
C ASN A 6 1.96 33.44 -8.48
N ILE A 7 2.06 32.55 -7.49
CA ILE A 7 2.39 31.16 -7.77
C ILE A 7 1.37 30.22 -7.15
N SER A 8 1.27 29.04 -7.74
CA SER A 8 0.43 27.97 -7.22
C SER A 8 0.97 27.44 -5.91
N GLY A 9 0.12 26.74 -5.16
CA GLY A 9 0.57 26.06 -3.97
C GLY A 9 1.66 25.05 -4.28
N CYS A 10 1.60 24.45 -5.47
CA CYS A 10 2.60 23.48 -5.87
C CYS A 10 3.99 24.11 -5.91
N VAL A 11 4.09 25.27 -6.55
CA VAL A 11 5.38 25.95 -6.70
C VAL A 11 5.84 26.53 -5.36
N ALA A 12 4.88 26.94 -4.53
CA ALA A 12 5.19 27.45 -3.20
C ALA A 12 5.88 26.37 -2.36
N VAL A 13 5.30 25.18 -2.36
CA VAL A 13 5.90 24.05 -1.66
C VAL A 13 7.31 23.77 -2.20
N ALA A 14 7.47 23.79 -3.51
CA ALA A 14 8.77 23.50 -4.11
C ALA A 14 9.83 24.50 -3.67
N HIS A 15 9.45 25.77 -3.50
CA HIS A 15 10.39 26.76 -2.99
C HIS A 15 10.76 26.48 -1.54
N GLY A 16 9.80 26.07 -0.75
CA GLY A 16 10.08 25.69 0.63
C GLY A 16 11.06 24.54 0.68
N VAL A 17 10.84 23.54 -0.16
CA VAL A 17 11.75 22.40 -0.26
C VAL A 17 13.14 22.87 -0.71
N ARG A 18 13.18 23.71 -1.74
CA ARG A 18 14.44 24.29 -2.22
C ARG A 18 15.21 25.02 -1.12
N LEU A 19 14.50 25.87 -0.38
CA LEU A 19 15.09 26.62 0.72
C LEU A 19 15.58 25.73 1.84
N ALA A 20 14.90 24.60 2.07
CA ALA A 20 15.31 23.65 3.09
C ALA A 20 16.52 22.83 2.65
N ASP A 21 16.97 23.07 1.43
CA ASP A 21 18.13 22.37 0.86
C ASP A 21 18.05 20.85 1.04
N VAL A 22 16.87 20.30 0.76
CA VAL A 22 16.64 18.87 0.86
C VAL A 22 17.67 18.08 0.05
N ASP A 23 18.05 16.91 0.57
CA ASP A 23 19.12 16.09 -0.02
C ASP A 23 18.60 14.98 -0.92
N VAL A 24 17.48 14.39 -0.53
CA VAL A 24 16.86 13.34 -1.33
C VAL A 24 15.37 13.60 -1.53
N ILE A 25 14.95 13.56 -2.79
CA ILE A 25 13.57 13.71 -3.19
C ILE A 25 13.17 12.46 -3.96
N CYS A 26 12.01 11.91 -3.66
CA CYS A 26 11.53 10.77 -4.45
C CYS A 26 10.18 11.12 -5.08
N SER A 27 10.14 11.02 -6.41
CA SER A 27 8.99 11.49 -7.19
C SER A 27 8.09 10.36 -7.68
N TYR A 28 6.85 10.72 -8.00
CA TYR A 28 5.88 9.86 -8.66
C TYR A 28 4.69 10.74 -9.03
N PRO A 29 4.01 10.46 -10.15
CA PRO A 29 2.93 11.38 -10.53
C PRO A 29 1.52 10.99 -10.05
N ILE A 30 0.81 11.97 -9.50
CA ILE A 30 -0.63 11.85 -9.33
C ILE A 30 -1.24 13.23 -9.11
N ARG A 31 -2.23 13.56 -9.94
CA ARG A 31 -2.95 14.82 -9.82
C ARG A 31 -3.61 14.86 -8.43
N PRO A 32 -3.58 16.02 -7.74
CA PRO A 32 -3.06 17.32 -8.15
C PRO A 32 -1.70 17.72 -7.56
N TYR A 33 -0.98 16.80 -6.91
CA TYR A 33 0.29 17.17 -6.28
C TYR A 33 1.46 17.18 -7.28
N THR A 34 1.25 16.59 -8.45
CA THR A 34 2.34 16.37 -9.41
C THR A 34 3.22 17.60 -9.67
N GLY A 35 2.58 18.76 -9.80
CA GLY A 35 3.28 19.99 -10.08
C GLY A 35 4.39 20.32 -9.09
N ILE A 36 4.27 19.82 -7.86
CA ILE A 36 5.33 20.01 -6.88
C ILE A 36 6.60 19.32 -7.38
N MET A 37 6.44 18.11 -7.89
CA MET A 37 7.59 17.33 -8.35
C MET A 37 8.10 17.79 -9.72
N SER A 38 7.22 18.38 -10.53
CA SER A 38 7.65 18.94 -11.81
C SER A 38 8.57 20.14 -11.59
N GLU A 39 8.19 21.00 -10.63
CA GLU A 39 8.99 22.17 -10.32
C GLU A 39 10.31 21.78 -9.66
N LEU A 40 10.27 20.85 -8.71
CA LEU A 40 11.50 20.35 -8.09
C LEU A 40 12.43 19.73 -9.14
N ALA A 41 11.85 19.00 -10.09
CA ALA A 41 12.66 18.39 -11.14
C ALA A 41 13.34 19.46 -12.01
N ARG A 42 12.63 20.56 -12.28
CA ARG A 42 13.22 21.67 -13.02
C ARG A 42 14.30 22.33 -12.19
N MET A 43 14.01 22.54 -10.92
CA MET A 43 14.97 23.13 -10.00
C MET A 43 16.27 22.34 -9.97
N VAL A 44 16.16 21.02 -9.97
CA VAL A 44 17.34 20.16 -9.96
C VAL A 44 18.10 20.25 -11.29
N ALA A 45 17.37 20.15 -12.40
CA ALA A 45 17.99 20.17 -13.71
C ALA A 45 18.62 21.53 -14.04
N ASP A 46 18.12 22.60 -13.42
CA ASP A 46 18.64 23.94 -13.68
C ASP A 46 19.68 24.38 -12.63
N GLY A 47 19.95 23.49 -11.67
CA GLY A 47 20.97 23.77 -10.67
C GLY A 47 20.56 24.72 -9.57
N GLU A 48 19.26 24.87 -9.34
CA GLU A 48 18.79 25.76 -8.28
C GLU A 48 18.77 25.02 -6.96
N LEU A 49 18.74 23.68 -7.05
CA LEU A 49 18.79 22.82 -5.89
C LEU A 49 19.59 21.58 -6.20
N ASP A 50 20.55 21.24 -5.35
CA ASP A 50 21.33 20.02 -5.53
C ASP A 50 20.72 18.92 -4.68
N ALA A 51 20.10 17.94 -5.33
CA ALA A 51 19.52 16.82 -4.61
C ALA A 51 19.45 15.58 -5.49
N GLU A 52 19.47 14.40 -4.88
CA GLU A 52 19.16 13.19 -5.60
C GLU A 52 17.67 13.21 -5.89
N PHE A 53 17.33 13.12 -7.17
CA PHE A 53 15.93 13.13 -7.58
C PHE A 53 15.58 11.74 -8.09
N VAL A 54 15.00 10.93 -7.20
CA VAL A 54 14.81 9.49 -7.43
C VAL A 54 13.45 9.20 -8.02
N HIS A 55 13.40 8.60 -9.21
CA HIS A 55 12.13 8.25 -9.82
C HIS A 55 11.52 7.02 -9.16
N GLY A 56 10.66 7.22 -8.17
CA GLY A 56 9.96 6.11 -7.55
C GLY A 56 9.06 5.35 -8.52
N GLU A 57 8.90 4.06 -8.27
CA GLU A 57 8.05 3.23 -9.12
C GLU A 57 6.59 3.28 -8.63
N GLY A 58 6.36 4.04 -7.57
CA GLY A 58 5.03 4.15 -6.99
C GLY A 58 5.14 4.77 -5.61
N GLU A 59 4.00 5.03 -4.96
CA GLU A 59 3.98 5.76 -3.70
C GLU A 59 4.52 4.95 -2.50
N HIS A 60 4.26 3.65 -2.49
CA HIS A 60 4.85 2.77 -1.48
C HIS A 60 6.38 2.90 -1.52
N ALA A 61 6.94 2.85 -2.72
CA ALA A 61 8.37 3.04 -2.92
C ALA A 61 8.86 4.42 -2.48
N GLN A 62 8.11 5.47 -2.84
CA GLN A 62 8.51 6.84 -2.49
C GLN A 62 8.79 6.95 -0.99
N LEU A 63 7.84 6.49 -0.20
CA LEU A 63 7.93 6.58 1.25
C LEU A 63 9.05 5.70 1.77
N SER A 64 9.29 4.59 1.07
CA SER A 64 10.33 3.64 1.44
C SER A 64 11.72 4.15 1.11
N VAL A 65 11.85 4.83 -0.03
CA VAL A 65 13.10 5.49 -0.40
C VAL A 65 13.48 6.55 0.63
N VAL A 66 12.55 7.43 1.00
CA VAL A 66 12.91 8.48 1.93
C VAL A 66 13.08 7.95 3.36
N TYR A 67 12.43 6.83 3.68
CA TYR A 67 12.71 6.11 4.93
C TYR A 67 14.19 5.74 5.00
N GLY A 68 14.68 5.09 3.94
CA GLY A 68 16.07 4.71 3.89
C GLY A 68 17.00 5.90 3.88
N ALA A 69 16.66 6.94 3.13
CA ALA A 69 17.52 8.11 3.02
C ALA A 69 17.60 8.87 4.34
N SER A 70 16.48 8.96 5.06
CA SER A 70 16.45 9.63 6.36
C SER A 70 17.33 8.88 7.38
N ALA A 71 17.29 7.55 7.33
CA ALA A 71 18.11 6.74 8.23
C ALA A 71 19.59 6.87 7.92
N ALA A 72 19.93 7.36 6.72
CA ALA A 72 21.32 7.59 6.32
C ALA A 72 21.72 9.04 6.52
N GLY A 73 20.83 9.82 7.13
CA GLY A 73 21.17 11.18 7.48
C GLY A 73 20.79 12.28 6.51
N ALA A 74 20.09 11.94 5.44
CA ALA A 74 19.62 12.95 4.51
C ALA A 74 18.34 13.61 5.00
N ARG A 75 18.19 14.90 4.77
CA ARG A 75 16.88 15.54 4.84
C ARG A 75 16.12 15.13 3.58
N VAL A 76 14.88 14.69 3.74
CA VAL A 76 14.14 14.08 2.63
C VAL A 76 12.78 14.72 2.36
N PHE A 77 12.30 14.56 1.13
CA PHE A 77 10.99 15.06 0.74
C PHE A 77 10.31 14.13 -0.23
N THR A 78 9.01 13.97 -0.07
CA THR A 78 8.21 13.27 -1.04
C THR A 78 6.78 13.76 -0.88
N GLY A 79 5.85 13.19 -1.63
CA GLY A 79 4.48 13.62 -1.54
C GLY A 79 3.55 12.80 -2.39
N SER A 80 2.25 13.02 -2.22
CA SER A 80 1.26 12.34 -3.05
C SER A 80 -0.13 12.93 -2.89
N SER A 81 -1.11 12.17 -3.37
CA SER A 81 -2.50 12.59 -3.39
C SER A 81 -3.35 11.35 -3.43
N GLY A 82 -4.54 11.42 -2.84
CA GLY A 82 -5.56 10.40 -3.06
C GLY A 82 -5.14 8.97 -2.79
N VAL A 83 -5.38 8.08 -3.75
CA VAL A 83 -5.05 6.68 -3.61
C VAL A 83 -3.54 6.45 -3.50
N GLY A 84 -2.75 7.45 -3.88
CA GLY A 84 -1.32 7.39 -3.67
C GLY A 84 -1.00 7.41 -2.17
N VAL A 85 -1.78 8.17 -1.43
CA VAL A 85 -1.60 8.24 0.02
C VAL A 85 -1.93 6.87 0.64
N THR A 86 -2.97 6.22 0.16
CA THR A 86 -3.38 4.95 0.76
C THR A 86 -2.51 3.79 0.26
N TYR A 87 -1.97 3.90 -0.94
CA TYR A 87 -1.04 2.87 -1.42
C TYR A 87 0.24 2.84 -0.57
N ALA A 88 0.66 3.99 -0.06
CA ALA A 88 1.88 4.06 0.74
C ALA A 88 1.63 3.79 2.24
N MET A 89 0.39 3.41 2.58
CA MET A 89 -0.02 3.31 3.99
C MET A 89 0.91 2.47 4.87
N GLU A 90 1.37 1.33 4.34
CA GLU A 90 2.19 0.43 5.13
C GLU A 90 3.44 1.07 5.72
N VAL A 91 4.00 2.06 5.01
CA VAL A 91 5.31 2.60 5.35
C VAL A 91 5.26 3.71 6.42
N TYR A 92 4.09 4.33 6.62
CA TYR A 92 3.99 5.47 7.53
C TYR A 92 4.37 5.11 8.97
N SER A 93 3.95 3.93 9.43
CA SER A 93 4.21 3.54 10.81
C SER A 93 5.70 3.21 11.03
N PRO A 94 6.33 2.45 10.11
CA PRO A 94 7.80 2.30 10.23
C PRO A 94 8.57 3.62 10.30
N ILE A 95 8.12 4.63 9.57
CA ILE A 95 8.84 5.90 9.53
C ILE A 95 8.71 6.62 10.87
N SER A 96 7.48 6.73 11.37
CA SER A 96 7.21 7.31 12.68
C SER A 96 7.92 6.53 13.77
N GLY A 97 7.72 5.22 13.78
CA GLY A 97 8.29 4.40 14.83
C GLY A 97 9.81 4.35 14.88
N GLU A 98 10.46 4.64 13.75
CA GLU A 98 11.92 4.74 13.72
C GLU A 98 12.38 6.17 13.91
N ARG A 99 11.41 7.05 14.20
CA ARG A 99 11.69 8.45 14.53
C ARG A 99 12.50 9.13 13.43
N LEU A 100 12.09 8.90 12.19
CA LEU A 100 12.70 9.54 11.04
C LEU A 100 11.79 10.67 10.55
N PRO A 101 12.28 11.92 10.63
CA PRO A 101 11.48 13.10 10.33
C PRO A 101 11.27 13.35 8.85
N VAL A 102 10.79 12.33 8.14
CA VAL A 102 10.37 12.46 6.75
C VAL A 102 9.29 13.53 6.63
N GLN A 103 9.37 14.40 5.62
CA GLN A 103 8.22 15.26 5.31
C GLN A 103 7.55 14.77 4.04
N MET A 104 6.22 14.60 4.13
CA MET A 104 5.42 14.26 2.98
C MET A 104 4.40 15.38 2.69
N ALA A 105 4.43 15.90 1.48
CA ALA A 105 3.39 16.84 1.04
C ALA A 105 2.16 16.09 0.55
N ILE A 106 0.98 16.50 0.99
CA ILE A 106 -0.23 15.89 0.47
C ILE A 106 -1.15 16.96 -0.12
N ALA A 107 -1.31 16.92 -1.44
CA ALA A 107 -2.30 17.75 -2.11
C ALA A 107 -3.52 16.85 -2.25
N ASP A 108 -4.58 17.12 -1.50
N ASP A 108 -4.55 17.15 -1.47
CA ASP A 108 -5.69 16.16 -1.37
CA ASP A 108 -5.70 16.27 -1.30
C ASP A 108 -6.42 15.83 -2.67
C ASP A 108 -6.35 15.89 -2.61
N ARG A 109 -6.93 14.59 -2.74
N ARG A 109 -6.52 14.58 -2.79
CA ARG A 109 -7.77 14.14 -3.86
CA ARG A 109 -7.31 14.04 -3.88
C ARG A 109 -8.67 13.00 -3.39
C ARG A 109 -8.27 13.03 -3.28
N THR A 110 -9.94 13.05 -3.78
N THR A 110 -9.48 12.97 -3.80
CA THR A 110 -10.91 12.01 -3.45
CA THR A 110 -10.45 11.99 -3.37
C THR A 110 -10.38 10.61 -3.77
C THR A 110 -9.92 10.58 -3.65
N LEU A 111 -10.54 9.69 -2.83
N LEU A 111 -10.38 9.60 -2.87
CA LEU A 111 -10.13 8.30 -3.03
CA LEU A 111 -10.03 8.22 -3.13
C LEU A 111 -11.01 7.63 -4.06
C LEU A 111 -10.84 7.73 -4.34
N ASP A 112 -10.42 6.72 -4.85
N ASP A 112 -10.68 6.47 -4.69
CA ASP A 112 -11.19 5.80 -5.67
CA ASP A 112 -11.50 5.86 -5.73
C ASP A 112 -12.21 5.08 -4.77
C ASP A 112 -12.57 4.98 -5.10
N PRO A 113 -13.33 4.63 -5.34
N PRO A 113 -13.85 5.29 -5.34
CA PRO A 113 -13.78 4.70 -6.72
CA PRO A 113 -14.38 6.48 -6.03
C PRO A 113 -14.90 5.73 -6.89
C PRO A 113 -14.46 7.66 -5.06
N PRO A 114 -15.16 6.14 -8.14
N PRO A 114 -14.70 8.89 -5.56
CA PRO A 114 -14.31 5.78 -9.27
CA PRO A 114 -15.03 9.31 -6.93
C PRO A 114 -13.16 6.76 -9.33
C PRO A 114 -13.84 9.70 -7.81
N GLY A 115 -12.54 6.94 -10.49
N GLY A 115 -12.61 9.38 -7.38
CA GLY A 115 -11.56 7.98 -10.64
CA GLY A 115 -11.48 9.41 -8.29
C GLY A 115 -12.24 9.33 -10.48
C GLY A 115 -10.70 10.70 -8.52
N ASP A 116 -11.63 10.19 -9.65
N ASP A 116 -10.45 10.99 -9.79
CA ASP A 116 -12.12 11.56 -9.45
CA ASP A 116 -9.36 11.88 -10.20
C ASP A 116 -10.97 12.44 -8.95
C ASP A 116 -9.76 13.33 -10.45
N PHE A 117 -10.62 13.46 -9.72
N PHE A 117 -10.87 13.79 -9.90
CA PHE A 117 -9.46 14.31 -9.41
CA PHE A 117 -11.20 15.19 -10.05
C PHE A 117 -9.77 15.37 -8.35
C PHE A 117 -10.64 16.02 -8.91
N GLY A 118 -11.05 15.60 -8.08
N GLY A 118 -11.45 16.26 -7.90
CA GLY A 118 -11.45 16.53 -7.04
CA GLY A 118 -11.11 17.22 -6.87
C GLY A 118 -11.04 16.11 -5.65
C GLY A 118 -10.66 16.63 -5.56
N GLU A 119 -10.86 17.07 -4.77
N GLU A 119 -10.71 17.44 -4.52
CA GLU A 119 -10.32 16.83 -3.42
CA GLU A 119 -10.18 17.05 -3.23
C GLU A 119 -11.35 16.50 -2.35
C GLU A 119 -11.25 16.66 -2.23
N GLU A 120 -10.90 15.70 -1.38
CA GLU A 120 -11.56 15.51 -0.10
C GLU A 120 -10.37 15.42 0.84
N HIS A 121 -10.55 15.65 2.14
CA HIS A 121 -9.44 15.47 3.05
C HIS A 121 -9.35 14.01 3.50
N THR A 122 -10.27 13.19 2.99
CA THR A 122 -10.35 11.78 3.33
C THR A 122 -9.00 11.06 3.23
N ASP A 123 -8.26 11.33 2.16
CA ASP A 123 -7.01 10.62 1.91
C ASP A 123 -6.03 10.80 3.07
N ALA A 124 -5.69 12.06 3.40
CA ALA A 124 -4.73 12.32 4.46
C ALA A 124 -5.28 11.93 5.85
N GLU A 125 -6.60 12.04 6.00
CA GLU A 125 -7.22 11.68 7.27
C GLU A 125 -7.11 10.18 7.56
N CYS A 126 -7.01 9.35 6.54
CA CYS A 126 -6.72 7.93 6.74
C CYS A 126 -5.41 7.71 7.53
N CYS A 127 -4.51 8.70 7.49
CA CYS A 127 -3.21 8.61 8.16
C CYS A 127 -3.18 9.15 9.60
N ARG A 128 -4.35 9.45 10.16
CA ARG A 128 -4.37 10.22 11.40
C ARG A 128 -3.85 9.48 12.63
N ASP A 129 -3.67 8.16 12.54
CA ASP A 129 -3.15 7.37 13.66
C ASP A 129 -1.65 7.08 13.60
N GLN A 130 -0.99 7.46 12.50
CA GLN A 130 0.35 6.95 12.22
C GLN A 130 1.47 7.51 13.10
N GLY A 131 1.18 8.52 13.91
CA GLY A 131 2.21 9.15 14.72
C GLY A 131 3.02 10.18 13.95
N TRP A 132 2.33 11.02 13.19
CA TRP A 132 2.94 12.07 12.40
C TRP A 132 2.43 13.45 12.80
N ILE A 133 3.22 14.48 12.55
CA ILE A 133 2.74 15.86 12.62
C ILE A 133 1.89 16.10 11.35
N GLN A 134 0.77 16.81 11.49
CA GLN A 134 -0.15 16.95 10.36
C GLN A 134 -0.99 18.23 10.45
N GLY A 135 -1.11 18.94 9.33
CA GLY A 135 -1.93 20.14 9.29
C GLY A 135 -2.21 20.60 7.86
N TRP A 136 -3.26 21.40 7.70
CA TRP A 136 -3.68 21.85 6.38
C TRP A 136 -3.35 23.32 6.14
N ALA A 137 -2.65 23.59 5.04
CA ALA A 137 -2.44 24.95 4.58
C ALA A 137 -3.64 25.39 3.74
N SER A 138 -4.08 26.63 3.91
CA SER A 138 -5.26 27.11 3.21
C SER A 138 -4.91 28.11 2.11
N THR A 139 -3.64 28.52 2.06
CA THR A 139 -3.13 29.37 0.98
C THR A 139 -1.76 28.88 0.50
N PRO A 140 -1.35 29.26 -0.71
CA PRO A 140 0.00 28.95 -1.18
C PRO A 140 1.11 29.49 -0.26
N GLN A 141 0.92 30.70 0.25
CA GLN A 141 1.90 31.24 1.21
C GLN A 141 2.10 30.28 2.37
N GLU A 142 1.00 29.87 2.98
CA GLU A 142 1.05 28.99 4.14
C GLU A 142 1.61 27.60 3.77
N ALA A 143 1.40 27.20 2.52
CA ALA A 143 1.94 25.93 2.04
C ALA A 143 3.46 25.96 2.04
N LEU A 144 4.03 27.05 1.56
CA LEU A 144 5.48 27.25 1.68
C LEU A 144 5.91 27.26 3.14
N ASP A 145 5.22 28.09 3.93
CA ASP A 145 5.65 28.34 5.31
C ASP A 145 5.58 27.09 6.18
N ASN A 146 4.50 26.31 6.03
CA ASN A 146 4.37 25.04 6.74
C ASN A 146 5.48 24.06 6.38
N THR A 147 5.93 24.08 5.13
CA THR A 147 7.05 23.26 4.70
C THR A 147 8.27 23.50 5.61
N LEU A 148 8.57 24.77 5.86
CA LEU A 148 9.72 25.13 6.68
C LEU A 148 9.48 24.83 8.15
N ILE A 149 8.31 25.22 8.64
CA ILE A 149 7.97 25.01 10.04
C ILE A 149 8.00 23.53 10.41
N TYR A 150 7.42 22.69 9.56
CA TYR A 150 7.34 21.26 9.86
C TYR A 150 8.71 20.58 9.85
N TYR A 151 9.62 21.02 8.98
CA TYR A 151 10.99 20.50 9.06
C TYR A 151 11.61 20.91 10.40
N ARG A 152 11.42 22.17 10.78
CA ARG A 152 11.94 22.68 12.05
C ARG A 152 11.47 21.86 13.23
N VAL A 153 10.15 21.73 13.35
CA VAL A 153 9.53 21.02 14.46
C VAL A 153 9.84 19.53 14.43
N GLY A 154 9.62 18.91 13.27
CA GLY A 154 9.81 17.47 13.14
C GLY A 154 11.24 17.01 13.34
N GLU A 155 12.20 17.83 12.94
CA GLU A 155 13.60 17.42 13.04
C GLU A 155 14.23 17.80 14.37
N ASP A 156 13.50 18.55 15.18
CA ASP A 156 13.97 18.93 16.51
C ASP A 156 14.27 17.66 17.30
N GLN A 157 15.42 17.61 17.97
CA GLN A 157 15.85 16.39 18.64
C GLN A 157 14.97 15.99 19.82
N ARG A 158 14.04 16.85 20.21
CA ARG A 158 13.02 16.45 21.20
C ARG A 158 11.87 15.70 20.53
N VAL A 159 11.76 15.87 19.21
CA VAL A 159 10.61 15.37 18.46
C VAL A 159 10.97 14.19 17.56
N LEU A 160 11.74 14.44 16.50
CA LEU A 160 12.11 13.42 15.54
C LEU A 160 10.89 12.61 15.10
N LEU A 161 9.95 13.32 14.51
CA LEU A 161 8.74 12.72 13.95
C LEU A 161 8.53 13.21 12.54
N PRO A 162 7.99 12.34 11.68
CA PRO A 162 7.65 12.74 10.31
C PRO A 162 6.47 13.70 10.28
N GLN A 163 6.27 14.40 9.16
CA GLN A 163 5.18 15.36 9.06
C GLN A 163 4.44 15.25 7.74
N TYR A 164 3.11 15.35 7.81
CA TYR A 164 2.26 15.52 6.63
C TYR A 164 1.92 16.99 6.46
N ALA A 165 2.56 17.66 5.50
CA ALA A 165 2.21 19.03 5.16
C ALA A 165 1.09 19.04 4.13
N CYS A 166 -0.15 19.16 4.58
CA CYS A 166 -1.33 19.02 3.72
C CYS A 166 -1.81 20.36 3.16
N LEU A 167 -2.35 20.33 1.95
CA LEU A 167 -2.92 21.50 1.28
C LEU A 167 -4.05 21.06 0.37
N ASP A 168 -5.13 21.84 0.31
CA ASP A 168 -6.29 21.45 -0.51
C ASP A 168 -5.93 21.25 -1.97
N GLY A 169 -6.42 20.14 -2.54
CA GLY A 169 -6.21 19.85 -3.94
C GLY A 169 -6.92 20.84 -4.83
N TYR A 170 -6.21 21.29 -5.86
CA TYR A 170 -6.64 22.36 -6.78
C TYR A 170 -6.78 23.72 -6.10
N PHE A 171 -7.68 23.82 -5.11
CA PHE A 171 -7.96 25.10 -4.46
C PHE A 171 -6.72 25.77 -3.89
N VAL A 172 -5.77 24.99 -3.36
CA VAL A 172 -4.49 25.55 -2.94
C VAL A 172 -3.36 25.15 -3.90
N SER A 173 -3.37 23.89 -4.36
CA SER A 173 -2.29 23.38 -5.19
C SER A 173 -2.16 24.03 -6.58
N HIS A 174 -3.28 24.44 -7.17
CA HIS A 174 -3.25 24.94 -8.55
C HIS A 174 -3.55 26.42 -8.68
N ILE A 175 -4.55 26.88 -7.95
CA ILE A 175 -4.98 28.28 -8.03
C ILE A 175 -3.86 29.19 -7.55
N LEU A 176 -3.49 30.15 -8.40
CA LEU A 176 -2.39 31.05 -8.10
C LEU A 176 -2.73 32.00 -6.97
N GLY A 177 -1.75 32.30 -6.14
CA GLY A 177 -1.91 33.26 -5.07
C GLY A 177 -0.60 33.98 -4.81
N PRO A 178 -0.65 35.14 -4.15
CA PRO A 178 0.56 35.89 -3.82
C PRO A 178 1.38 35.19 -2.76
N VAL A 179 2.69 35.08 -2.96
CA VAL A 179 3.56 34.42 -2.00
C VAL A 179 4.87 35.17 -1.80
N ASP A 180 5.15 35.51 -0.55
CA ASP A 180 6.42 36.09 -0.17
C ASP A 180 7.44 34.97 0.02
N ILE A 181 8.37 34.86 -0.93
CA ILE A 181 9.40 33.83 -0.88
C ILE A 181 10.61 34.25 -0.05
N PRO A 182 10.89 33.52 1.04
CA PRO A 182 12.01 33.85 1.93
C PRO A 182 13.34 33.71 1.22
N ASP A 183 14.38 34.38 1.71
CA ASP A 183 15.71 34.18 1.13
C ASP A 183 16.52 33.22 1.99
N GLU A 184 17.68 32.84 1.49
CA GLU A 184 18.49 31.78 2.09
C GLU A 184 18.93 32.09 3.51
N ALA A 185 19.17 33.37 3.79
CA ALA A 185 19.67 33.79 5.10
C ALA A 185 18.62 33.61 6.18
N GLN A 186 17.36 33.89 5.83
CA GLN A 186 16.26 33.70 6.76
C GLN A 186 16.14 32.23 7.15
N VAL A 187 16.14 31.36 6.14
CA VAL A 187 15.99 29.94 6.36
C VAL A 187 17.14 29.37 7.17
N LYS A 188 18.36 29.82 6.88
CA LYS A 188 19.53 29.34 7.61
C LYS A 188 19.47 29.71 9.08
N GLU A 189 18.80 30.81 9.40
CA GLU A 189 18.64 31.22 10.78
C GLU A 189 17.55 30.40 11.47
N PHE A 190 16.58 29.93 10.68
CA PHE A 190 15.41 29.24 11.21
C PHE A 190 15.57 27.72 11.29
N LEU A 191 16.19 27.14 10.27
CA LEU A 191 16.21 25.70 10.09
C LEU A 191 17.61 25.11 10.19
N PRO A 192 17.96 24.54 11.35
CA PRO A 192 19.26 23.88 11.53
C PRO A 192 19.36 22.63 10.67
N PRO A 193 20.58 22.17 10.38
CA PRO A 193 20.74 20.91 9.63
C PRO A 193 20.15 19.72 10.39
N TYR A 194 19.64 18.76 9.64
CA TYR A 194 19.04 17.56 10.22
C TYR A 194 20.09 16.69 10.91
N LYS A 195 19.83 16.38 12.18
CA LYS A 195 20.68 15.46 12.94
C LYS A 195 19.82 14.56 13.83
N ASN A 196 19.86 13.26 13.55
CA ASN A 196 19.10 12.28 14.31
C ASN A 196 19.98 11.66 15.41
N HIS A 197 19.37 10.80 16.23
CA HIS A 197 20.11 10.07 17.25
C HIS A 197 20.62 8.73 16.75
N HIS A 198 20.09 8.26 15.63
CA HIS A 198 20.67 7.10 14.96
C HIS A 198 20.86 7.37 13.48
N VAL A 199 21.81 6.66 12.88
CA VAL A 199 22.13 6.87 11.48
C VAL A 199 22.91 5.67 10.98
N LEU A 200 22.75 5.32 9.72
CA LEU A 200 23.50 4.21 9.15
C LEU A 200 24.88 4.72 8.73
N ASP A 201 25.90 4.27 9.45
CA ASP A 201 27.27 4.71 9.21
C ASP A 201 28.23 3.63 9.72
N PRO A 202 28.94 2.97 8.79
CA PRO A 202 29.89 1.90 9.14
C PRO A 202 30.95 2.29 10.19
N ARG A 203 31.21 3.58 10.36
CA ARG A 203 32.15 4.04 11.39
C ARG A 203 31.56 3.98 12.79
N LYS A 204 30.23 4.06 12.87
CA LYS A 204 29.53 3.97 14.14
C LYS A 204 28.29 3.09 13.95
N PRO A 205 28.51 1.77 13.91
CA PRO A 205 27.48 0.83 13.47
C PRO A 205 26.33 0.66 14.47
N GLN A 206 25.11 0.78 13.94
CA GLN A 206 23.91 0.61 14.74
C GLN A 206 22.95 -0.35 14.06
N ILE A 207 22.14 -1.01 14.87
CA ILE A 207 21.10 -1.92 14.41
C ILE A 207 19.75 -1.23 14.58
N ILE A 208 19.18 -0.78 13.47
CA ILE A 208 17.97 0.04 13.52
C ILE A 208 16.71 -0.79 13.22
N GLY A 209 15.87 -0.90 14.24
CA GLY A 209 14.66 -1.71 14.20
C GLY A 209 14.73 -3.22 14.44
N PRO A 210 15.41 -3.65 15.51
N PRO A 210 15.32 -3.66 15.56
CA PRO A 210 15.44 -5.08 15.79
CA PRO A 210 15.33 -5.10 15.86
C PRO A 210 14.09 -5.56 16.29
C PRO A 210 13.99 -5.62 16.35
N GLN A 211 13.86 -6.86 16.19
N GLN A 211 13.63 -6.85 15.94
CA GLN A 211 12.71 -7.46 16.85
CA GLN A 211 12.36 -7.47 16.33
C GLN A 211 12.88 -7.29 18.35
C GLN A 211 12.15 -7.53 17.85
N ILE A 212 11.98 -6.57 19.00
N ILE A 212 10.93 -7.29 18.30
CA ILE A 212 12.08 -6.35 20.44
CA ILE A 212 10.61 -7.30 19.73
C ILE A 212 11.32 -7.45 21.17
C ILE A 212 9.59 -8.37 20.11
N GLU A 213 11.67 -7.68 22.43
N GLU A 213 9.54 -8.70 21.39
CA GLU A 213 10.98 -8.70 23.21
CA GLU A 213 8.55 -9.62 21.93
C GLU A 213 9.56 -8.23 23.55
C GLU A 213 7.35 -8.83 22.46
N PRO A 214 8.63 -9.19 23.75
N PRO A 214 6.18 -9.48 22.57
CA PRO A 214 7.23 -8.91 24.06
CA PRO A 214 4.98 -8.81 23.06
C PRO A 214 7.02 -7.84 25.13
C PRO A 214 5.12 -8.16 24.44
N ALA A 215 7.78 -7.92 26.22
N ALA A 215 6.15 -8.52 25.19
CA ALA A 215 7.60 -7.01 27.35
CA ALA A 215 6.36 -7.96 26.52
C ALA A 215 7.94 -5.56 26.99
C ALA A 215 6.91 -6.53 26.45
N MET A 216 8.66 -5.38 25.89
N MET A 216 7.82 -6.29 25.52
CA MET A 216 9.16 -4.06 25.53
CA MET A 216 8.44 -4.97 25.40
C MET A 216 8.25 -3.32 24.55
C MET A 216 7.69 -4.08 24.42
N GLY A 217 7.18 -3.97 24.11
N GLY A 217 6.48 -4.50 24.05
CA GLY A 217 6.17 -3.33 23.28
CA GLY A 217 5.60 -3.71 23.21
C GLY A 217 5.55 -2.10 23.91
C GLY A 217 5.18 -2.38 23.80
N PRO A 218 4.94 -2.25 25.11
N PRO A 218 4.57 -2.40 25.00
CA PRO A 218 4.34 -1.08 25.75
CA PRO A 218 4.11 -1.15 25.63
C PRO A 218 5.32 0.09 26.00
C PRO A 218 5.17 -0.05 25.84
N PRO A 219 6.57 -0.17 26.46
N PRO A 219 6.38 -0.37 26.33
CA PRO A 219 7.48 0.97 26.58
CA PRO A 219 7.30 0.75 26.58
C PRO A 219 7.84 1.65 25.25
C PRO A 219 7.76 1.51 25.33
N LEU A 220 7.93 0.89 24.17
N LEU A 220 7.86 0.82 24.19
CA LEU A 220 8.28 1.47 22.88
CA LEU A 220 8.28 1.49 22.97
C LEU A 220 7.13 2.31 22.35
C LEU A 220 7.13 2.33 22.41
N GLN A 221 5.91 1.85 22.59
CA GLN A 221 4.73 2.60 22.19
C GLN A 221 4.61 3.85 23.03
N TYR A 222 4.82 3.72 24.33
CA TYR A 222 4.68 4.85 25.25
C TYR A 222 5.77 5.90 25.01
N GLN A 223 6.97 5.44 24.67
CA GLN A 223 8.05 6.34 24.34
C GLN A 223 7.68 7.24 23.16
N ARG A 224 7.05 6.66 22.14
CA ARG A 224 6.65 7.45 20.98
C ARG A 224 5.46 8.35 21.31
N TYR A 225 4.54 7.85 22.12
CA TYR A 225 3.43 8.66 22.65
C TYR A 225 3.96 9.93 23.30
N GLN A 226 4.98 9.79 24.15
CA GLN A 226 5.60 10.93 24.82
C GLN A 226 6.18 11.93 23.82
N ALA A 227 6.78 11.43 22.75
CA ALA A 227 7.35 12.29 21.72
C ALA A 227 6.25 13.08 21.03
N VAL A 228 5.16 12.40 20.71
CA VAL A 228 3.97 13.00 20.12
C VAL A 228 3.42 14.10 21.02
N LYS A 229 3.33 13.81 22.33
CA LYS A 229 2.78 14.77 23.28
C LYS A 229 3.69 15.98 23.49
N GLY A 230 4.94 15.88 23.02
CA GLY A 230 5.87 16.98 23.16
C GLY A 230 5.90 17.93 21.97
N VAL A 231 5.18 17.58 20.92
CA VAL A 231 5.22 18.35 19.68
C VAL A 231 4.72 19.80 19.84
N HIS A 232 3.60 19.98 20.53
CA HIS A 232 2.95 21.28 20.62
C HIS A 232 3.88 22.39 21.11
N LYS A 233 4.61 22.12 22.20
CA LYS A 233 5.55 23.09 22.76
C LYS A 233 6.62 23.51 21.73
N VAL A 234 7.10 22.54 20.96
CA VAL A 234 8.09 22.82 19.95
C VAL A 234 7.48 23.60 18.79
N LEU A 235 6.22 23.33 18.48
CA LEU A 235 5.53 24.05 17.41
C LEU A 235 5.27 25.49 17.81
N GLU A 236 4.93 25.71 19.07
CA GLU A 236 4.72 27.06 19.58
C GLU A 236 6.00 27.88 19.43
N GLU A 237 7.13 27.31 19.82
CA GLU A 237 8.43 27.96 19.64
C GLU A 237 8.74 28.23 18.18
N ALA A 238 8.43 27.28 17.31
CA ALA A 238 8.72 27.44 15.89
C ALA A 238 7.90 28.59 15.29
N CYS A 239 6.65 28.72 15.71
CA CYS A 239 5.80 29.79 15.18
C CYS A 239 6.30 31.14 15.67
N ASP A 240 6.75 31.18 16.91
CA ASP A 240 7.34 32.40 17.45
C ASP A 240 8.57 32.82 16.68
N GLU A 241 9.47 31.87 16.42
CA GLU A 241 10.68 32.18 15.66
C GLU A 241 10.36 32.54 14.21
N PHE A 242 9.35 31.90 13.63
CA PHE A 242 8.98 32.18 12.26
C PHE A 242 8.40 33.59 12.14
N ALA A 243 7.73 34.05 13.20
CA ALA A 243 7.22 35.41 13.22
C ALA A 243 8.39 36.40 13.25
N ARG A 244 9.35 36.13 14.13
CA ARG A 244 10.50 37.00 14.30
C ARG A 244 11.37 37.08 13.05
N ILE A 245 11.60 35.93 12.41
CA ILE A 245 12.51 35.86 11.28
C ILE A 245 11.86 36.24 9.94
N PHE A 246 10.65 35.75 9.70
CA PHE A 246 10.02 35.94 8.40
C PHE A 246 8.96 37.03 8.39
N GLY A 247 8.53 37.45 9.58
CA GLY A 247 7.55 38.51 9.69
C GLY A 247 6.11 38.07 9.49
N ARG A 248 5.86 36.77 9.59
CA ARG A 248 4.49 36.25 9.51
C ARG A 248 4.17 35.45 10.74
N LYS A 249 3.11 35.85 11.45
CA LYS A 249 2.76 35.23 12.72
C LYS A 249 1.57 34.28 12.57
N TYR A 250 1.84 33.00 12.75
CA TYR A 250 0.80 31.97 12.72
C TYR A 250 0.43 31.55 14.13
N ASP A 251 -0.87 31.36 14.36
CA ASP A 251 -1.31 30.65 15.55
C ASP A 251 -0.92 29.18 15.39
N PRO A 252 -0.36 28.56 16.43
CA PRO A 252 0.03 27.16 16.31
C PRO A 252 -1.15 26.22 16.09
N TYR A 253 -2.35 26.64 16.50
CA TYR A 253 -3.49 25.72 16.52
C TYR A 253 -4.71 26.19 15.72
N LEU A 254 -5.15 27.42 15.97
CA LEU A 254 -6.42 27.91 15.45
C LEU A 254 -6.30 29.28 14.79
N ASP A 255 -6.74 29.37 13.54
CA ASP A 255 -6.78 30.65 12.84
C ASP A 255 -8.18 31.22 12.97
N GLU A 256 -8.35 32.15 13.92
CA GLU A 256 -9.67 32.65 14.28
C GLU A 256 -10.03 33.97 13.60
N TYR A 257 -11.28 34.07 13.17
CA TYR A 257 -11.75 35.27 12.47
C TYR A 257 -13.12 35.69 13.00
N LEU A 258 -13.18 36.88 13.57
CA LEU A 258 -14.41 37.44 14.14
C LEU A 258 -15.03 36.54 15.23
N THR A 259 -14.19 35.99 16.12
CA THR A 259 -14.69 35.09 17.15
C THR A 259 -14.87 35.77 18.50
N ASP A 260 -14.24 36.94 18.67
CA ASP A 260 -14.31 37.68 19.94
C ASP A 260 -15.73 37.81 20.47
N ASP A 261 -16.65 38.21 19.60
CA ASP A 261 -18.04 38.45 20.00
C ASP A 261 -19.02 37.53 19.27
N ALA A 262 -18.50 36.50 18.63
CA ALA A 262 -19.36 35.59 17.86
C ALA A 262 -20.24 34.75 18.76
N GLU A 263 -21.51 34.59 18.38
CA GLU A 263 -22.41 33.69 19.08
C GLU A 263 -22.27 32.26 18.54
N VAL A 264 -22.06 32.15 17.23
CA VAL A 264 -21.88 30.85 16.59
C VAL A 264 -20.69 30.92 15.64
N ILE A 265 -19.97 29.81 15.50
CA ILE A 265 -18.85 29.75 14.57
C ILE A 265 -18.87 28.48 13.72
N ILE A 266 -18.16 28.52 12.61
CA ILE A 266 -17.88 27.31 11.87
C ILE A 266 -16.40 26.94 12.07
N PHE A 267 -16.19 25.67 12.40
CA PHE A 267 -14.87 25.11 12.66
C PHE A 267 -14.53 24.12 11.55
N GLY A 268 -13.30 24.20 11.05
CA GLY A 268 -12.87 23.30 9.99
C GLY A 268 -11.45 23.62 9.59
N GLN A 269 -11.00 23.08 8.46
CA GLN A 269 -9.61 23.26 8.06
C GLN A 269 -9.48 23.42 6.56
N GLY A 270 -8.40 24.08 6.13
CA GLY A 270 -8.09 24.18 4.71
C GLY A 270 -8.71 25.36 4.00
N ALA A 271 -8.54 25.37 2.68
CA ALA A 271 -8.97 26.46 1.82
C ALA A 271 -10.43 26.87 1.97
N HIS A 272 -11.31 25.92 2.22
CA HIS A 272 -12.73 26.23 2.24
C HIS A 272 -13.08 27.11 3.45
N MET A 273 -12.23 27.11 4.46
CA MET A 273 -12.42 27.97 5.63
C MET A 273 -12.21 29.44 5.28
N GLU A 274 -11.43 29.72 4.23
CA GLU A 274 -11.26 31.10 3.81
C GLU A 274 -12.56 31.58 3.17
N THR A 275 -13.25 30.69 2.45
CA THR A 275 -14.57 31.00 1.92
C THR A 275 -15.52 31.31 3.06
N ALA A 276 -15.45 30.50 4.11
CA ALA A 276 -16.28 30.67 5.30
C ALA A 276 -16.13 32.07 5.89
N LYS A 277 -14.90 32.55 5.92
CA LYS A 277 -14.61 33.89 6.42
C LYS A 277 -15.31 34.97 5.61
N ALA A 278 -15.30 34.80 4.28
CA ALA A 278 -15.93 35.79 3.42
C ALA A 278 -17.44 35.81 3.63
N VAL A 279 -18.02 34.61 3.78
CA VAL A 279 -19.45 34.52 4.07
C VAL A 279 -19.76 35.15 5.42
N ALA A 280 -18.93 34.87 6.42
CA ALA A 280 -19.13 35.45 7.74
C ALA A 280 -19.11 36.97 7.69
N ARG A 281 -18.17 37.54 6.94
CA ARG A 281 -18.04 38.98 6.82
C ARG A 281 -19.32 39.60 6.22
N ARG A 282 -19.86 38.95 5.20
CA ARG A 282 -21.08 39.45 4.58
C ARG A 282 -22.28 39.34 5.53
N LEU A 283 -22.38 38.24 6.26
CA LEU A 283 -23.48 38.05 7.20
C LEU A 283 -23.39 39.04 8.37
N ARG A 284 -22.16 39.45 8.71
CA ARG A 284 -21.96 40.45 9.74
C ARG A 284 -22.63 41.76 9.35
N ASN A 285 -22.61 42.05 8.05
CA ASN A 285 -23.29 43.23 7.53
C ASN A 285 -24.80 43.13 7.72
N LEU A 286 -25.32 41.92 7.79
CA LEU A 286 -26.75 41.72 8.03
C LEU A 286 -27.09 41.80 9.51
N GLY A 287 -26.06 41.83 10.36
CA GLY A 287 -26.25 41.91 11.79
C GLY A 287 -25.93 40.61 12.53
N GLU A 288 -25.55 39.58 11.79
CA GLU A 288 -25.26 38.28 12.39
C GLU A 288 -23.91 38.25 13.07
N LYS A 289 -23.87 37.78 14.31
CA LYS A 289 -22.63 37.64 15.05
C LYS A 289 -22.05 36.26 14.81
N VAL A 290 -21.48 36.07 13.62
CA VAL A 290 -20.92 34.78 13.22
C VAL A 290 -19.41 34.85 13.10
N GLY A 291 -18.76 33.70 13.26
CA GLY A 291 -17.30 33.66 13.22
C GLY A 291 -16.78 32.37 12.63
N VAL A 292 -15.46 32.27 12.54
CA VAL A 292 -14.81 31.13 11.93
C VAL A 292 -13.57 30.76 12.72
N ALA A 293 -13.39 29.46 12.97
CA ALA A 293 -12.16 28.97 13.56
C ALA A 293 -11.54 27.92 12.63
N ARG A 294 -10.42 28.28 12.01
CA ARG A 294 -9.75 27.37 11.11
C ARG A 294 -8.67 26.61 11.84
N LEU A 295 -8.81 25.28 11.90
CA LEU A 295 -7.80 24.42 12.51
C LEU A 295 -6.51 24.34 11.67
N ARG A 296 -5.41 24.82 12.22
CA ARG A 296 -4.13 24.79 11.53
C ARG A 296 -3.35 23.48 11.78
N THR A 297 -3.57 22.87 12.93
CA THR A 297 -2.83 21.68 13.31
C THR A 297 -3.80 20.55 13.64
N PHE A 298 -3.79 19.52 12.81
CA PHE A 298 -4.69 18.38 12.95
C PHE A 298 -4.07 17.30 13.83
N ARG A 299 -2.77 17.06 13.66
CA ARG A 299 -2.03 16.13 14.52
C ARG A 299 -0.70 16.73 15.02
N PRO A 300 -0.41 16.57 16.31
CA PRO A 300 -1.34 15.99 17.29
C PRO A 300 -2.48 16.98 17.62
N PHE A 301 -3.67 16.43 17.81
CA PHE A 301 -4.87 17.23 17.93
C PHE A 301 -4.77 18.18 19.13
N PRO A 302 -5.15 19.45 18.94
CA PRO A 302 -5.09 20.45 20.01
C PRO A 302 -6.30 20.36 20.92
N THR A 303 -6.42 19.25 21.65
CA THR A 303 -7.61 18.98 22.45
C THR A 303 -7.88 20.08 23.49
N GLU A 304 -6.89 20.39 24.31
CA GLU A 304 -7.10 21.29 25.42
C GLU A 304 -7.13 22.74 24.98
N GLN A 305 -6.45 23.04 23.87
CA GLN A 305 -6.47 24.36 23.30
C GLN A 305 -7.85 24.65 22.73
N ILE A 306 -8.44 23.65 22.10
CA ILE A 306 -9.80 23.76 21.58
C ILE A 306 -10.82 23.86 22.70
N LYS A 307 -10.65 23.02 23.72
CA LYS A 307 -11.54 23.05 24.88
C LYS A 307 -11.55 24.43 25.51
N GLU A 308 -10.38 25.03 25.64
CA GLU A 308 -10.26 26.34 26.27
C GLU A 308 -10.79 27.49 25.41
N ARG A 309 -10.43 27.50 24.13
CA ARG A 309 -10.72 28.65 23.27
C ARG A 309 -12.08 28.61 22.55
N LEU A 310 -12.68 27.44 22.43
CA LEU A 310 -13.92 27.33 21.67
C LEU A 310 -15.16 27.02 22.51
N SER A 311 -15.01 27.02 23.83
CA SER A 311 -16.13 26.63 24.69
C SER A 311 -17.08 27.80 24.97
N LYS A 312 -16.83 28.96 24.39
CA LYS A 312 -17.60 30.15 24.73
C LYS A 312 -18.73 30.43 23.73
N PHE A 313 -18.92 29.53 22.78
CA PHE A 313 -19.93 29.72 21.73
C PHE A 313 -21.20 28.95 21.99
N LYS A 314 -22.33 29.50 21.53
CA LYS A 314 -23.61 28.85 21.65
C LYS A 314 -23.74 27.62 20.75
N ALA A 315 -23.17 27.71 19.55
CA ALA A 315 -23.20 26.58 18.62
C ALA A 315 -21.98 26.60 17.73
N ILE A 316 -21.44 25.40 17.48
CA ILE A 316 -20.33 25.24 16.56
C ILE A 316 -20.73 24.28 15.45
N GLY A 317 -20.63 24.74 14.22
CA GLY A 317 -20.84 23.87 13.08
C GLY A 317 -19.49 23.38 12.62
N VAL A 318 -19.32 22.08 12.50
CA VAL A 318 -18.04 21.53 12.11
C VAL A 318 -18.11 21.08 10.66
N LEU A 319 -17.30 21.72 9.82
CA LEU A 319 -17.22 21.29 8.43
C LEU A 319 -16.22 20.15 8.30
N ASP A 320 -16.68 19.05 7.75
CA ASP A 320 -15.80 17.97 7.33
C ASP A 320 -15.85 17.85 5.80
N VAL A 321 -14.76 18.21 5.14
CA VAL A 321 -14.66 18.07 3.69
C VAL A 321 -14.13 16.68 3.41
N SER A 322 -14.93 15.68 3.75
CA SER A 322 -14.49 14.30 3.73
C SER A 322 -15.63 13.33 3.85
N ALA A 323 -15.35 12.07 3.53
CA ALA A 323 -16.30 10.98 3.68
C ALA A 323 -15.72 9.94 4.61
N ASN A 324 -15.79 10.22 5.91
CA ASN A 324 -15.31 9.28 6.91
C ASN A 324 -16.47 8.36 7.26
N PHE A 325 -16.65 7.31 6.46
CA PHE A 325 -17.87 6.52 6.55
C PHE A 325 -18.02 5.78 7.86
N GLY A 326 -19.24 5.79 8.39
CA GLY A 326 -19.61 4.98 9.54
C GLY A 326 -19.17 5.58 10.86
N ILE A 327 -18.57 6.76 10.82
CA ILE A 327 -18.02 7.36 12.02
C ILE A 327 -19.13 7.76 13.00
N SER A 328 -18.80 7.80 14.28
CA SER A 328 -19.71 8.28 15.32
C SER A 328 -20.27 9.65 14.94
N CYS A 329 -21.60 9.77 14.99
CA CYS A 329 -22.35 11.01 14.72
C CYS A 329 -22.53 11.33 13.23
N SER A 330 -21.95 10.49 12.37
CA SER A 330 -22.23 10.53 10.93
C SER A 330 -21.91 11.86 10.25
N GLY A 331 -21.01 12.63 10.85
CA GLY A 331 -20.44 13.78 10.17
C GLY A 331 -19.14 13.32 9.53
N GLY A 332 -18.04 13.94 9.93
CA GLY A 332 -16.71 13.46 9.61
C GLY A 332 -15.84 13.40 10.84
N VAL A 333 -14.53 13.31 10.65
CA VAL A 333 -13.60 13.09 11.76
C VAL A 333 -13.50 14.32 12.68
N LEU A 334 -13.53 15.52 12.09
CA LEU A 334 -13.41 16.74 12.88
C LEU A 334 -14.57 16.90 13.88
N LEU A 335 -15.78 16.53 13.48
CA LEU A 335 -16.92 16.61 14.41
C LEU A 335 -16.71 15.70 15.62
N SER A 336 -16.24 14.49 15.37
CA SER A 336 -16.05 13.52 16.46
C SER A 336 -14.98 13.99 17.43
N GLU A 337 -13.90 14.53 16.88
CA GLU A 337 -12.76 14.92 17.71
C GLU A 337 -12.97 16.26 18.40
N LEU A 338 -13.74 17.14 17.77
CA LEU A 338 -14.09 18.41 18.42
C LEU A 338 -15.06 18.13 19.58
N ARG A 339 -16.03 17.26 19.35
CA ARG A 339 -16.97 16.90 20.39
C ARG A 339 -16.24 16.23 21.54
N ALA A 340 -15.27 15.38 21.23
CA ALA A 340 -14.49 14.72 22.27
C ALA A 340 -13.74 15.75 23.12
N ALA A 341 -13.20 16.77 22.48
CA ALA A 341 -12.45 17.81 23.18
C ALA A 341 -13.36 18.69 24.05
N LEU A 342 -14.56 18.95 23.55
CA LEU A 342 -15.52 19.83 24.23
C LEU A 342 -16.55 19.09 25.07
N TYR A 343 -16.32 17.79 25.27
CA TYR A 343 -17.24 16.91 25.97
C TYR A 343 -17.78 17.48 27.29
N ASP A 344 -16.92 18.11 28.08
CA ASP A 344 -17.33 18.65 29.38
C ASP A 344 -18.42 19.72 29.25
N TYR A 345 -18.45 20.39 28.10
CA TYR A 345 -19.38 21.50 27.87
C TYR A 345 -20.56 21.11 26.98
N GLY A 346 -20.79 19.82 26.84
CA GLY A 346 -21.76 19.30 25.89
C GLY A 346 -23.20 19.69 26.12
N ASP A 347 -23.53 20.07 27.36
CA ASP A 347 -24.88 20.51 27.65
C ASP A 347 -25.09 21.95 27.20
N LYS A 348 -24.01 22.72 27.12
CA LYS A 348 -24.10 24.15 26.83
C LYS A 348 -23.66 24.54 25.42
N VAL A 349 -22.65 23.86 24.90
CA VAL A 349 -22.08 24.20 23.60
C VAL A 349 -22.62 23.25 22.54
N LYS A 350 -23.63 23.72 21.81
CA LYS A 350 -24.23 22.88 20.79
C LYS A 350 -23.25 22.64 19.64
N THR A 351 -23.20 21.41 19.13
CA THR A 351 -22.34 21.10 18.00
C THR A 351 -23.12 20.32 16.97
N VAL A 352 -22.80 20.57 15.70
CA VAL A 352 -23.41 19.84 14.61
C VAL A 352 -22.38 19.75 13.50
N GLY A 353 -22.49 18.71 12.68
CA GLY A 353 -21.55 18.51 11.59
C GLY A 353 -22.13 18.79 10.22
N PHE A 354 -21.36 19.49 9.40
CA PHE A 354 -21.72 19.72 8.01
C PHE A 354 -20.70 19.01 7.13
N VAL A 355 -21.16 18.06 6.33
CA VAL A 355 -20.31 17.40 5.35
C VAL A 355 -20.54 18.04 3.99
N ALA A 356 -19.50 18.61 3.40
CA ALA A 356 -19.61 19.24 2.08
C ALA A 356 -18.29 19.19 1.34
N GLY A 357 -18.27 19.70 0.11
CA GLY A 357 -17.07 19.63 -0.71
C GLY A 357 -16.76 18.22 -1.16
N LEU A 358 -17.76 17.34 -1.09
CA LEU A 358 -17.61 15.94 -1.49
C LEU A 358 -17.13 15.83 -2.93
N GLY A 359 -16.17 14.94 -3.16
CA GLY A 359 -15.66 14.71 -4.50
C GLY A 359 -14.98 15.91 -5.15
N GLY A 360 -14.62 16.92 -4.36
CA GLY A 360 -13.97 18.10 -4.91
C GLY A 360 -14.91 19.21 -5.31
N GLU A 361 -16.21 19.03 -5.07
CA GLU A 361 -17.17 20.09 -5.36
C GLU A 361 -16.83 21.30 -4.50
N VAL A 362 -17.08 22.49 -5.03
CA VAL A 362 -16.85 23.72 -4.28
C VAL A 362 -17.80 23.79 -3.10
N VAL A 363 -17.31 24.24 -1.94
CA VAL A 363 -18.22 24.55 -0.83
C VAL A 363 -18.62 26.01 -1.00
N THR A 364 -19.82 26.21 -1.55
CA THR A 364 -20.19 27.53 -2.06
C THR A 364 -20.51 28.52 -0.95
N HIS A 365 -20.50 29.81 -1.31
CA HIS A 365 -20.93 30.85 -0.38
C HIS A 365 -22.35 30.54 0.11
N ASP A 366 -23.20 30.11 -0.82
CA ASP A 366 -24.58 29.81 -0.49
C ASP A 366 -24.68 28.63 0.48
N GLU A 367 -23.83 27.62 0.29
CA GLU A 367 -23.82 26.49 1.23
C GLU A 367 -23.36 26.93 2.63
N PHE A 368 -22.37 27.80 2.70
CA PHE A 368 -21.94 28.34 3.99
C PHE A 368 -23.03 29.21 4.61
N TYR A 369 -23.73 29.96 3.77
CA TYR A 369 -24.91 30.70 4.18
C TYR A 369 -25.89 29.78 4.90
N ARG A 370 -26.21 28.65 4.27
CA ARG A 370 -27.17 27.71 4.85
C ARG A 370 -26.67 27.05 6.13
N MET A 371 -25.37 26.79 6.24
CA MET A 371 -24.80 26.28 7.49
C MET A 371 -24.96 27.30 8.61
N PHE A 372 -24.62 28.56 8.32
CA PHE A 372 -24.70 29.60 9.34
C PHE A 372 -26.14 29.81 9.77
N GLN A 373 -27.07 29.73 8.82
CA GLN A 373 -28.48 29.87 9.15
C GLN A 373 -28.93 28.76 10.09
N LYS A 374 -28.43 27.55 9.86
CA LYS A 374 -28.75 26.41 10.72
C LYS A 374 -28.19 26.61 12.13
N LEU A 375 -26.99 27.15 12.23
CA LEU A 375 -26.36 27.38 13.52
C LEU A 375 -27.11 28.46 14.31
N LYS A 376 -27.61 29.48 13.60
CA LYS A 376 -28.41 30.53 14.22
C LYS A 376 -29.66 29.94 14.87
N GLU A 377 -30.29 29.00 14.16
CA GLU A 377 -31.49 28.34 14.68
C GLU A 377 -31.18 27.50 15.91
N ILE A 378 -30.06 26.78 15.84
CA ILE A 378 -29.62 25.93 16.93
C ILE A 378 -29.31 26.78 18.17
N ALA A 379 -28.66 27.91 17.94
CA ALA A 379 -28.37 28.84 19.03
C ALA A 379 -29.65 29.36 19.67
N LYS A 380 -30.67 29.62 18.84
CA LYS A 380 -31.95 30.14 19.33
C LYS A 380 -32.77 29.07 20.06
N THR A 381 -32.80 27.87 19.51
CA THR A 381 -33.63 26.79 20.04
C THR A 381 -32.93 25.98 21.13
N GLY A 382 -31.60 25.93 21.07
CA GLY A 382 -30.85 25.06 21.94
C GLY A 382 -31.01 23.60 21.56
N LYS A 383 -31.53 23.34 20.36
CA LYS A 383 -31.75 21.97 19.91
C LYS A 383 -30.91 21.59 18.69
N VAL A 384 -30.29 20.42 18.76
CA VAL A 384 -29.71 19.79 17.58
C VAL A 384 -30.59 18.60 17.24
N GLU A 385 -31.21 18.62 16.06
CA GLU A 385 -32.19 17.59 15.71
C GLU A 385 -31.57 16.35 15.08
N GLN A 386 -30.55 16.55 14.25
CA GLN A 386 -29.70 15.45 13.80
C GLN A 386 -28.27 15.95 13.85
N THR A 387 -27.34 15.05 14.18
CA THR A 387 -25.96 15.46 14.50
C THR A 387 -25.13 15.86 13.27
N SER A 388 -25.62 15.57 12.07
CA SER A 388 -24.89 15.93 10.87
C SER A 388 -25.82 16.19 9.70
N TYR A 389 -25.40 17.07 8.80
CA TYR A 389 -26.10 17.32 7.54
C TYR A 389 -25.14 17.14 6.37
N TRP A 390 -25.50 16.25 5.45
CA TRP A 390 -24.73 16.08 4.22
C TRP A 390 -25.27 17.00 3.13
N ILE A 391 -24.47 18.01 2.82
CA ILE A 391 -24.81 19.06 1.87
C ILE A 391 -24.42 18.62 0.46
N PRO A 392 -25.27 18.93 -0.54
CA PRO A 392 -26.51 19.70 -0.49
C PRO A 392 -27.80 18.89 -0.38
N PHE A 393 -27.68 17.62 -0.02
CA PHE A 393 -28.84 16.74 0.00
C PHE A 393 -29.75 16.98 1.20
N GLU A 394 -29.16 17.39 2.32
CA GLU A 394 -29.89 17.42 3.57
C GLU A 394 -30.05 18.83 4.14
N LEU A 395 -29.27 19.76 3.59
CA LEU A 395 -29.30 21.15 4.05
C LEU A 395 -28.79 22.09 2.97
N THR B 3 -29.21 33.72 -2.82
CA THR B 3 -28.28 34.56 -2.08
C THR B 3 -27.23 35.17 -3.01
N LYS B 4 -27.51 35.18 -4.30
CA LYS B 4 -26.54 35.67 -5.28
C LYS B 4 -26.21 37.14 -5.05
N ASP B 5 -27.20 37.92 -4.63
CA ASP B 5 -26.98 39.36 -4.43
C ASP B 5 -26.13 39.63 -3.21
N LEU B 6 -26.34 38.87 -2.14
CA LEU B 6 -25.57 39.03 -0.92
C LEU B 6 -24.07 38.84 -1.17
N PHE B 7 -23.73 37.96 -2.12
CA PHE B 7 -22.33 37.67 -2.42
C PHE B 7 -21.88 38.27 -3.74
N ALA B 8 -22.60 39.28 -4.19
CA ALA B 8 -22.27 39.95 -5.45
C ALA B 8 -20.95 40.70 -5.33
N GLU B 9 -20.17 40.67 -6.41
CA GLU B 9 -18.93 41.45 -6.47
C GLU B 9 -19.03 42.42 -7.64
N PRO B 10 -19.64 43.59 -7.40
CA PRO B 10 -20.01 44.56 -8.43
C PRO B 10 -18.83 45.03 -9.28
N ASN B 11 -17.66 45.14 -8.65
CA ASN B 11 -16.47 45.62 -9.35
C ASN B 11 -15.65 44.51 -10.02
N LEU B 12 -16.24 43.33 -10.17
CA LEU B 12 -15.46 42.19 -10.67
C LEU B 12 -15.80 41.86 -12.13
N LYS B 13 -14.76 41.69 -12.94
CA LYS B 13 -14.93 41.33 -14.33
C LYS B 13 -14.43 39.91 -14.61
N GLN B 14 -15.16 39.17 -15.44
CA GLN B 14 -14.81 37.78 -15.70
C GLN B 14 -14.40 37.56 -17.13
N ILE B 15 -13.19 37.01 -17.31
CA ILE B 15 -12.72 36.64 -18.63
C ILE B 15 -12.69 35.13 -18.79
N THR B 16 -13.31 34.65 -19.86
CA THR B 16 -13.24 33.25 -20.21
C THR B 16 -12.56 33.09 -21.56
N VAL B 17 -11.44 32.36 -21.57
CA VAL B 17 -10.71 32.11 -22.81
C VAL B 17 -10.89 30.66 -23.24
N TRP B 18 -11.45 30.46 -24.44
CA TRP B 18 -11.58 29.14 -25.05
C TRP B 18 -10.44 28.89 -26.03
N ALA B 19 -9.97 27.63 -26.08
CA ALA B 19 -8.91 27.25 -27.00
C ALA B 19 -9.01 25.77 -27.36
N ARG B 20 -8.09 25.31 -28.19
CA ARG B 20 -7.97 23.89 -28.54
C ARG B 20 -6.93 23.24 -27.65
N GLY B 21 -7.30 22.16 -26.98
CA GLY B 21 -6.38 21.47 -26.09
C GLY B 21 -5.08 21.10 -26.76
N VAL B 22 -4.01 21.12 -25.97
CA VAL B 22 -2.65 20.73 -26.36
C VAL B 22 -1.99 21.68 -27.37
N VAL B 23 -2.69 22.02 -28.44
CA VAL B 23 -2.07 22.84 -29.48
C VAL B 23 -2.15 24.33 -29.16
N MET B 24 -3.09 24.71 -28.28
CA MET B 24 -3.27 26.11 -27.93
C MET B 24 -3.49 26.36 -26.43
N ASN B 25 -3.31 25.34 -25.60
CA ASN B 25 -3.58 25.48 -24.17
C ASN B 25 -2.59 26.41 -23.47
N LYS B 26 -1.34 26.36 -23.92
CA LYS B 26 -0.29 27.19 -23.35
C LYS B 26 -0.57 28.68 -23.60
N ASP B 27 -1.02 29.03 -24.79
CA ASP B 27 -1.27 30.43 -25.11
C ASP B 27 -2.50 30.98 -24.40
N ALA B 28 -3.53 30.14 -24.26
CA ALA B 28 -4.72 30.52 -23.51
C ALA B 28 -4.34 30.86 -22.07
N ARG B 29 -3.47 30.04 -21.49
CA ARG B 29 -2.99 30.24 -20.13
C ARG B 29 -2.19 31.52 -20.03
N ASP B 30 -1.38 31.79 -21.05
CA ASP B 30 -0.54 32.97 -21.07
C ASP B 30 -1.36 34.26 -21.16
N ILE B 31 -2.42 34.26 -21.98
CA ILE B 31 -3.33 35.41 -22.02
C ILE B 31 -3.85 35.67 -20.62
N VAL B 32 -4.24 34.58 -19.98
CA VAL B 32 -4.80 34.63 -18.64
C VAL B 32 -3.72 35.08 -17.63
N VAL B 33 -2.51 34.57 -17.76
CA VAL B 33 -1.42 34.98 -16.88
C VAL B 33 -1.00 36.42 -17.17
N ALA B 34 -1.00 36.80 -18.45
CA ALA B 34 -0.52 38.13 -18.84
C ALA B 34 -1.33 39.27 -18.21
N LEU B 35 -2.64 39.30 -18.45
CA LEU B 35 -3.46 40.44 -18.02
C LEU B 35 -3.63 40.55 -16.51
N THR B 36 -3.47 39.43 -15.79
CA THR B 36 -3.47 39.50 -14.32
C THR B 36 -2.14 39.99 -13.78
N GLU B 37 -1.05 39.59 -14.43
CA GLU B 37 0.26 40.13 -14.08
C GLU B 37 0.28 41.62 -14.37
N ALA B 38 -0.40 42.04 -15.43
CA ALA B 38 -0.47 43.46 -15.82
C ALA B 38 -1.32 44.27 -14.85
N ALA B 39 -2.50 43.74 -14.50
CA ALA B 39 -3.40 44.42 -13.59
C ALA B 39 -2.81 44.54 -12.19
N ALA B 40 -2.04 43.52 -11.79
CA ALA B 40 -1.43 43.49 -10.46
C ALA B 40 -0.37 44.57 -10.33
N LYS B 41 0.20 44.98 -11.46
CA LYS B 41 1.13 46.10 -11.49
C LYS B 41 0.40 47.41 -11.23
N GLU B 42 -0.92 47.36 -11.29
CA GLU B 42 -1.75 48.53 -11.03
C GLU B 42 -2.53 48.37 -9.72
N GLY B 43 -2.02 47.49 -8.84
CA GLY B 43 -2.57 47.34 -7.51
C GLY B 43 -3.90 46.60 -7.45
N LYS B 44 -4.34 46.05 -8.57
CA LYS B 44 -5.58 45.27 -8.59
C LYS B 44 -5.39 43.88 -7.97
N TYR B 45 -6.49 43.29 -7.51
CA TYR B 45 -6.49 41.92 -7.03
C TYR B 45 -6.75 41.00 -8.22
N VAL B 46 -5.96 39.93 -8.33
CA VAL B 46 -6.00 39.07 -9.51
C VAL B 46 -5.96 37.58 -9.17
N GLN B 47 -6.51 36.78 -10.07
CA GLN B 47 -6.37 35.33 -9.98
C GLN B 47 -6.36 34.72 -11.38
N ALA B 48 -5.34 33.91 -11.65
CA ALA B 48 -5.25 33.19 -12.90
C ALA B 48 -5.34 31.71 -12.63
N TRP B 49 -6.15 31.02 -13.43
CA TRP B 49 -6.16 29.57 -13.35
C TRP B 49 -6.61 28.96 -14.68
N GLU B 50 -6.35 27.66 -14.81
CA GLU B 50 -6.80 26.90 -15.97
C GLU B 50 -8.01 26.09 -15.54
N ASN B 51 -8.96 25.86 -16.43
CA ASN B 51 -10.08 25.01 -16.05
C ASN B 51 -9.54 23.62 -15.71
N TYR B 52 -9.67 23.27 -14.44
CA TYR B 52 -9.13 22.04 -13.89
C TYR B 52 -9.91 20.85 -14.41
N VAL B 53 -11.21 21.04 -14.64
CA VAL B 53 -12.05 19.95 -15.12
C VAL B 53 -11.73 19.61 -16.57
N ASP B 54 -11.17 20.57 -17.30
CA ASP B 54 -10.71 20.35 -18.67
C ASP B 54 -9.41 19.58 -18.71
N LEU B 55 -8.81 19.33 -17.54
CA LEU B 55 -7.54 18.61 -17.46
C LEU B 55 -7.75 17.10 -17.25
N PRO B 56 -6.86 16.27 -17.82
CA PRO B 56 -5.80 16.72 -18.73
C PRO B 56 -6.38 17.19 -20.06
N ASP B 57 -5.74 18.17 -20.68
CA ASP B 57 -6.19 18.63 -21.98
C ASP B 57 -5.94 17.55 -23.03
N ARG B 58 -6.81 17.47 -24.02
CA ARG B 58 -6.66 16.53 -25.12
C ARG B 58 -6.58 17.32 -26.41
N ILE B 59 -5.89 16.77 -27.41
CA ILE B 59 -5.72 17.49 -28.68
C ILE B 59 -7.05 17.81 -29.35
N TYR B 60 -7.32 19.12 -29.47
CA TYR B 60 -8.50 19.73 -30.12
C TYR B 60 -9.78 19.80 -29.28
N VAL B 61 -9.82 19.15 -28.11
CA VAL B 61 -11.01 19.29 -27.27
C VAL B 61 -11.10 20.75 -26.84
N PRO B 62 -12.32 21.30 -26.77
CA PRO B 62 -12.36 22.68 -26.26
C PRO B 62 -11.92 22.76 -24.80
N VAL B 63 -10.95 23.61 -24.51
CA VAL B 63 -10.51 23.83 -23.14
C VAL B 63 -10.63 25.30 -22.79
N ARG B 64 -10.48 25.61 -21.51
CA ARG B 64 -10.69 26.98 -21.06
C ARG B 64 -9.63 27.47 -20.10
N ALA B 65 -9.37 28.77 -20.16
CA ALA B 65 -8.61 29.46 -19.14
C ALA B 65 -9.42 30.69 -18.71
N TYR B 66 -9.24 31.12 -17.47
CA TYR B 66 -10.08 32.19 -16.94
C TYR B 66 -9.32 33.34 -16.30
N ALA B 67 -9.94 34.53 -16.33
CA ALA B 67 -9.41 35.68 -15.61
C ALA B 67 -10.42 36.34 -14.67
N ARG B 68 -9.94 36.69 -13.48
CA ARG B 68 -10.65 37.57 -12.54
C ARG B 68 -9.71 38.66 -12.01
N ILE B 69 -9.96 39.90 -12.43
CA ILE B 69 -9.19 41.05 -11.96
C ILE B 69 -10.12 41.98 -11.17
N SER B 70 -9.61 42.48 -10.05
CA SER B 70 -10.47 43.17 -9.10
C SER B 70 -9.76 44.28 -8.32
N SER B 71 -10.47 45.39 -8.12
CA SER B 71 -10.00 46.47 -7.26
C SER B 71 -10.26 46.14 -5.80
N ASP B 72 -11.42 45.53 -5.54
CA ASP B 72 -11.75 44.99 -4.23
C ASP B 72 -11.26 43.55 -4.17
N PRO B 73 -10.72 43.13 -3.02
CA PRO B 73 -10.23 41.75 -2.86
C PRO B 73 -11.22 40.72 -3.42
N ILE B 74 -10.71 39.73 -4.14
CA ILE B 74 -11.55 38.70 -4.75
C ILE B 74 -12.07 37.75 -3.67
N GLU B 75 -13.39 37.57 -3.62
CA GLU B 75 -13.99 36.68 -2.63
C GLU B 75 -14.49 35.39 -3.25
N SER B 76 -14.31 35.25 -4.56
CA SER B 76 -14.75 34.08 -5.30
C SER B 76 -13.55 33.36 -5.93
N LYS B 77 -12.53 33.12 -5.12
CA LYS B 77 -11.29 32.52 -5.58
C LYS B 77 -11.41 31.01 -5.81
N TYR B 78 -11.96 30.31 -4.82
CA TYR B 78 -11.94 28.86 -4.80
C TYR B 78 -13.14 28.29 -5.56
N ILE B 79 -13.12 28.54 -6.85
CA ILE B 79 -14.20 28.14 -7.75
C ILE B 79 -13.53 27.44 -8.92
N TYR B 80 -14.28 26.79 -9.78
CA TYR B 80 -13.68 26.12 -10.93
C TYR B 80 -13.78 26.97 -12.19
N GLU B 81 -14.93 27.60 -12.40
CA GLU B 81 -15.08 28.39 -13.61
C GLU B 81 -15.82 29.70 -13.41
N ASN B 82 -15.55 30.66 -14.29
CA ASN B 82 -16.36 31.87 -14.39
C ASN B 82 -17.73 31.51 -14.92
N GLU B 83 -18.77 31.78 -14.14
CA GLU B 83 -20.13 31.45 -14.56
C GLU B 83 -20.77 32.54 -15.41
N THR B 84 -20.32 33.79 -15.23
CA THR B 84 -20.93 34.92 -15.94
C THR B 84 -19.87 35.84 -16.54
N PRO B 85 -19.31 35.45 -17.70
CA PRO B 85 -18.16 36.15 -18.30
C PRO B 85 -18.49 37.55 -18.84
N ASP B 86 -17.51 38.46 -18.74
CA ASP B 86 -17.61 39.79 -19.33
C ASP B 86 -16.74 39.90 -20.58
N ILE B 87 -15.74 39.04 -20.67
CA ILE B 87 -14.89 38.97 -21.84
C ILE B 87 -14.70 37.50 -22.23
N VAL B 88 -15.16 37.16 -23.43
CA VAL B 88 -14.96 35.81 -23.98
C VAL B 88 -13.95 35.85 -25.12
N VAL B 89 -12.89 35.07 -25.00
CA VAL B 89 -11.83 35.04 -26.00
C VAL B 89 -11.75 33.67 -26.67
N LEU B 90 -11.66 33.65 -28.00
CA LEU B 90 -11.50 32.39 -28.72
C LEU B 90 -10.14 32.32 -29.40
N VAL B 91 -9.24 31.49 -28.88
CA VAL B 91 -7.93 31.31 -29.47
C VAL B 91 -8.04 30.64 -30.84
N GLU B 92 -9.12 29.90 -31.06
CA GLU B 92 -9.35 29.28 -32.36
C GLU B 92 -10.78 29.53 -32.82
N GLU B 93 -10.96 29.69 -34.12
CA GLU B 93 -12.20 30.24 -34.67
C GLU B 93 -13.36 29.26 -34.77
N SER B 94 -13.06 27.98 -34.94
CA SER B 94 -14.08 26.96 -35.15
C SER B 94 -14.91 26.71 -33.88
N LEU B 95 -14.42 27.28 -32.78
CA LEU B 95 -15.07 27.16 -31.49
C LEU B 95 -16.43 27.84 -31.46
N ILE B 96 -16.77 28.59 -32.52
CA ILE B 96 -18.10 29.20 -32.63
C ILE B 96 -19.12 28.18 -33.09
N LYS B 97 -18.66 26.94 -33.26
CA LYS B 97 -19.57 25.86 -33.65
C LYS B 97 -19.62 24.77 -32.56
N GLY B 98 -20.83 24.50 -32.06
CA GLY B 98 -21.08 23.36 -31.18
C GLY B 98 -20.58 23.48 -29.75
N VAL B 99 -20.21 24.69 -29.35
CA VAL B 99 -19.65 24.96 -28.03
C VAL B 99 -20.39 26.13 -27.35
N PRO B 100 -20.77 25.97 -26.07
CA PRO B 100 -21.53 27.03 -25.39
C PRO B 100 -20.67 28.21 -24.94
N ILE B 101 -20.03 28.91 -25.87
CA ILE B 101 -19.06 29.95 -25.52
C ILE B 101 -19.68 31.25 -25.02
N LEU B 102 -20.99 31.38 -25.11
CA LEU B 102 -21.68 32.59 -24.64
C LEU B 102 -22.61 32.35 -23.46
N LYS B 103 -22.52 31.17 -22.86
CA LYS B 103 -23.35 30.86 -21.70
C LYS B 103 -23.07 31.80 -20.53
N GLY B 104 -24.09 32.55 -20.11
CA GLY B 104 -24.01 33.36 -18.91
C GLY B 104 -23.31 34.70 -19.03
N ILE B 105 -22.95 35.11 -20.26
CA ILE B 105 -22.25 36.38 -20.43
C ILE B 105 -23.08 37.55 -19.91
N ARG B 106 -22.39 38.57 -19.38
CA ARG B 106 -23.06 39.70 -18.76
C ARG B 106 -23.13 40.90 -19.72
N PRO B 107 -24.18 41.73 -19.58
CA PRO B 107 -24.38 42.88 -20.46
C PRO B 107 -23.13 43.74 -20.61
N GLY B 108 -22.86 44.19 -21.83
CA GLY B 108 -21.66 44.98 -22.12
C GLY B 108 -20.41 44.13 -22.28
N SER B 109 -20.60 42.88 -22.69
CA SER B 109 -19.46 41.95 -22.82
C SER B 109 -18.76 42.04 -24.18
N THR B 110 -17.53 41.55 -24.23
CA THR B 110 -16.71 41.58 -25.44
C THR B 110 -16.26 40.18 -25.86
N LEU B 111 -16.40 39.88 -27.14
CA LEU B 111 -15.94 38.62 -27.73
C LEU B 111 -14.75 38.84 -28.65
N VAL B 112 -13.57 38.37 -28.25
CA VAL B 112 -12.36 38.51 -29.06
C VAL B 112 -12.06 37.19 -29.78
N VAL B 113 -11.82 37.27 -31.09
CA VAL B 113 -11.64 36.07 -31.90
C VAL B 113 -10.32 36.05 -32.68
N ASN B 114 -9.51 35.01 -32.49
CA ASN B 114 -8.30 34.82 -33.29
C ASN B 114 -8.66 34.26 -34.67
N THR B 115 -8.73 35.15 -35.65
CA THR B 115 -9.23 34.77 -36.96
C THR B 115 -8.74 35.71 -38.04
N LYS B 116 -8.69 35.22 -39.28
CA LYS B 116 -8.35 36.03 -40.43
C LYS B 116 -9.61 36.33 -41.24
N ARG B 117 -10.75 35.84 -40.78
CA ARG B 117 -12.02 36.00 -41.49
C ARG B 117 -12.75 37.26 -41.01
N SER B 118 -13.70 37.73 -41.82
CA SER B 118 -14.41 38.96 -41.53
C SER B 118 -15.28 38.85 -40.28
N ILE B 119 -15.59 40.00 -39.70
CA ILE B 119 -16.47 40.08 -38.54
C ILE B 119 -17.87 39.59 -38.88
N ASP B 120 -18.34 39.93 -40.08
CA ASP B 120 -19.65 39.48 -40.54
C ASP B 120 -19.78 37.97 -40.51
N THR B 121 -18.79 37.29 -41.10
CA THR B 121 -18.77 35.83 -41.20
C THR B 121 -18.90 35.15 -39.84
N ILE B 122 -18.10 35.58 -38.88
CA ILE B 122 -18.18 35.05 -37.52
C ILE B 122 -19.58 35.21 -36.95
N LEU B 123 -20.17 36.38 -37.17
CA LEU B 123 -21.52 36.66 -36.67
C LEU B 123 -22.55 35.76 -37.37
N GLU B 124 -22.25 35.33 -38.59
CA GLU B 124 -23.13 34.42 -39.32
C GLU B 124 -23.27 33.09 -38.60
N PHE B 125 -22.20 32.68 -37.91
CA PHE B 125 -22.19 31.40 -37.19
C PHE B 125 -22.78 31.52 -35.79
N LEU B 126 -22.50 32.63 -35.13
CA LEU B 126 -22.86 32.79 -33.72
C LEU B 126 -24.37 32.81 -33.47
N GLY B 127 -25.12 33.43 -34.37
CA GLY B 127 -26.56 33.58 -34.17
C GLY B 127 -26.84 34.70 -33.20
N ASP B 128 -27.78 34.46 -32.29
CA ASP B 128 -28.10 35.43 -31.24
C ASP B 128 -26.90 35.63 -30.31
N THR B 129 -26.41 36.86 -30.25
CA THR B 129 -25.25 37.16 -29.41
C THR B 129 -25.64 37.67 -28.02
N GLY B 130 -26.94 37.73 -27.77
CA GLY B 130 -27.45 38.15 -26.48
C GLY B 130 -26.89 39.47 -25.95
N ASN B 131 -26.36 39.42 -24.74
CA ASN B 131 -25.86 40.63 -24.07
C ASN B 131 -24.45 41.03 -24.50
N LEU B 132 -23.93 40.36 -25.52
CA LEU B 132 -22.63 40.72 -26.08
C LEU B 132 -22.72 42.09 -26.74
N ALA B 133 -21.75 42.95 -26.45
CA ALA B 133 -21.79 44.33 -26.93
C ALA B 133 -20.66 44.64 -27.91
N GLN B 134 -19.59 43.86 -27.82
CA GLN B 134 -18.42 44.07 -28.67
C GLN B 134 -17.92 42.75 -29.27
N ILE B 135 -17.67 42.76 -30.57
CA ILE B 135 -17.00 41.64 -31.23
C ILE B 135 -15.67 42.14 -31.79
N VAL B 136 -14.61 41.36 -31.59
CA VAL B 136 -13.27 41.77 -31.97
C VAL B 136 -12.51 40.62 -32.65
N THR B 137 -11.95 40.91 -33.82
CA THR B 137 -11.16 39.93 -34.56
C THR B 137 -9.69 40.35 -34.61
N VAL B 138 -8.81 39.38 -34.46
CA VAL B 138 -7.38 39.66 -34.52
C VAL B 138 -6.63 38.46 -35.08
N ASP B 139 -5.98 38.67 -36.22
CA ASP B 139 -5.23 37.61 -36.88
C ASP B 139 -3.93 37.32 -36.13
N ALA B 140 -4.05 36.67 -34.98
CA ALA B 140 -2.90 36.39 -34.13
C ALA B 140 -1.88 35.47 -34.80
N ASN B 141 -2.36 34.60 -35.69
CA ASN B 141 -1.48 33.62 -36.34
C ASN B 141 -0.56 34.25 -37.38
N SER B 142 -0.86 35.50 -37.75
CA SER B 142 0.03 36.27 -38.63
C SER B 142 1.16 36.92 -37.84
N MET B 143 0.95 37.08 -36.54
CA MET B 143 1.83 37.91 -35.72
C MET B 143 2.77 37.11 -34.82
N ALA B 144 2.38 35.89 -34.49
CA ALA B 144 3.19 35.01 -33.64
C ALA B 144 2.75 33.56 -33.81
N GLU B 145 3.47 32.64 -33.16
CA GLU B 145 3.19 31.21 -33.28
C GLU B 145 2.45 30.67 -32.06
N ALA B 146 1.73 29.56 -32.25
CA ALA B 146 1.14 28.83 -31.14
C ALA B 146 2.22 27.95 -30.49
N VAL B 147 2.62 28.32 -29.28
CA VAL B 147 3.72 27.65 -28.60
C VAL B 147 3.24 26.39 -27.85
N MET B 148 3.99 25.30 -28.01
CA MET B 148 3.69 24.06 -27.28
C MET B 148 4.89 23.66 -26.43
N THR B 149 4.63 23.30 -25.18
CA THR B 149 5.69 22.88 -24.26
C THR B 149 5.17 21.87 -23.23
N LEU B 150 6.06 21.04 -22.71
CA LEU B 150 5.70 20.12 -21.63
C LEU B 150 5.79 20.83 -20.27
N SER B 151 6.43 21.99 -20.26
CA SER B 151 6.58 22.79 -19.05
C SER B 151 5.28 23.54 -18.73
N GLY B 152 5.18 24.08 -17.52
CA GLY B 152 4.05 24.90 -17.13
C GLY B 152 2.74 24.16 -16.90
N ALA B 153 2.80 22.84 -16.83
CA ALA B 153 1.60 22.02 -16.67
C ALA B 153 1.25 21.78 -15.20
N GLU B 154 -0.05 21.68 -14.92
CA GLU B 154 -0.56 21.31 -13.59
C GLU B 154 -0.08 22.22 -12.46
N GLY B 155 -0.02 23.52 -12.72
CA GLY B 155 0.36 24.48 -11.70
C GLY B 155 1.85 24.77 -11.58
N ALA B 156 2.64 24.13 -12.44
CA ALA B 156 4.09 24.31 -12.45
C ALA B 156 4.48 25.55 -13.25
N THR B 157 5.65 26.13 -12.96
CA THR B 157 6.10 27.30 -13.68
C THR B 157 6.44 26.95 -15.13
N ASP B 158 6.21 27.90 -16.03
CA ASP B 158 6.42 27.69 -17.46
C ASP B 158 7.84 28.12 -17.86
N ALA B 159 8.65 27.15 -18.29
CA ALA B 159 10.04 27.41 -18.64
C ALA B 159 10.19 28.30 -19.88
N THR B 160 9.14 28.39 -20.70
CA THR B 160 9.18 29.25 -21.89
C THR B 160 8.72 30.67 -21.56
N GLY B 161 8.34 30.90 -20.31
CA GLY B 161 7.85 32.20 -19.88
C GLY B 161 6.47 32.49 -20.43
N ILE B 162 6.06 33.76 -20.31
CA ILE B 162 4.71 34.17 -20.67
C ILE B 162 4.68 35.10 -21.89
N GLY B 163 3.83 34.77 -22.87
CA GLY B 163 3.50 35.70 -23.93
C GLY B 163 4.48 35.78 -25.08
N ALA B 164 5.13 34.67 -25.38
CA ALA B 164 6.04 34.63 -26.53
C ALA B 164 5.27 34.38 -27.82
N GLY B 165 4.10 33.75 -27.68
CA GLY B 165 3.31 33.35 -28.84
C GLY B 165 2.07 34.19 -29.10
N ILE B 166 1.04 33.55 -29.65
CA ILE B 166 -0.19 34.24 -30.05
C ILE B 166 -0.94 34.85 -28.88
N ALA B 167 -0.55 34.48 -27.65
CA ALA B 167 -1.15 35.06 -26.45
C ALA B 167 -0.88 36.56 -26.36
N ALA B 168 0.27 37.00 -26.87
CA ALA B 168 0.63 38.41 -26.82
C ALA B 168 -0.29 39.26 -27.72
N PRO B 169 -0.38 38.95 -29.03
CA PRO B 169 -1.25 39.81 -29.84
C PRO B 169 -2.72 39.72 -29.45
N ILE B 170 -3.15 38.55 -28.96
CA ILE B 170 -4.53 38.36 -28.57
C ILE B 170 -4.87 39.28 -27.40
N ALA B 171 -4.00 39.24 -26.38
CA ALA B 171 -4.18 40.04 -25.18
C ALA B 171 -4.13 41.53 -25.52
N GLY B 172 -3.28 41.87 -26.49
CA GLY B 172 -3.22 43.23 -27.00
C GLY B 172 -4.57 43.68 -27.52
N ALA B 173 -5.24 42.79 -28.25
CA ALA B 173 -6.57 43.08 -28.79
C ALA B 173 -7.61 43.20 -27.67
N VAL B 174 -7.37 42.51 -26.56
CA VAL B 174 -8.28 42.57 -25.42
C VAL B 174 -8.22 43.96 -24.80
N VAL B 175 -7.00 44.46 -24.62
CA VAL B 175 -6.77 45.78 -24.08
C VAL B 175 -7.38 46.86 -24.98
N LYS B 176 -7.28 46.66 -26.30
CA LYS B 176 -7.95 47.55 -27.24
C LYS B 176 -9.45 47.50 -27.05
N ALA B 177 -9.95 46.30 -26.78
CA ALA B 177 -11.38 46.09 -26.61
C ALA B 177 -11.90 46.72 -25.31
N THR B 178 -11.21 46.44 -24.20
CA THR B 178 -11.75 46.71 -22.88
C THR B 178 -10.96 47.72 -22.06
N GLY B 179 -9.68 47.87 -22.38
CA GLY B 179 -8.80 48.76 -21.64
C GLY B 179 -8.58 48.26 -20.23
N ILE B 180 -8.78 46.95 -20.05
CA ILE B 180 -8.75 46.32 -18.74
C ILE B 180 -7.44 46.58 -17.99
N VAL B 181 -6.32 46.69 -18.73
CA VAL B 181 -5.06 47.16 -18.16
C VAL B 181 -4.39 48.11 -19.15
N ASP B 182 -3.32 48.77 -18.72
CA ASP B 182 -2.56 49.66 -19.61
C ASP B 182 -1.68 48.84 -20.55
N VAL B 183 -1.66 49.23 -21.82
CA VAL B 183 -0.89 48.51 -22.85
C VAL B 183 0.60 48.42 -22.50
N GLU B 184 1.07 49.37 -21.69
CA GLU B 184 2.47 49.38 -21.31
C GLU B 184 2.77 48.32 -20.25
N ASN B 185 1.84 48.12 -19.31
CA ASN B 185 1.99 47.09 -18.29
C ASN B 185 1.89 45.69 -18.87
N LEU B 186 1.05 45.53 -19.88
CA LEU B 186 0.97 44.26 -20.61
C LEU B 186 2.29 44.03 -21.36
N ALA B 187 2.83 45.10 -21.92
CA ALA B 187 4.09 45.03 -22.65
C ALA B 187 5.23 44.58 -21.73
N ALA B 188 5.15 44.97 -20.46
CA ALA B 188 6.20 44.67 -19.50
C ALA B 188 6.19 43.19 -19.04
N VAL B 189 5.04 42.53 -19.15
CA VAL B 189 4.91 41.18 -18.59
C VAL B 189 4.87 40.09 -19.65
N VAL B 190 5.00 40.47 -20.92
CA VAL B 190 5.02 39.48 -22.00
C VAL B 190 6.42 39.36 -22.61
N LYS B 191 6.69 38.21 -23.22
CA LYS B 191 7.98 37.92 -23.82
C LYS B 191 8.07 38.51 -25.24
N ASN B 192 6.92 38.88 -25.79
CA ASN B 192 6.83 39.40 -27.15
C ASN B 192 5.96 40.66 -27.23
N PRO B 193 6.47 41.79 -26.70
CA PRO B 193 5.73 43.05 -26.72
C PRO B 193 5.43 43.52 -28.15
N ALA B 194 6.37 43.28 -29.06
CA ALA B 194 6.17 43.61 -30.46
C ALA B 194 4.89 42.96 -30.99
N ALA B 195 4.80 41.63 -30.87
CA ALA B 195 3.62 40.93 -31.34
C ALA B 195 2.39 41.48 -30.66
N MET B 196 2.51 41.75 -29.37
CA MET B 196 1.39 42.26 -28.58
C MET B 196 0.95 43.61 -29.15
N ARG B 197 1.93 44.43 -29.50
CA ARG B 197 1.66 45.79 -29.97
C ARG B 197 0.96 45.79 -31.31
N ARG B 198 1.31 44.84 -32.17
CA ARG B 198 0.60 44.65 -33.42
C ARG B 198 -0.83 44.18 -33.16
N GLY B 199 -1.00 43.30 -32.18
CA GLY B 199 -2.32 42.88 -31.76
C GLY B 199 -3.09 44.09 -31.29
N TYR B 200 -2.45 44.90 -30.45
CA TYR B 200 -3.09 46.09 -29.91
C TYR B 200 -3.37 47.07 -31.05
N ALA B 201 -2.40 47.27 -31.94
CA ALA B 201 -2.59 48.19 -33.06
C ALA B 201 -3.56 47.61 -34.10
N GLU B 202 -3.24 46.42 -34.61
CA GLU B 202 -4.07 45.79 -35.63
C GLU B 202 -5.10 44.86 -35.00
N ALA B 203 -6.29 45.39 -34.75
CA ALA B 203 -7.38 44.61 -34.18
C ALA B 203 -8.70 45.30 -34.49
N GLN B 204 -9.59 44.61 -35.19
CA GLN B 204 -10.84 45.23 -35.62
C GLN B 204 -11.93 45.03 -34.58
N VAL B 205 -12.61 46.13 -34.26
CA VAL B 205 -13.65 46.14 -33.23
C VAL B 205 -14.98 46.59 -33.81
N ARG B 206 -16.06 45.94 -33.42
CA ARG B 206 -17.39 46.36 -33.84
C ARG B 206 -18.38 46.34 -32.68
N GLN B 207 -19.15 47.41 -32.53
CA GLN B 207 -20.21 47.47 -31.53
C GLN B 207 -21.46 46.80 -32.07
N LEU B 208 -21.99 45.84 -31.31
CA LEU B 208 -23.15 45.09 -31.75
C LEU B 208 -24.43 45.91 -31.62
N PRO B 209 -25.42 45.62 -32.48
CA PRO B 209 -26.73 46.29 -32.42
C PRO B 209 -27.42 46.10 -31.08
N PRO B 210 -28.20 47.10 -30.64
CA PRO B 210 -28.91 47.11 -29.35
C PRO B 210 -29.70 45.82 -29.09
N HIS B 211 -29.59 45.30 -27.87
CA HIS B 211 -30.20 44.04 -27.52
C HIS B 211 -30.85 44.12 -26.14
N GLU B 212 -31.96 43.42 -25.96
CA GLU B 212 -32.64 43.40 -24.66
C GLU B 212 -32.60 42.02 -24.01
N ALA B 213 -32.34 42.00 -22.71
CA ALA B 213 -32.27 40.77 -21.95
C ALA B 213 -33.59 40.47 -21.24
N ALA B 218 -30.96 25.49 -13.73
CA ALA B 218 -30.06 24.78 -12.81
C ALA B 218 -30.70 23.51 -12.29
N VAL B 219 -29.86 22.55 -11.88
CA VAL B 219 -30.35 21.28 -11.37
C VAL B 219 -30.25 21.22 -9.85
N SER B 220 -31.31 20.73 -9.21
CA SER B 220 -31.36 20.63 -7.75
C SER B 220 -30.51 19.46 -7.25
N ALA B 221 -30.37 19.36 -5.93
CA ALA B 221 -29.59 18.30 -5.30
C ALA B 221 -30.33 16.96 -5.37
N THR B 222 -31.65 17.02 -5.26
CA THR B 222 -32.48 15.82 -5.32
C THR B 222 -32.37 15.13 -6.68
N GLU B 223 -32.44 15.92 -7.74
CA GLU B 223 -32.39 15.38 -9.09
C GLU B 223 -30.98 14.89 -9.45
N LEU B 224 -29.97 15.57 -8.90
CA LEU B 224 -28.58 15.19 -9.09
C LEU B 224 -28.35 13.76 -8.60
N LEU B 225 -28.81 13.48 -7.39
CA LEU B 225 -28.68 12.17 -6.77
C LEU B 225 -29.53 11.13 -7.47
N ARG B 226 -30.73 11.55 -7.89
CA ARG B 226 -31.65 10.67 -8.59
C ARG B 226 -31.06 10.16 -9.91
N GLN B 227 -30.21 10.98 -10.52
CA GLN B 227 -29.59 10.64 -11.79
C GLN B 227 -28.39 9.71 -11.66
N MET B 228 -27.80 9.62 -10.46
CA MET B 228 -26.63 8.77 -10.24
C MET B 228 -27.02 7.30 -10.07
N PRO B 229 -26.66 6.46 -11.05
CA PRO B 229 -26.98 5.03 -10.96
C PRO B 229 -26.23 4.31 -9.84
N PHE B 230 -26.63 3.09 -9.53
CA PHE B 230 -25.98 2.26 -8.53
C PHE B 230 -24.47 2.19 -8.74
N ALA B 231 -23.72 2.70 -7.76
CA ALA B 231 -22.25 2.67 -7.76
C ALA B 231 -21.63 3.37 -8.96
N GLY B 232 -22.43 4.14 -9.70
CA GLY B 232 -21.93 4.81 -10.89
C GLY B 232 -21.78 3.89 -12.09
N THR B 233 -22.21 2.65 -11.95
CA THR B 233 -22.13 1.66 -13.03
C THR B 233 -23.12 1.97 -14.16
N VAL B 234 -22.69 1.82 -15.41
CA VAL B 234 -23.56 2.08 -16.55
C VAL B 234 -23.54 0.91 -17.53
N PRO B 235 -24.61 0.77 -18.33
CA PRO B 235 -24.62 -0.29 -19.34
C PRO B 235 -23.66 0.01 -20.48
N SER B 236 -23.02 -1.03 -21.02
CA SER B 236 -22.18 -0.86 -22.19
C SER B 236 -23.00 -0.28 -23.35
N PRO B 237 -22.43 0.68 -24.08
CA PRO B 237 -23.15 1.20 -25.24
C PRO B 237 -23.27 0.14 -26.32
N VAL B 238 -24.18 0.34 -27.27
CA VAL B 238 -24.37 -0.61 -28.35
C VAL B 238 -23.66 -0.19 -29.63
N THR B 239 -23.85 1.06 -30.06
CA THR B 239 -23.23 1.51 -31.30
C THR B 239 -22.39 2.77 -31.13
N GLU B 240 -22.65 3.52 -30.06
CA GLU B 240 -22.00 4.81 -29.87
C GLU B 240 -22.04 5.19 -28.40
N ASN B 241 -21.07 6.00 -27.97
CA ASN B 241 -21.07 6.51 -26.61
C ASN B 241 -21.50 7.97 -26.56
N GLU B 242 -22.81 8.19 -26.39
CA GLU B 242 -23.37 9.53 -26.42
C GLU B 242 -22.98 10.37 -25.21
N GLY B 243 -22.31 9.75 -24.24
CA GLY B 243 -21.79 10.49 -23.10
C GLY B 243 -20.64 11.42 -23.46
N MET B 244 -20.01 11.20 -24.61
CA MET B 244 -18.90 12.06 -25.03
C MET B 244 -18.93 12.21 -26.56
N VAL B 245 -19.78 13.13 -27.01
CA VAL B 245 -19.92 13.43 -28.43
C VAL B 245 -18.83 14.43 -28.82
N THR B 246 -17.97 14.02 -29.73
CA THR B 246 -16.71 14.72 -29.95
C THR B 246 -16.59 15.42 -31.30
N GLY B 247 -17.72 15.57 -32.00
CA GLY B 247 -17.72 16.28 -33.27
C GLY B 247 -17.30 17.74 -33.16
N ASN B 248 -17.51 18.35 -31.99
CA ASN B 248 -17.17 19.75 -31.81
C ASN B 248 -15.70 19.98 -31.48
N TRP B 249 -14.86 18.94 -31.67
CA TRP B 249 -13.42 19.12 -31.52
C TRP B 249 -12.78 19.61 -32.83
N ARG B 250 -13.55 19.58 -33.91
CA ARG B 250 -12.98 19.78 -35.25
C ARG B 250 -12.57 21.20 -35.58
N ILE B 251 -11.30 21.38 -35.95
CA ILE B 251 -10.87 22.59 -36.61
C ILE B 251 -10.91 22.35 -38.12
N GLN B 252 -11.04 21.08 -38.49
CA GLN B 252 -11.07 20.65 -39.88
C GLN B 252 -11.85 19.34 -39.98
N ARG B 253 -12.21 18.94 -41.20
CA ARG B 253 -12.85 17.66 -41.43
C ARG B 253 -12.29 16.98 -42.68
N PRO B 254 -12.39 15.63 -42.74
CA PRO B 254 -11.95 14.89 -43.93
C PRO B 254 -13.01 14.87 -45.03
N ILE B 255 -12.60 15.25 -46.23
CA ILE B 255 -13.50 15.35 -47.37
C ILE B 255 -13.05 14.33 -48.43
N ILE B 256 -13.98 13.53 -48.90
CA ILE B 256 -13.63 12.47 -49.83
C ILE B 256 -14.12 12.74 -51.27
N ASP B 257 -13.22 12.53 -52.21
CA ASP B 257 -13.57 12.47 -53.62
C ASP B 257 -13.72 11.00 -54.00
N ARG B 258 -14.95 10.53 -54.11
CA ARG B 258 -15.19 9.10 -54.28
C ARG B 258 -14.85 8.60 -55.68
N GLU B 259 -14.63 9.51 -56.62
CA GLU B 259 -14.20 9.11 -57.95
C GLU B 259 -12.75 8.62 -57.90
N ALA B 260 -12.00 9.13 -56.92
CA ALA B 260 -10.60 8.76 -56.76
C ALA B 260 -10.41 7.60 -55.80
N CYS B 261 -11.44 7.25 -55.05
CA CYS B 261 -11.31 6.25 -53.98
C CYS B 261 -11.13 4.83 -54.51
N THR B 262 -10.16 4.10 -53.95
CA THR B 262 -9.86 2.73 -54.35
C THR B 262 -10.56 1.69 -53.49
N GLU B 263 -11.17 2.16 -52.40
CA GLU B 263 -11.80 1.31 -51.38
C GLU B 263 -10.81 0.29 -50.82
N CYS B 264 -9.57 0.71 -50.69
CA CYS B 264 -8.53 -0.04 -50.00
C CYS B 264 -8.80 -0.10 -48.49
N TYR B 265 -9.52 0.91 -48.00
CA TYR B 265 -9.90 1.03 -46.59
C TYR B 265 -8.72 1.11 -45.62
N THR B 266 -7.64 1.72 -46.09
CA THR B 266 -6.52 2.04 -45.21
C THR B 266 -6.98 3.04 -44.16
N CYS B 267 -7.74 4.03 -44.60
CA CYS B 267 -8.29 5.04 -43.68
C CYS B 267 -9.07 4.37 -42.57
N TRP B 268 -9.93 3.45 -42.97
CA TRP B 268 -10.83 2.75 -42.05
C TRP B 268 -10.11 2.05 -40.90
N ILE B 269 -8.99 1.41 -41.17
CA ILE B 269 -8.33 0.59 -40.16
C ILE B 269 -7.52 1.44 -39.18
N TYR B 270 -7.27 2.70 -39.53
CA TYR B 270 -6.42 3.54 -38.66
C TYR B 270 -7.15 4.63 -37.86
N CYS B 271 -8.47 4.75 -38.03
CA CYS B 271 -9.19 5.77 -37.27
C CYS B 271 -9.31 5.40 -35.80
N PRO B 272 -8.72 6.20 -34.91
CA PRO B 272 -8.75 5.88 -33.48
C PRO B 272 -10.15 5.99 -32.87
N ASP B 273 -11.07 6.65 -33.57
CA ASP B 273 -12.37 6.94 -33.01
C ASP B 273 -13.50 6.19 -33.69
N SER B 274 -13.16 5.13 -34.41
CA SER B 274 -14.13 4.26 -35.07
C SER B 274 -15.16 5.05 -35.88
N CYS B 275 -14.71 6.12 -36.51
CA CYS B 275 -15.64 7.01 -37.20
C CYS B 275 -15.82 6.67 -38.69
N ILE B 276 -15.14 5.62 -39.15
CA ILE B 276 -15.30 5.18 -40.52
C ILE B 276 -16.00 3.82 -40.59
N THR B 277 -16.93 3.68 -41.52
CA THR B 277 -17.66 2.44 -41.75
C THR B 277 -17.48 2.03 -43.20
N ARG B 278 -17.23 0.74 -43.45
CA ARG B 278 -17.16 0.23 -44.81
C ARG B 278 -18.57 0.00 -45.35
N THR B 279 -18.89 0.62 -46.47
CA THR B 279 -20.19 0.45 -47.11
C THR B 279 -20.01 0.24 -48.60
N GLU B 280 -21.06 -0.17 -49.30
CA GLU B 280 -20.92 -0.42 -50.73
C GLU B 280 -20.83 0.88 -51.52
N GLU B 281 -21.01 2.01 -50.83
CA GLU B 281 -20.74 3.33 -51.39
C GLU B 281 -19.30 3.78 -51.15
N GLY B 282 -18.57 3.00 -50.36
CA GLY B 282 -17.23 3.39 -49.95
C GLY B 282 -17.22 3.77 -48.48
N PRO B 283 -16.08 4.29 -47.98
CA PRO B 283 -16.01 4.68 -46.57
C PRO B 283 -16.99 5.80 -46.21
N VAL B 284 -17.61 5.67 -45.06
CA VAL B 284 -18.55 6.67 -44.58
C VAL B 284 -18.03 7.23 -43.27
N PHE B 285 -17.96 8.55 -43.20
CA PHE B 285 -17.29 9.23 -42.11
C PHE B 285 -18.30 9.83 -41.14
N ASN B 286 -18.21 9.43 -39.88
CA ASN B 286 -19.17 9.80 -38.84
C ASN B 286 -18.86 11.18 -38.27
N MET B 287 -19.56 12.20 -38.75
CA MET B 287 -19.28 13.58 -38.34
C MET B 287 -19.88 13.94 -36.98
N LYS B 288 -20.63 13.02 -36.39
CA LYS B 288 -21.11 13.25 -35.04
C LYS B 288 -19.92 13.19 -34.08
N TYR B 289 -18.95 12.35 -34.41
CA TYR B 289 -17.82 12.12 -33.51
C TYR B 289 -16.45 12.49 -34.08
N CYS B 290 -16.32 12.55 -35.40
CA CYS B 290 -15.01 12.79 -36.02
C CYS B 290 -14.31 14.01 -35.42
N LYS B 291 -13.03 13.86 -35.07
CA LYS B 291 -12.29 14.93 -34.40
C LYS B 291 -11.43 15.73 -35.35
N GLY B 292 -11.46 15.37 -36.63
CA GLY B 292 -10.62 16.00 -37.63
C GLY B 292 -9.13 15.84 -37.36
N CYS B 293 -8.71 14.68 -36.84
CA CYS B 293 -7.29 14.45 -36.56
C CYS B 293 -6.49 14.44 -37.85
N GLY B 294 -7.12 14.01 -38.94
CA GLY B 294 -6.46 13.94 -40.23
C GLY B 294 -5.67 12.67 -40.49
N LEU B 295 -5.81 11.66 -39.62
CA LEU B 295 -5.08 10.43 -39.82
C LEU B 295 -5.54 9.74 -41.08
N CYS B 296 -6.85 9.76 -41.35
CA CYS B 296 -7.38 9.13 -42.55
C CYS B 296 -6.76 9.79 -43.78
N THR B 297 -6.77 11.12 -43.82
CA THR B 297 -6.17 11.87 -44.91
C THR B 297 -4.68 11.58 -45.05
N ALA B 298 -3.99 11.41 -43.93
CA ALA B 298 -2.54 11.18 -43.96
C ALA B 298 -2.15 9.78 -44.45
N VAL B 299 -3.04 8.80 -44.30
CA VAL B 299 -2.71 7.43 -44.74
C VAL B 299 -3.30 7.10 -46.09
N CYS B 300 -4.25 7.90 -46.57
CA CYS B 300 -4.84 7.66 -47.89
C CYS B 300 -3.78 7.71 -48.99
N PRO B 301 -3.70 6.65 -49.80
CA PRO B 301 -2.69 6.56 -50.85
C PRO B 301 -3.13 7.14 -52.20
N SER B 302 -4.41 7.47 -52.33
CA SER B 302 -4.95 7.83 -53.64
C SER B 302 -5.21 9.32 -53.83
N GLY B 303 -5.15 10.08 -52.74
CA GLY B 303 -5.51 11.48 -52.78
C GLY B 303 -7.01 11.75 -52.75
N ALA B 304 -7.79 10.71 -52.48
CA ALA B 304 -9.24 10.85 -52.35
C ALA B 304 -9.61 11.74 -51.17
N LEU B 305 -8.78 11.70 -50.12
CA LEU B 305 -9.06 12.46 -48.90
C LEU B 305 -8.25 13.74 -48.79
N THR B 306 -8.94 14.82 -48.39
CA THR B 306 -8.31 16.08 -48.06
C THR B 306 -8.92 16.65 -46.78
N ASN B 307 -8.16 17.50 -46.09
CA ASN B 307 -8.66 18.20 -44.91
C ASN B 307 -9.16 19.58 -45.31
N VAL B 308 -10.33 19.95 -44.82
CA VAL B 308 -10.91 21.27 -45.10
C VAL B 308 -11.34 21.94 -43.80
N PRO B 309 -10.98 23.22 -43.62
CA PRO B 309 -11.36 23.98 -42.42
C PRO B 309 -12.85 23.89 -42.10
N GLU B 310 -13.16 23.71 -40.81
CA GLU B 310 -14.52 23.50 -40.37
C GLU B 310 -15.44 24.67 -40.70
N LEU B 311 -14.92 25.90 -40.69
CA LEU B 311 -15.75 27.07 -40.99
C LEU B 311 -15.79 27.43 -42.47
N ASP B 312 -15.35 26.52 -43.32
CA ASP B 312 -15.64 26.60 -44.74
C ASP B 312 -17.00 25.96 -44.98
N PHE B 313 -17.58 25.40 -43.91
CA PHE B 313 -18.88 24.74 -43.98
C PHE B 313 -19.93 25.48 -43.14
N LYS B 314 -21.13 25.62 -43.69
CA LYS B 314 -22.26 26.17 -42.95
C LYS B 314 -22.81 25.13 -41.97
N ASP B 315 -22.68 23.85 -42.33
CA ASP B 315 -23.29 22.78 -41.53
C ASP B 315 -22.35 22.24 -40.45
N MET C 1 -11.62 -20.54 -30.34
CA MET C 1 -10.67 -20.47 -31.45
C MET C 1 -10.93 -19.25 -32.33
N LEU C 2 -10.13 -18.20 -32.13
CA LEU C 2 -10.22 -17.00 -32.97
C LEU C 2 -9.31 -17.15 -34.20
N ASP C 3 -9.87 -16.88 -35.37
CA ASP C 3 -9.20 -17.17 -36.63
C ASP C 3 -8.18 -16.12 -37.06
N ARG C 4 -7.20 -16.56 -37.84
CA ARG C 4 -6.24 -15.68 -38.51
C ARG C 4 -6.95 -14.64 -39.38
N ILE C 5 -6.46 -13.40 -39.33
CA ILE C 5 -6.95 -12.36 -40.23
C ILE C 5 -5.94 -12.17 -41.36
N ALA C 6 -6.37 -12.38 -42.59
CA ALA C 6 -5.47 -12.42 -43.73
C ALA C 6 -5.03 -11.05 -44.20
N SER C 7 -5.87 -10.05 -43.95
CA SER C 7 -5.70 -8.75 -44.58
C SER C 7 -6.67 -7.74 -44.00
N ILE C 8 -6.49 -6.48 -44.36
CA ILE C 8 -7.47 -5.46 -44.01
C ILE C 8 -8.83 -5.82 -44.62
N LYS C 9 -8.83 -6.28 -45.87
CA LYS C 9 -10.07 -6.68 -46.53
C LYS C 9 -10.85 -7.69 -45.70
N LYS C 10 -10.13 -8.67 -45.14
CA LYS C 10 -10.77 -9.76 -44.40
C LYS C 10 -10.85 -9.47 -42.90
N ALA C 11 -10.50 -8.26 -42.48
CA ALA C 11 -10.65 -7.89 -41.08
C ALA C 11 -12.13 -7.79 -40.71
N PRO C 12 -12.46 -8.07 -39.43
CA PRO C 12 -13.85 -7.96 -38.97
C PRO C 12 -14.37 -6.53 -39.07
N ASP C 13 -15.58 -6.37 -39.60
CA ASP C 13 -16.19 -5.05 -39.64
C ASP C 13 -16.66 -4.59 -38.26
N GLU C 14 -17.02 -5.56 -37.42
CA GLU C 14 -17.60 -5.24 -36.11
C GLU C 14 -16.64 -4.41 -35.25
N GLU C 15 -17.20 -3.41 -34.58
CA GLU C 15 -16.46 -2.59 -33.63
C GLU C 15 -16.95 -2.88 -32.23
N TYR C 16 -16.05 -3.13 -31.30
CA TYR C 16 -16.48 -3.35 -29.91
C TYR C 16 -15.95 -2.23 -29.03
N TYR C 17 -15.26 -1.29 -29.67
CA TYR C 17 -14.81 -0.02 -29.08
C TYR C 17 -15.37 1.06 -30.00
N VAL C 18 -16.39 1.77 -29.51
CA VAL C 18 -17.25 2.60 -30.36
C VAL C 18 -16.90 4.09 -30.30
N PRO C 19 -17.40 4.89 -31.26
CA PRO C 19 -17.15 6.33 -31.23
C PRO C 19 -17.62 6.97 -29.93
N GLY C 20 -16.87 7.97 -29.46
CA GLY C 20 -17.26 8.67 -28.26
C GLY C 20 -16.33 8.39 -27.09
N HIS C 21 -15.25 9.17 -27.02
CA HIS C 21 -14.33 9.11 -25.88
C HIS C 21 -13.41 10.32 -25.90
N ARG C 22 -13.03 10.77 -24.71
CA ARG C 22 -12.29 12.01 -24.56
C ARG C 22 -10.79 11.74 -24.67
N THR C 23 -10.43 10.99 -25.71
CA THR C 23 -9.05 10.75 -26.09
C THR C 23 -8.58 11.82 -27.08
N CYS C 24 -7.29 12.14 -27.07
CA CYS C 24 -6.74 13.10 -28.03
C CYS C 24 -7.07 12.75 -29.47
N ALA C 25 -7.29 13.77 -30.29
CA ALA C 25 -7.25 13.59 -31.73
C ALA C 25 -5.94 12.88 -32.10
N GLY C 26 -6.04 11.77 -32.81
CA GLY C 26 -4.87 11.05 -33.27
C GLY C 26 -4.27 10.11 -32.23
N CYS C 27 -5.03 9.83 -31.16
CA CYS C 27 -4.54 9.03 -30.05
C CYS C 27 -4.17 7.59 -30.45
N GLY C 28 -2.89 7.26 -30.30
CA GLY C 28 -2.41 5.92 -30.63
C GLY C 28 -2.95 4.83 -29.71
N PRO C 29 -2.94 5.07 -28.38
CA PRO C 29 -3.58 4.09 -27.50
C PRO C 29 -5.07 3.86 -27.79
N ALA C 30 -5.82 4.89 -28.19
CA ALA C 30 -7.21 4.71 -28.56
C ALA C 30 -7.36 3.73 -29.72
N LEU C 31 -6.58 3.95 -30.77
CA LEU C 31 -6.58 3.02 -31.90
C LEU C 31 -6.20 1.61 -31.45
N THR C 32 -5.27 1.51 -30.51
CA THR C 32 -4.87 0.21 -29.95
C THR C 32 -6.07 -0.50 -29.33
N TYR C 33 -6.79 0.22 -28.47
CA TYR C 33 -8.01 -0.31 -27.87
C TYR C 33 -9.00 -0.75 -28.93
N ARG C 34 -9.19 0.08 -29.96
CA ARG C 34 -10.13 -0.26 -31.02
C ARG C 34 -9.76 -1.58 -31.68
N LEU C 35 -8.48 -1.73 -32.03
CA LEU C 35 -8.01 -2.93 -32.71
C LEU C 35 -8.04 -4.17 -31.82
N VAL C 36 -7.69 -4.01 -30.55
CA VAL C 36 -7.73 -5.13 -29.60
C VAL C 36 -9.18 -5.60 -29.42
N ALA C 37 -10.10 -4.65 -29.22
CA ALA C 37 -11.51 -4.95 -29.05
C ALA C 37 -12.09 -5.63 -30.27
N LYS C 38 -11.68 -5.16 -31.45
CA LYS C 38 -12.14 -5.74 -32.72
C LYS C 38 -11.68 -7.19 -32.86
N ALA C 39 -10.43 -7.46 -32.50
CA ALA C 39 -9.89 -8.82 -32.59
C ALA C 39 -10.52 -9.75 -31.56
N ALA C 40 -10.84 -9.23 -30.39
CA ALA C 40 -11.30 -10.07 -29.27
C ALA C 40 -12.74 -10.51 -29.44
N GLY C 41 -13.59 -9.62 -29.97
CA GLY C 41 -15.00 -9.94 -30.11
C GLY C 41 -15.80 -9.77 -28.83
N PRO C 42 -17.06 -10.23 -28.85
CA PRO C 42 -18.04 -9.96 -27.79
C PRO C 42 -17.86 -10.77 -26.49
N ASN C 43 -17.22 -11.93 -26.56
CA ASN C 43 -17.08 -12.77 -25.37
C ASN C 43 -15.82 -12.39 -24.59
N THR C 44 -15.81 -11.15 -24.13
CA THR C 44 -14.58 -10.53 -23.64
C THR C 44 -14.85 -9.65 -22.42
N ILE C 45 -13.98 -9.70 -21.44
CA ILE C 45 -14.06 -8.78 -20.32
C ILE C 45 -12.77 -7.97 -20.27
N PHE C 46 -12.89 -6.64 -20.28
CA PHE C 46 -11.72 -5.79 -20.19
C PHE C 46 -11.47 -5.33 -18.76
N ILE C 47 -10.19 -5.22 -18.41
CA ILE C 47 -9.80 -4.64 -17.14
C ILE C 47 -8.95 -3.41 -17.44
N GLY C 48 -9.34 -2.27 -16.87
CA GLY C 48 -8.66 -1.01 -17.16
C GLY C 48 -7.98 -0.39 -15.95
N PRO C 49 -6.68 -0.69 -15.77
CA PRO C 49 -5.90 -0.04 -14.73
C PRO C 49 -5.79 1.45 -15.03
N THR C 50 -5.86 2.27 -13.99
CA THR C 50 -5.90 3.72 -14.14
C THR C 50 -4.79 4.25 -15.07
N GLY C 51 -5.20 5.08 -16.01
CA GLY C 51 -4.31 5.60 -17.06
C GLY C 51 -5.20 6.23 -18.11
N CYS C 52 -4.62 6.72 -19.21
CA CYS C 52 -5.42 7.41 -20.23
C CYS C 52 -6.56 6.53 -20.73
N MET C 53 -6.29 5.25 -20.98
CA MET C 53 -7.32 4.42 -21.59
C MET C 53 -8.41 4.04 -20.58
N TYR C 54 -8.24 4.45 -19.33
CA TYR C 54 -9.35 4.48 -18.38
C TYR C 54 -9.99 5.86 -18.36
N VAL C 55 -9.23 6.86 -17.93
CA VAL C 55 -9.76 8.21 -17.73
C VAL C 55 -10.28 8.84 -19.01
N ALA C 56 -9.48 8.81 -20.07
CA ALA C 56 -9.86 9.47 -21.31
C ALA C 56 -11.08 8.81 -21.92
N ASN C 57 -11.21 7.49 -21.74
CA ASN C 57 -12.33 6.77 -22.33
C ASN C 57 -13.64 6.87 -21.55
N THR C 58 -13.58 7.09 -20.25
CA THR C 58 -14.82 7.09 -19.46
C THR C 58 -15.28 8.47 -18.99
N SER C 59 -14.49 9.51 -19.30
CA SER C 59 -14.89 10.89 -19.01
C SER C 59 -16.13 11.29 -19.80
N TYR C 60 -17.26 11.53 -19.14
CA TYR C 60 -17.42 11.35 -17.70
C TYR C 60 -18.70 10.53 -17.46
N GLY C 61 -18.61 9.49 -16.64
CA GLY C 61 -19.74 8.63 -16.32
C GLY C 61 -20.25 7.80 -17.49
N CYS C 62 -19.36 7.43 -18.39
CA CYS C 62 -19.74 6.70 -19.59
C CYS C 62 -18.57 5.87 -20.09
N GLY C 63 -18.68 5.32 -21.30
CA GLY C 63 -17.56 4.57 -21.85
C GLY C 63 -17.87 3.99 -23.21
N PRO C 64 -16.84 3.60 -23.96
CA PRO C 64 -17.01 3.18 -25.35
C PRO C 64 -16.96 1.67 -25.57
N TRP C 65 -16.93 0.86 -24.52
CA TRP C 65 -16.83 -0.58 -24.69
C TRP C 65 -18.20 -1.25 -24.77
N ARG C 66 -18.43 -2.01 -25.84
CA ARG C 66 -19.67 -2.77 -26.00
C ARG C 66 -19.70 -3.99 -25.09
N VAL C 67 -18.53 -4.37 -24.59
CA VAL C 67 -18.41 -5.58 -23.77
C VAL C 67 -18.22 -5.15 -22.32
N PRO C 68 -18.27 -6.10 -21.37
CA PRO C 68 -18.05 -5.67 -19.98
C PRO C 68 -16.67 -5.11 -19.75
N TRP C 69 -16.59 -4.17 -18.81
CA TRP C 69 -15.33 -3.53 -18.49
C TRP C 69 -15.35 -3.19 -17.00
N ILE C 70 -14.19 -3.28 -16.36
CA ILE C 70 -14.10 -2.84 -14.97
C ILE C 70 -12.81 -2.06 -14.73
N HIS C 71 -12.90 -1.06 -13.87
CA HIS C 71 -11.76 -0.26 -13.44
C HIS C 71 -10.86 -1.00 -12.47
N ALA C 72 -9.56 -0.92 -12.70
CA ALA C 72 -8.59 -1.48 -11.75
C ALA C 72 -7.68 -0.37 -11.27
N GLN C 73 -7.08 -0.55 -10.10
CA GLN C 73 -6.05 0.38 -9.65
C GLN C 73 -4.85 0.20 -10.56
N ILE C 74 -4.00 1.22 -10.67
CA ILE C 74 -2.83 1.08 -11.54
C ILE C 74 -1.86 0.04 -10.94
N THR C 75 -1.99 -0.17 -9.64
CA THR C 75 -1.17 -1.11 -8.89
C THR C 75 -1.54 -2.59 -9.05
N ASN C 76 -2.70 -2.90 -9.64
CA ASN C 76 -3.23 -4.25 -9.45
C ASN C 76 -4.00 -4.85 -10.62
N GLY C 77 -3.80 -4.33 -11.83
CA GLY C 77 -4.46 -4.87 -13.01
C GLY C 77 -4.37 -6.39 -13.11
N GLY C 78 -3.16 -6.93 -12.93
CA GLY C 78 -2.96 -8.37 -13.03
C GLY C 78 -3.70 -9.16 -11.96
N ALA C 79 -3.86 -8.58 -10.79
CA ALA C 79 -4.53 -9.27 -9.67
C ALA C 79 -6.05 -9.23 -9.82
N VAL C 80 -6.57 -8.10 -10.30
CA VAL C 80 -8.01 -8.00 -10.56
C VAL C 80 -8.38 -9.02 -11.64
N ALA C 81 -7.56 -9.12 -12.68
CA ALA C 81 -7.79 -10.09 -13.75
C ALA C 81 -7.74 -11.53 -13.24
N SER C 82 -6.78 -11.80 -12.36
CA SER C 82 -6.66 -13.10 -11.72
C SER C 82 -7.94 -13.50 -10.97
N GLY C 83 -8.56 -12.52 -10.32
CA GLY C 83 -9.77 -12.77 -9.57
C GLY C 83 -10.96 -13.08 -10.45
N ILE C 84 -11.11 -12.32 -11.53
CA ILE C 84 -12.19 -12.54 -12.49
C ILE C 84 -12.05 -13.94 -13.10
N GLU C 85 -10.82 -14.30 -13.49
CA GLU C 85 -10.54 -15.63 -14.03
C GLU C 85 -10.87 -16.73 -13.02
N ALA C 86 -10.37 -16.58 -11.81
CA ALA C 86 -10.64 -17.54 -10.73
C ALA C 86 -12.13 -17.65 -10.47
N ALA C 87 -12.82 -16.51 -10.46
CA ALA C 87 -14.26 -16.50 -10.18
C ALA C 87 -15.01 -17.27 -11.26
N TYR C 88 -14.71 -16.97 -12.52
CA TYR C 88 -15.37 -17.68 -13.61
C TYR C 88 -15.08 -19.18 -13.55
N LYS C 89 -13.85 -19.56 -13.23
CA LYS C 89 -13.53 -20.98 -13.14
C LYS C 89 -14.33 -21.66 -12.02
N ALA C 90 -14.36 -21.05 -10.85
CA ALA C 90 -15.09 -21.60 -9.71
C ALA C 90 -16.61 -21.60 -9.94
N MET C 91 -17.14 -20.50 -10.48
CA MET C 91 -18.58 -20.38 -10.67
C MET C 91 -19.07 -21.42 -11.69
N ILE C 92 -18.28 -21.61 -12.73
CA ILE C 92 -18.62 -22.58 -13.76
C ILE C 92 -18.53 -24.00 -13.21
N ARG C 93 -17.46 -24.28 -12.46
CA ARG C 93 -17.25 -25.61 -11.89
C ARG C 93 -18.30 -25.96 -10.84
N LYS C 94 -18.66 -24.99 -10.01
CA LYS C 94 -19.62 -25.19 -8.95
C LYS C 94 -21.05 -25.00 -9.44
N LYS C 95 -21.18 -24.82 -10.75
CA LYS C 95 -22.47 -24.72 -11.44
C LYS C 95 -23.37 -23.63 -10.88
N LYS C 96 -22.80 -22.45 -10.68
CA LYS C 96 -23.56 -21.30 -10.21
C LYS C 96 -23.72 -20.27 -11.31
N THR C 97 -23.18 -20.58 -12.49
CA THR C 97 -23.40 -19.75 -13.67
C THR C 97 -23.49 -20.62 -14.92
N ASP C 98 -24.29 -20.17 -15.89
CA ASP C 98 -24.35 -20.83 -17.18
C ASP C 98 -23.49 -20.09 -18.22
N ALA C 99 -22.78 -19.05 -17.77
CA ALA C 99 -21.93 -18.27 -18.66
C ALA C 99 -20.76 -19.10 -19.19
N GLU C 100 -20.38 -18.84 -20.44
CA GLU C 100 -19.19 -19.46 -21.02
C GLU C 100 -17.94 -18.74 -20.53
N PHE C 101 -16.80 -19.43 -20.55
CA PHE C 101 -15.55 -18.79 -20.15
C PHE C 101 -15.20 -17.70 -21.16
N PRO C 102 -14.97 -16.47 -20.67
CA PRO C 102 -14.73 -15.33 -21.54
C PRO C 102 -13.26 -15.08 -21.83
N ASN C 103 -12.98 -14.31 -22.88
CA ASN C 103 -11.67 -13.67 -23.01
C ASN C 103 -11.53 -12.72 -21.86
N ILE C 104 -10.37 -12.70 -21.22
CA ILE C 104 -10.13 -11.79 -20.11
C ILE C 104 -8.87 -11.00 -20.42
N ILE C 105 -9.00 -9.69 -20.56
CA ILE C 105 -7.93 -8.86 -21.11
C ILE C 105 -7.64 -7.64 -20.26
N VAL C 106 -6.42 -7.54 -19.75
CA VAL C 106 -5.96 -6.31 -19.10
C VAL C 106 -5.40 -5.34 -20.13
N MET C 107 -5.83 -4.08 -20.05
CA MET C 107 -5.26 -3.03 -20.90
C MET C 107 -4.51 -2.03 -20.03
N ALA C 108 -3.26 -2.36 -19.71
CA ALA C 108 -2.46 -1.55 -18.82
C ALA C 108 -1.55 -0.60 -19.58
N GLY C 109 -1.42 0.63 -19.09
CA GLY C 109 -0.42 1.53 -19.65
C GLY C 109 0.97 1.07 -19.25
N ASP C 110 2.01 1.75 -19.75
CA ASP C 110 3.37 1.30 -19.44
C ASP C 110 3.66 1.40 -17.94
N GLY C 111 3.19 2.47 -17.30
CA GLY C 111 3.29 2.58 -15.86
C GLY C 111 2.63 1.37 -15.16
N GLY C 112 1.42 1.05 -15.57
CA GLY C 112 0.68 -0.03 -14.94
C GLY C 112 1.08 -1.43 -15.39
N ALA C 113 2.11 -1.52 -16.21
CA ALA C 113 2.61 -2.82 -16.66
C ALA C 113 4.08 -3.04 -16.30
N VAL C 114 4.90 -1.99 -16.35
CA VAL C 114 6.35 -2.15 -16.20
C VAL C 114 6.91 -1.55 -14.92
N ASP C 115 6.12 -0.72 -14.24
CA ASP C 115 6.62 0.09 -13.14
C ASP C 115 5.86 -0.26 -11.86
N ILE C 116 4.66 0.28 -11.73
CA ILE C 116 3.88 0.12 -10.51
C ILE C 116 2.94 -1.11 -10.60
N GLY C 117 2.77 -1.65 -11.80
CA GLY C 117 1.92 -2.81 -11.99
C GLY C 117 2.66 -4.12 -12.26
N LEU C 118 3.98 -4.07 -12.23
CA LEU C 118 4.83 -5.19 -12.61
C LEU C 118 4.68 -6.42 -11.70
N GLN C 119 4.62 -6.17 -10.39
CA GLN C 119 4.52 -7.22 -9.39
C GLN C 119 3.25 -8.05 -9.59
N ALA C 120 2.14 -7.36 -9.81
CA ALA C 120 0.87 -8.03 -10.01
C ALA C 120 0.81 -8.77 -11.35
N LEU C 121 1.51 -8.23 -12.35
CA LEU C 121 1.66 -8.91 -13.63
C LEU C 121 2.44 -10.21 -13.48
N SER C 122 3.60 -10.13 -12.86
CA SER C 122 4.47 -11.29 -12.67
C SER C 122 3.76 -12.39 -11.88
N ALA C 123 3.03 -12.02 -10.85
CA ALA C 123 2.29 -13.00 -10.05
C ALA C 123 1.18 -13.67 -10.85
N MET C 124 0.49 -12.91 -11.69
CA MET C 124 -0.57 -13.49 -12.52
C MET C 124 0.02 -14.54 -13.47
N LEU C 125 1.16 -14.24 -14.07
CA LEU C 125 1.85 -15.19 -14.94
C LEU C 125 2.31 -16.42 -14.16
N TYR C 126 2.79 -16.19 -12.94
CA TYR C 126 3.23 -17.29 -12.09
C TYR C 126 2.08 -18.26 -11.80
N ARG C 127 0.92 -17.70 -11.46
CA ARG C 127 -0.25 -18.52 -11.12
C ARG C 127 -0.89 -19.17 -12.33
N GLY C 128 -0.57 -18.67 -13.53
CA GLY C 128 -0.99 -19.32 -14.76
C GLY C 128 -2.43 -19.09 -15.17
N HIS C 129 -3.01 -17.98 -14.72
CA HIS C 129 -4.39 -17.65 -15.08
C HIS C 129 -4.56 -17.51 -16.59
N ASP C 130 -5.72 -17.92 -17.08
CA ASP C 130 -6.04 -17.84 -18.50
C ASP C 130 -6.44 -16.41 -18.83
N VAL C 131 -5.43 -15.54 -18.94
CA VAL C 131 -5.63 -14.11 -19.09
C VAL C 131 -4.61 -13.53 -20.08
N LEU C 132 -5.07 -12.67 -20.98
CA LEU C 132 -4.18 -11.90 -21.86
C LEU C 132 -3.89 -10.55 -21.22
N PHE C 133 -2.62 -10.29 -20.93
CA PHE C 133 -2.21 -9.03 -20.34
C PHE C 133 -1.57 -8.17 -21.42
N ILE C 134 -2.21 -7.06 -21.75
CA ILE C 134 -1.66 -6.18 -22.76
C ILE C 134 -1.08 -4.93 -22.13
N CYS C 135 0.11 -4.53 -22.59
CA CYS C 135 0.62 -3.20 -22.27
C CYS C 135 0.48 -2.32 -23.49
N TYR C 136 -0.24 -1.21 -23.35
CA TYR C 136 -0.24 -0.21 -24.42
C TYR C 136 0.79 0.85 -24.01
N ASP C 137 1.84 0.96 -24.81
CA ASP C 137 3.03 1.68 -24.40
C ASP C 137 3.14 3.05 -25.08
N ASN C 138 2.78 4.12 -24.36
CA ASN C 138 2.95 5.47 -24.90
C ASN C 138 4.15 6.18 -24.29
N GLU C 139 5.00 5.40 -23.62
CA GLU C 139 6.32 5.81 -23.17
C GLU C 139 6.32 7.02 -22.24
N SER C 140 5.27 7.14 -21.41
CA SER C 140 5.25 8.05 -20.26
C SER C 140 4.05 7.75 -19.36
N TYR C 141 4.05 8.32 -18.17
CA TYR C 141 2.81 8.51 -17.43
C TYR C 141 2.05 9.64 -18.11
N ALA C 142 1.11 9.31 -19.00
CA ALA C 142 0.54 10.32 -19.88
C ALA C 142 -0.62 11.09 -19.24
N ASN C 143 -1.58 10.36 -18.65
CA ASN C 143 -2.78 11.04 -18.15
C ASN C 143 -2.45 12.06 -17.07
N THR C 144 -1.34 11.85 -16.36
CA THR C 144 -0.94 12.76 -15.31
C THR C 144 -0.18 13.99 -15.84
N GLY C 145 0.05 14.06 -17.15
CA GLY C 145 0.66 15.25 -17.74
C GLY C 145 2.01 15.04 -18.37
N ILE C 146 2.32 13.78 -18.69
CA ILE C 146 3.53 13.32 -19.38
C ILE C 146 4.75 13.34 -18.46
N GLN C 147 4.86 12.31 -17.64
CA GLN C 147 6.01 12.11 -16.76
C GLN C 147 6.74 10.83 -17.10
N THR C 148 8.05 10.86 -16.89
CA THR C 148 8.91 9.71 -17.14
C THR C 148 8.42 8.44 -16.49
N SER C 149 8.43 7.37 -17.29
CA SER C 149 8.22 6.01 -16.82
C SER C 149 9.43 5.17 -17.24
N PRO C 150 9.55 3.94 -16.74
CA PRO C 150 10.68 3.11 -17.19
C PRO C 150 10.72 2.82 -18.69
N THR C 151 9.64 3.02 -19.43
CA THR C 151 9.69 2.79 -20.89
C THR C 151 10.01 4.06 -21.66
N THR C 152 9.99 5.21 -20.98
CA THR C 152 10.40 6.47 -21.59
C THR C 152 11.84 6.35 -22.09
N PRO C 153 12.06 6.65 -23.39
CA PRO C 153 13.40 6.50 -23.96
C PRO C 153 14.42 7.39 -23.27
N TYR C 154 15.68 6.96 -23.34
CA TYR C 154 16.79 7.82 -22.98
C TYR C 154 16.63 9.19 -23.64
N GLY C 155 16.90 10.26 -22.89
CA GLY C 155 16.93 11.58 -23.46
C GLY C 155 15.59 12.26 -23.68
N ALA C 156 14.49 11.63 -23.27
CA ALA C 156 13.19 12.22 -23.55
C ALA C 156 12.81 13.28 -22.53
N ASN C 157 12.29 14.39 -23.04
CA ASN C 157 11.74 15.47 -22.23
C ASN C 157 10.37 15.05 -21.70
N THR C 158 10.22 15.03 -20.37
CA THR C 158 8.93 14.88 -19.69
C THR C 158 8.96 15.89 -18.55
N THR C 159 7.84 16.10 -17.85
CA THR C 159 7.84 17.13 -16.81
C THR C 159 8.66 16.71 -15.59
N PHE C 160 9.01 15.43 -15.50
CA PHE C 160 9.92 14.95 -14.45
C PHE C 160 11.36 14.88 -14.92
N THR C 161 11.58 14.97 -16.23
CA THR C 161 12.93 14.96 -16.78
C THR C 161 13.19 16.13 -17.74
N PRO C 162 12.99 17.37 -17.25
CA PRO C 162 13.24 18.48 -18.18
C PRO C 162 14.74 18.65 -18.45
N PRO C 163 15.11 18.96 -19.70
CA PRO C 163 16.51 19.25 -19.96
C PRO C 163 16.95 20.52 -19.23
N GLY C 164 18.18 20.53 -18.72
CA GLY C 164 18.73 21.68 -18.01
C GLY C 164 20.25 21.56 -18.00
N GLU C 165 20.95 22.57 -17.52
CA GLU C 165 22.41 22.54 -17.61
C GLU C 165 23.02 21.46 -16.72
N VAL C 166 22.31 21.06 -15.66
CA VAL C 166 22.78 19.98 -14.80
C VAL C 166 22.44 18.61 -15.39
N VAL C 167 21.34 18.54 -16.14
CA VAL C 167 20.94 17.31 -16.83
C VAL C 167 20.58 17.65 -18.26
N PRO C 168 21.60 17.82 -19.13
CA PRO C 168 21.39 18.26 -20.52
C PRO C 168 20.49 17.33 -21.33
N GLU C 169 20.52 16.04 -21.01
CA GLU C 169 19.77 15.07 -21.81
C GLU C 169 18.33 14.92 -21.34
N GLY C 170 17.98 15.59 -20.24
CA GLY C 170 16.65 15.48 -19.68
C GLY C 170 16.49 14.19 -18.89
N LYS C 171 16.39 13.07 -19.59
CA LYS C 171 16.34 11.76 -18.94
C LYS C 171 17.67 11.04 -19.14
N LYS C 172 18.37 10.75 -18.04
CA LYS C 172 19.65 10.05 -18.12
C LYS C 172 19.49 8.55 -18.28
N LEU C 173 18.38 8.00 -17.80
CA LEU C 173 18.21 6.54 -17.76
C LEU C 173 17.68 5.96 -19.06
N PHE C 174 18.25 4.82 -19.46
CA PHE C 174 17.73 4.02 -20.56
C PHE C 174 16.56 3.17 -20.08
N PRO C 175 15.65 2.83 -21.00
CA PRO C 175 14.39 2.19 -20.61
C PRO C 175 14.46 0.70 -20.28
N LYS C 176 13.57 0.28 -19.38
CA LYS C 176 13.36 -1.12 -19.06
C LYS C 176 12.64 -1.78 -20.25
N ASP C 177 13.01 -3.01 -20.59
CA ASP C 177 12.42 -3.73 -21.71
C ASP C 177 11.51 -4.81 -21.15
N ASN C 178 10.29 -4.42 -20.76
CA ASN C 178 9.39 -5.30 -20.04
C ASN C 178 9.05 -6.63 -20.74
N PRO C 179 8.84 -6.61 -22.07
CA PRO C 179 8.58 -7.91 -22.70
C PRO C 179 9.69 -8.94 -22.48
N LYS C 180 10.91 -8.50 -22.23
CA LYS C 180 11.99 -9.43 -21.99
C LYS C 180 12.08 -9.77 -20.51
N VAL C 181 11.66 -8.82 -19.66
CA VAL C 181 11.65 -9.08 -18.23
C VAL C 181 10.75 -10.26 -17.89
N ILE C 182 9.52 -10.24 -18.39
CA ILE C 182 8.56 -11.26 -17.99
C ILE C 182 8.63 -12.51 -18.86
N ALA C 183 9.37 -12.44 -19.96
CA ALA C 183 9.44 -13.55 -20.91
C ALA C 183 10.18 -14.75 -20.34
N HIS C 184 11.05 -14.51 -19.36
CA HIS C 184 11.82 -15.58 -18.76
C HIS C 184 11.36 -15.87 -17.33
N GLY C 185 11.57 -17.11 -16.91
CA GLY C 185 11.35 -17.50 -15.53
C GLY C 185 9.92 -17.74 -15.08
N HIS C 186 8.96 -17.63 -16.00
CA HIS C 186 7.55 -17.88 -15.69
C HIS C 186 7.05 -19.10 -16.49
N PRO C 187 7.11 -20.30 -15.89
CA PRO C 187 6.85 -21.54 -16.64
C PRO C 187 5.46 -21.62 -17.30
N GLU C 188 4.47 -20.95 -16.74
CA GLU C 188 3.11 -21.02 -17.27
C GLU C 188 2.91 -20.12 -18.49
N LEU C 189 3.82 -19.18 -18.70
CA LEU C 189 3.63 -18.17 -19.75
C LEU C 189 3.63 -18.79 -21.14
N LYS C 190 2.53 -18.59 -21.86
CA LYS C 190 2.29 -19.29 -23.12
C LYS C 190 2.82 -18.55 -24.34
N TYR C 191 2.83 -17.23 -24.27
CA TYR C 191 3.03 -16.42 -25.45
C TYR C 191 3.42 -15.01 -25.05
N VAL C 192 4.45 -14.49 -25.72
CA VAL C 192 4.89 -13.13 -25.55
C VAL C 192 5.09 -12.55 -26.93
N ALA C 193 4.57 -11.35 -27.16
CA ALA C 193 4.76 -10.69 -28.44
C ALA C 193 4.79 -9.20 -28.27
N THR C 194 5.42 -8.52 -29.23
CA THR C 194 5.40 -7.09 -29.32
C THR C 194 4.63 -6.73 -30.57
N ALA C 195 3.92 -5.61 -30.53
CA ALA C 195 3.08 -5.20 -31.64
C ALA C 195 3.08 -3.67 -31.75
N SER C 196 2.46 -3.17 -32.80
CA SER C 196 2.44 -1.74 -33.07
C SER C 196 1.20 -1.39 -33.88
N ILE C 197 0.56 -0.26 -33.58
CA ILE C 197 -0.61 0.17 -34.34
C ILE C 197 -0.28 0.43 -35.81
N GLY C 198 1.01 0.60 -36.10
CA GLY C 198 1.45 0.76 -37.47
C GLY C 198 1.15 -0.45 -38.33
N TRP C 199 1.13 -1.63 -37.70
CA TRP C 199 0.80 -2.89 -38.37
C TRP C 199 -0.44 -3.51 -37.74
N PRO C 200 -1.63 -2.97 -38.07
CA PRO C 200 -2.87 -3.33 -37.36
C PRO C 200 -3.28 -4.79 -37.51
N VAL C 201 -3.06 -5.38 -38.69
CA VAL C 201 -3.46 -6.76 -38.88
C VAL C 201 -2.56 -7.70 -38.07
N ASP C 202 -1.25 -7.42 -38.10
CA ASP C 202 -0.28 -8.09 -37.26
C ASP C 202 -0.68 -8.00 -35.79
N LEU C 203 -1.07 -6.81 -35.37
CA LEU C 203 -1.50 -6.59 -34.00
C LEU C 203 -2.70 -7.48 -33.65
N MET C 204 -3.76 -7.39 -34.44
CA MET C 204 -4.97 -8.14 -34.19
C MET C 204 -4.73 -9.65 -34.17
N ASN C 205 -3.85 -10.13 -35.05
CA ASN C 205 -3.52 -11.55 -35.10
C ASN C 205 -2.78 -12.02 -33.86
N LYS C 206 -1.95 -11.15 -33.29
CA LYS C 206 -1.21 -11.49 -32.09
C LYS C 206 -2.15 -11.56 -30.91
N VAL C 207 -3.08 -10.61 -30.83
CA VAL C 207 -4.12 -10.62 -29.80
C VAL C 207 -4.91 -11.92 -29.84
N ARG C 208 -5.33 -12.34 -31.02
CA ARG C 208 -6.09 -13.58 -31.15
C ARG C 208 -5.24 -14.81 -30.80
N LYS C 209 -4.00 -14.82 -31.27
CA LYS C 209 -3.09 -15.91 -30.94
C LYS C 209 -2.86 -15.99 -29.44
N GLY C 210 -2.74 -14.83 -28.80
CA GLY C 210 -2.61 -14.80 -27.35
C GLY C 210 -3.84 -15.32 -26.64
N LEU C 211 -5.01 -14.94 -27.14
CA LEU C 211 -6.27 -15.36 -26.53
C LEU C 211 -6.49 -16.86 -26.73
N ASN C 212 -6.00 -17.39 -27.84
CA ASN C 212 -6.18 -18.81 -28.15
C ASN C 212 -5.37 -19.72 -27.23
N GLN C 213 -4.34 -19.19 -26.59
CA GLN C 213 -3.58 -19.95 -25.61
C GLN C 213 -4.46 -20.27 -24.40
N GLU C 214 -4.29 -21.45 -23.82
CA GLU C 214 -4.95 -21.78 -22.57
C GLU C 214 -4.02 -21.52 -21.40
N GLY C 215 -3.96 -20.26 -20.98
CA GLY C 215 -2.96 -19.82 -20.01
C GLY C 215 -2.58 -18.39 -20.31
N PRO C 216 -1.67 -17.82 -19.50
CA PRO C 216 -1.35 -16.39 -19.60
C PRO C 216 -0.59 -16.02 -20.87
N ALA C 217 -0.81 -14.79 -21.34
CA ALA C 217 -0.09 -14.25 -22.47
C ALA C 217 0.20 -12.77 -22.23
N TYR C 218 1.29 -12.27 -22.80
CA TYR C 218 1.66 -10.88 -22.65
C TYR C 218 1.95 -10.26 -24.01
N ILE C 219 1.27 -9.17 -24.33
CA ILE C 219 1.53 -8.44 -25.56
C ILE C 219 1.82 -6.99 -25.25
N HIS C 220 2.95 -6.51 -25.74
CA HIS C 220 3.43 -5.16 -25.49
C HIS C 220 3.26 -4.34 -26.77
N ILE C 221 2.35 -3.38 -26.76
CA ILE C 221 1.98 -2.68 -27.99
C ILE C 221 2.49 -1.24 -28.03
N HIS C 222 3.30 -0.91 -29.05
CA HIS C 222 3.77 0.46 -29.21
C HIS C 222 2.63 1.36 -29.68
N ALA C 223 2.40 2.46 -28.94
CA ALA C 223 1.25 3.32 -29.17
C ALA C 223 1.62 4.79 -29.08
N PRO C 224 2.13 5.37 -30.18
CA PRO C 224 2.61 6.75 -30.18
C PRO C 224 1.58 7.76 -29.66
N CYS C 225 2.09 8.75 -28.92
CA CYS C 225 1.26 9.70 -28.20
C CYS C 225 1.58 11.11 -28.70
N PRO C 226 0.74 11.65 -29.61
CA PRO C 226 1.04 12.97 -30.19
C PRO C 226 1.19 14.05 -29.12
N LYS C 227 0.37 14.01 -28.07
CA LYS C 227 0.50 14.99 -26.99
C LYS C 227 1.83 14.83 -26.26
N GLY C 228 2.11 13.62 -25.78
CA GLY C 228 3.28 13.39 -24.96
C GLY C 228 4.60 13.50 -25.71
N TRP C 229 4.64 13.01 -26.93
CA TRP C 229 5.87 13.00 -27.71
C TRP C 229 6.01 14.28 -28.52
N GLN C 230 4.92 15.06 -28.57
CA GLN C 230 4.87 16.35 -29.25
C GLN C 230 5.12 16.22 -30.76
N PHE C 231 4.17 15.60 -31.46
CA PHE C 231 4.16 15.56 -32.91
C PHE C 231 2.71 15.77 -33.37
N PRO C 232 2.50 16.16 -34.64
CA PRO C 232 1.14 16.47 -35.11
C PRO C 232 0.15 15.31 -34.97
N ALA C 233 -1.11 15.61 -34.70
CA ALA C 233 -2.13 14.59 -34.51
C ALA C 233 -2.28 13.66 -35.72
N ASP C 234 -1.95 14.13 -36.93
CA ASP C 234 -2.12 13.27 -38.11
C ASP C 234 -0.84 12.52 -38.47
N LYS C 235 0.12 12.50 -37.56
CA LYS C 235 1.39 11.82 -37.83
C LYS C 235 1.58 10.53 -37.01
N THR C 236 0.53 10.10 -36.31
CA THR C 236 0.64 9.01 -35.35
C THR C 236 1.07 7.70 -35.99
N ILE C 237 0.51 7.41 -37.16
CA ILE C 237 0.86 6.17 -37.86
C ILE C 237 2.26 6.24 -38.47
N GLU C 238 2.62 7.38 -39.06
CA GLU C 238 3.98 7.58 -39.56
C GLU C 238 5.00 7.38 -38.44
N MET C 239 4.69 7.89 -37.25
CA MET C 239 5.57 7.75 -36.10
C MET C 239 5.71 6.29 -35.71
N ALA C 240 4.58 5.58 -35.72
CA ALA C 240 4.56 4.15 -35.39
C ALA C 240 5.48 3.39 -36.33
N LYS C 241 5.33 3.62 -37.64
CA LYS C 241 6.13 2.93 -38.64
C LYS C 241 7.62 3.28 -38.52
N LEU C 242 7.92 4.56 -38.25
CA LEU C 242 9.31 4.98 -38.14
C LEU C 242 9.97 4.41 -36.90
N ALA C 243 9.18 4.15 -35.87
CA ALA C 243 9.70 3.52 -34.65
C ALA C 243 10.27 2.16 -34.96
N VAL C 244 9.54 1.39 -35.76
CA VAL C 244 9.98 0.07 -36.14
C VAL C 244 11.12 0.12 -37.18
N GLN C 245 10.98 1.00 -38.17
CA GLN C 245 12.00 1.14 -39.21
C GLN C 245 13.36 1.61 -38.66
N THR C 246 13.36 2.33 -37.54
CA THR C 246 14.62 2.75 -36.94
C THR C 246 15.06 1.77 -35.86
N GLY C 247 14.23 0.78 -35.56
CA GLY C 247 14.55 -0.17 -34.51
C GLY C 247 14.36 0.35 -33.11
N MET C 248 13.72 1.52 -32.96
CA MET C 248 13.43 2.04 -31.62
C MET C 248 12.42 1.12 -30.92
N PHE C 249 11.63 0.41 -31.72
CA PHE C 249 10.72 -0.61 -31.21
C PHE C 249 10.85 -1.84 -32.11
N GLN C 250 10.93 -3.02 -31.51
CA GLN C 250 11.10 -4.24 -32.28
C GLN C 250 9.80 -5.05 -32.29
N LEU C 251 9.39 -5.52 -33.45
CA LEU C 251 8.18 -6.35 -33.58
C LEU C 251 8.55 -7.82 -33.69
N TYR C 252 8.10 -8.62 -32.71
CA TYR C 252 8.41 -10.04 -32.74
C TYR C 252 7.44 -10.88 -31.92
N GLU C 253 7.57 -12.20 -32.07
CA GLU C 253 6.97 -13.14 -31.14
C GLU C 253 8.11 -13.89 -30.47
N TYR C 254 7.98 -14.13 -29.16
CA TYR C 254 8.99 -14.88 -28.43
C TYR C 254 8.34 -16.15 -27.88
N GLU C 255 8.71 -17.27 -28.48
CA GLU C 255 8.13 -18.56 -28.12
C GLU C 255 9.22 -19.62 -28.04
N ASN C 256 9.18 -20.40 -26.96
CA ASN C 256 10.13 -21.48 -26.76
C ASN C 256 11.57 -21.02 -26.92
N GLY C 257 11.90 -19.90 -26.28
CA GLY C 257 13.27 -19.40 -26.27
C GLY C 257 13.75 -18.73 -27.54
N GLU C 258 12.87 -18.55 -28.53
CA GLU C 258 13.29 -17.98 -29.81
C GLU C 258 12.50 -16.73 -30.22
N TYR C 259 13.20 -15.78 -30.81
CA TYR C 259 12.59 -14.58 -31.38
C TYR C 259 12.23 -14.79 -32.85
N LYS C 260 10.96 -14.63 -33.18
CA LYS C 260 10.54 -14.63 -34.58
C LYS C 260 10.11 -13.23 -34.97
N LEU C 261 10.89 -12.60 -35.83
CA LEU C 261 10.63 -11.22 -36.24
C LEU C 261 9.37 -11.14 -37.09
N SER C 262 8.56 -10.13 -36.87
CA SER C 262 7.22 -10.07 -37.46
C SER C 262 7.20 -9.33 -38.80
N VAL C 263 8.11 -8.39 -38.94
CA VAL C 263 8.15 -7.52 -40.12
C VAL C 263 9.54 -7.56 -40.73
N LYS C 264 9.63 -7.90 -42.02
CA LYS C 264 10.94 -7.92 -42.64
C LYS C 264 11.34 -6.50 -43.05
N VAL C 265 12.55 -6.12 -42.66
CA VAL C 265 13.16 -4.89 -43.09
C VAL C 265 14.53 -5.22 -43.65
N ASP C 266 14.89 -4.61 -44.76
CA ASP C 266 16.16 -4.91 -45.41
C ASP C 266 17.22 -3.91 -44.94
N LYS C 267 16.75 -2.75 -44.51
CA LYS C 267 17.60 -1.68 -44.01
C LYS C 267 16.95 -1.05 -42.80
N ARG C 268 17.77 -0.56 -41.89
CA ARG C 268 17.28 0.13 -40.71
C ARG C 268 17.66 1.61 -40.81
N LYS C 269 16.67 2.50 -40.70
CA LYS C 269 16.96 3.92 -40.75
C LYS C 269 17.65 4.35 -39.47
N PRO C 270 18.54 5.35 -39.56
CA PRO C 270 19.15 5.92 -38.36
C PRO C 270 18.08 6.48 -37.44
N VAL C 271 18.29 6.39 -36.13
CA VAL C 271 17.26 6.78 -35.17
C VAL C 271 16.94 8.29 -35.24
N SER C 272 17.87 9.09 -35.76
CA SER C 272 17.63 10.53 -35.84
C SER C 272 16.48 10.85 -36.79
N GLU C 273 16.25 10.00 -37.78
CA GLU C 273 15.15 10.20 -38.71
C GLU C 273 13.79 10.06 -38.02
N TYR C 274 13.80 9.40 -36.87
CA TYR C 274 12.59 9.22 -36.07
C TYR C 274 12.50 10.31 -35.02
N MET C 275 13.62 10.53 -34.33
CA MET C 275 13.66 11.45 -33.20
C MET C 275 13.47 12.91 -33.61
N LYS C 276 13.84 13.25 -34.83
CA LYS C 276 13.79 14.65 -35.27
C LYS C 276 12.37 15.15 -35.45
N LEU C 277 11.43 14.21 -35.52
CA LEU C 277 10.04 14.58 -35.77
C LEU C 277 9.23 14.78 -34.49
N GLN C 278 9.89 14.66 -33.34
CA GLN C 278 9.19 14.78 -32.05
C GLN C 278 9.89 15.75 -31.13
N LYS C 279 9.17 16.74 -30.62
CA LYS C 279 9.80 17.76 -29.79
C LYS C 279 10.29 17.22 -28.44
N ARG C 280 9.87 16.02 -28.05
CA ARG C 280 10.35 15.45 -26.77
C ARG C 280 11.87 15.19 -26.83
N PHE C 281 12.44 15.20 -28.03
CA PHE C 281 13.88 14.98 -28.22
C PHE C 281 14.64 16.23 -28.72
N ALA C 282 13.93 17.35 -28.86
CA ALA C 282 14.47 18.54 -29.52
C ALA C 282 15.75 19.11 -28.87
N HIS C 283 15.90 18.86 -27.58
CA HIS C 283 17.01 19.39 -26.79
C HIS C 283 18.30 18.61 -26.97
N LEU C 284 18.21 17.43 -27.57
CA LEU C 284 19.36 16.51 -27.60
C LEU C 284 20.44 16.95 -28.57
N LYS C 285 21.69 16.66 -28.19
CA LYS C 285 22.86 16.98 -29.00
C LYS C 285 23.28 15.76 -29.81
N PRO C 286 24.12 15.95 -30.84
CA PRO C 286 24.59 14.82 -31.66
C PRO C 286 25.15 13.66 -30.85
N GLU C 287 25.93 13.92 -29.80
CA GLU C 287 26.50 12.84 -29.01
C GLU C 287 25.39 12.05 -28.29
N HIS C 288 24.34 12.74 -27.87
CA HIS C 288 23.20 12.09 -27.23
C HIS C 288 22.53 11.13 -28.21
N ILE C 289 22.28 11.62 -29.42
CA ILE C 289 21.72 10.81 -30.52
C ILE C 289 22.55 9.57 -30.78
N ALA C 290 23.87 9.71 -30.72
CA ALA C 290 24.79 8.61 -30.97
C ALA C 290 24.66 7.55 -29.88
N LYS C 291 24.44 7.98 -28.65
CA LYS C 291 24.17 7.06 -27.56
C LYS C 291 22.87 6.30 -27.80
N MET C 292 21.84 7.01 -28.26
CA MET C 292 20.59 6.36 -28.58
C MET C 292 20.82 5.30 -29.65
N GLN C 293 21.56 5.67 -30.69
CA GLN C 293 21.87 4.76 -31.79
C GLN C 293 22.59 3.50 -31.32
N ALA C 294 23.56 3.66 -30.43
CA ALA C 294 24.29 2.52 -29.90
C ALA C 294 23.36 1.60 -29.09
N PHE C 295 22.49 2.20 -28.28
CA PHE C 295 21.50 1.43 -27.51
C PHE C 295 20.58 0.65 -28.42
N VAL C 296 20.02 1.32 -29.43
CA VAL C 296 19.13 0.68 -30.38
C VAL C 296 19.83 -0.43 -31.16
N ASP C 297 21.08 -0.19 -31.54
CA ASP C 297 21.87 -1.22 -32.22
C ASP C 297 21.96 -2.48 -31.36
N ALA C 298 22.25 -2.30 -30.08
CA ALA C 298 22.34 -3.44 -29.15
C ALA C 298 20.99 -4.12 -28.98
N ARG C 299 19.92 -3.32 -28.88
CA ARG C 299 18.56 -3.85 -28.78
C ARG C 299 18.19 -4.67 -29.99
N CYS C 300 18.60 -4.22 -31.17
CA CYS C 300 18.29 -4.92 -32.41
C CYS C 300 19.09 -6.22 -32.53
N ALA C 301 20.36 -6.16 -32.16
CA ALA C 301 21.20 -7.36 -32.19
C ALA C 301 20.66 -8.41 -31.23
N GLU C 302 20.11 -7.95 -30.11
CA GLU C 302 19.55 -8.85 -29.10
C GLU C 302 18.45 -9.76 -29.67
N VAL C 303 17.65 -9.24 -30.60
CA VAL C 303 16.55 -10.02 -31.16
C VAL C 303 16.81 -10.53 -32.58
N GLY C 304 18.03 -10.39 -33.06
CA GLY C 304 18.39 -10.92 -34.37
C GLY C 304 18.10 -10.03 -35.56
N ILE C 305 17.94 -8.72 -35.32
CA ILE C 305 17.85 -7.74 -36.41
C ILE C 305 19.26 -7.34 -36.80
N THR C 306 19.74 -7.88 -37.91
CA THR C 306 21.15 -7.76 -38.27
C THR C 306 21.39 -6.94 -39.53
N VAL C 307 20.32 -6.33 -40.05
CA VAL C 307 20.41 -5.52 -41.27
C VAL C 307 21.26 -4.28 -41.04
N PRO C 308 21.79 -3.68 -42.12
CA PRO C 308 22.60 -2.47 -41.94
C PRO C 308 21.77 -1.23 -41.64
N VAL C 309 22.39 -0.28 -40.93
CA VAL C 309 21.79 1.02 -40.71
C VAL C 309 22.16 1.93 -41.87
N VAL C 310 21.15 2.44 -42.56
CA VAL C 310 21.31 3.18 -43.82
C VAL C 310 20.49 4.46 -43.85
N ALA C 311 21.16 5.61 -43.90
CA ALA C 311 20.50 6.90 -43.99
C ALA C 311 19.61 6.98 -45.24
N SER C 312 18.43 7.56 -45.09
CA SER C 312 17.49 7.69 -46.18
C SER C 312 17.88 8.84 -47.11
N ASN C 313 17.38 8.81 -48.34
CA ASN C 313 17.41 10.01 -49.17
C ASN C 313 16.47 11.02 -48.52
N ALA C 314 15.33 10.50 -48.07
CA ALA C 314 14.36 11.30 -47.32
C ALA C 314 14.70 11.34 -45.83
N GLY D 2 -25.46 -28.20 16.50
CA GLY D 2 -24.46 -28.91 15.72
C GLY D 2 -23.37 -29.51 16.59
N LYS D 3 -22.33 -30.02 15.94
CA LYS D 3 -21.20 -30.60 16.65
C LYS D 3 -20.43 -29.56 17.45
N VAL D 4 -20.22 -29.82 18.73
CA VAL D 4 -19.44 -28.93 19.58
C VAL D 4 -17.98 -29.38 19.64
N ARG D 5 -17.08 -28.47 19.29
CA ARG D 5 -15.66 -28.79 19.27
C ARG D 5 -14.86 -27.70 19.98
N ASN D 6 -13.74 -28.12 20.58
CA ASN D 6 -12.83 -27.19 21.23
C ASN D 6 -11.78 -26.74 20.23
N ILE D 7 -11.96 -25.56 19.65
CA ILE D 7 -11.12 -25.12 18.54
C ILE D 7 -10.68 -23.66 18.63
N SER D 8 -9.63 -23.33 17.89
CA SER D 8 -9.13 -21.96 17.84
C SER D 8 -10.06 -21.05 17.04
N GLY D 9 -9.89 -19.74 17.22
CA GLY D 9 -10.60 -18.77 16.41
C GLY D 9 -10.26 -18.89 14.93
N CYS D 10 -9.02 -19.25 14.62
CA CYS D 10 -8.62 -19.45 13.23
C CYS D 10 -9.47 -20.54 12.59
N VAL D 11 -9.56 -21.68 13.27
CA VAL D 11 -10.28 -22.82 12.74
C VAL D 11 -11.79 -22.54 12.70
N ALA D 12 -12.28 -21.83 13.72
CA ALA D 12 -13.68 -21.40 13.75
C ALA D 12 -14.05 -20.52 12.55
N VAL D 13 -13.18 -19.57 12.21
CA VAL D 13 -13.43 -18.73 11.05
C VAL D 13 -13.47 -19.59 9.78
N ALA D 14 -12.54 -20.53 9.68
CA ALA D 14 -12.49 -21.41 8.51
C ALA D 14 -13.78 -22.22 8.31
N HIS D 15 -14.39 -22.68 9.40
CA HIS D 15 -15.64 -23.42 9.28
C HIS D 15 -16.78 -22.51 8.81
N GLY D 16 -16.75 -21.26 9.25
CA GLY D 16 -17.70 -20.27 8.77
C GLY D 16 -17.53 -20.07 7.27
N VAL D 17 -16.28 -19.95 6.84
CA VAL D 17 -16.01 -19.79 5.41
C VAL D 17 -16.42 -21.05 4.65
N ARG D 18 -16.14 -22.22 5.23
CA ARG D 18 -16.56 -23.48 4.60
C ARG D 18 -18.08 -23.54 4.46
N LEU D 19 -18.78 -23.17 5.53
CA LEU D 19 -20.25 -23.26 5.54
C LEU D 19 -20.89 -22.26 4.59
N ALA D 20 -20.21 -21.13 4.37
CA ALA D 20 -20.71 -20.11 3.46
C ALA D 20 -20.47 -20.51 2.00
N ASP D 21 -19.80 -21.64 1.83
CA ASP D 21 -19.47 -22.16 0.49
C ASP D 21 -18.83 -21.10 -0.39
N VAL D 22 -17.80 -20.44 0.15
CA VAL D 22 -17.11 -19.38 -0.57
C VAL D 22 -16.54 -19.89 -1.89
N ASP D 23 -16.56 -19.05 -2.93
CA ASP D 23 -16.16 -19.49 -4.26
C ASP D 23 -14.70 -19.17 -4.59
N VAL D 24 -14.21 -18.04 -4.09
CA VAL D 24 -12.82 -17.65 -4.30
C VAL D 24 -12.18 -17.21 -2.99
N ILE D 25 -11.03 -17.79 -2.69
CA ILE D 25 -10.22 -17.41 -1.53
C ILE D 25 -8.86 -16.95 -2.04
N CYS D 26 -8.30 -15.90 -1.45
CA CYS D 26 -6.94 -15.52 -1.81
C CYS D 26 -6.05 -15.48 -0.56
N SER D 27 -4.97 -16.26 -0.58
CA SER D 27 -4.13 -16.44 0.61
C SER D 27 -2.85 -15.61 0.61
N TYR D 28 -2.31 -15.43 1.81
CA TYR D 28 -0.97 -14.89 2.04
C TYR D 28 -0.65 -15.05 3.52
N PRO D 29 0.63 -15.17 3.90
CA PRO D 29 0.84 -15.43 5.33
C PRO D 29 1.27 -14.22 6.17
N ILE D 30 0.63 -14.07 7.32
CA ILE D 30 1.11 -13.19 8.37
C ILE D 30 0.43 -13.58 9.67
N ARG D 31 1.26 -13.82 10.67
CA ARG D 31 0.82 -14.15 12.02
CA ARG D 31 0.74 -14.19 11.97
C ARG D 31 0.01 -13.00 12.60
N PRO D 32 -1.08 -13.29 13.33
CA PRO D 32 -1.62 -14.61 13.69
C PRO D 32 -2.80 -15.12 12.86
N TYR D 33 -3.10 -14.49 11.72
CA TYR D 33 -4.27 -14.91 10.94
C TYR D 33 -3.96 -16.12 10.04
N THR D 34 -2.67 -16.38 9.82
CA THR D 34 -2.21 -17.43 8.89
C THR D 34 -2.95 -18.76 8.99
N GLY D 35 -3.23 -19.20 10.22
CA GLY D 35 -3.88 -20.48 10.46
C GLY D 35 -5.24 -20.60 9.81
N ILE D 36 -5.91 -19.47 9.61
CA ILE D 36 -7.19 -19.46 8.93
C ILE D 36 -7.00 -20.03 7.53
N MET D 37 -5.98 -19.52 6.83
CA MET D 37 -5.71 -19.93 5.45
C MET D 37 -5.12 -21.33 5.36
N SER D 38 -4.33 -21.70 6.35
CA SER D 38 -3.79 -23.06 6.42
C SER D 38 -4.92 -24.08 6.51
N GLU D 39 -5.89 -23.79 7.37
CA GLU D 39 -7.03 -24.70 7.52
C GLU D 39 -7.86 -24.71 6.24
N LEU D 40 -8.03 -23.55 5.62
CA LEU D 40 -8.78 -23.49 4.36
C LEU D 40 -8.06 -24.24 3.26
N ALA D 41 -6.73 -24.13 3.23
CA ALA D 41 -5.96 -24.85 2.22
C ALA D 41 -6.14 -26.37 2.38
N ARG D 42 -6.16 -26.83 3.62
CA ARG D 42 -6.42 -28.24 3.90
C ARG D 42 -7.84 -28.62 3.49
N MET D 43 -8.81 -27.77 3.83
CA MET D 43 -10.20 -28.04 3.50
C MET D 43 -10.41 -28.19 1.99
N VAL D 44 -9.69 -27.37 1.22
CA VAL D 44 -9.77 -27.45 -0.23
C VAL D 44 -9.06 -28.72 -0.75
N ALA D 45 -7.90 -29.02 -0.18
CA ALA D 45 -7.12 -30.17 -0.60
C ALA D 45 -7.83 -31.49 -0.25
N ASP D 46 -8.57 -31.48 0.85
CA ASP D 46 -9.27 -32.68 1.33
C ASP D 46 -10.70 -32.73 0.81
N GLY D 47 -11.07 -31.74 0.03
CA GLY D 47 -12.38 -31.71 -0.60
C GLY D 47 -13.56 -31.35 0.29
N GLU D 48 -13.29 -30.71 1.44
CA GLU D 48 -14.37 -30.27 2.31
C GLU D 48 -14.96 -28.94 1.82
N LEU D 49 -14.24 -28.29 0.92
CA LEU D 49 -14.71 -27.04 0.31
C LEU D 49 -14.18 -26.94 -1.10
N ASP D 50 -15.08 -26.67 -2.04
CA ASP D 50 -14.66 -26.45 -3.41
C ASP D 50 -14.59 -24.95 -3.63
N ALA D 51 -13.37 -24.44 -3.68
CA ALA D 51 -13.15 -23.03 -3.96
C ALA D 51 -11.83 -22.88 -4.69
N GLU D 52 -11.74 -21.83 -5.48
CA GLU D 52 -10.48 -21.50 -6.10
C GLU D 52 -9.61 -20.88 -5.00
N PHE D 53 -8.44 -21.47 -4.78
CA PHE D 53 -7.55 -21.05 -3.71
C PHE D 53 -6.34 -20.36 -4.34
N VAL D 54 -6.36 -19.04 -4.34
CA VAL D 54 -5.39 -18.25 -5.08
C VAL D 54 -4.27 -17.76 -4.17
N HIS D 55 -3.04 -18.14 -4.51
CA HIS D 55 -1.87 -17.71 -3.78
C HIS D 55 -1.52 -16.26 -4.11
N GLY D 56 -2.02 -15.32 -3.33
CA GLY D 56 -1.73 -13.93 -3.56
C GLY D 56 -0.25 -13.66 -3.32
N GLU D 57 0.30 -12.70 -4.06
CA GLU D 57 1.71 -12.35 -3.93
C GLU D 57 1.93 -11.36 -2.79
N GLY D 58 0.83 -10.98 -2.15
CA GLY D 58 0.87 -10.02 -1.05
C GLY D 58 -0.53 -9.55 -0.73
N GLU D 59 -0.67 -8.74 0.31
CA GLU D 59 -1.99 -8.35 0.81
C GLU D 59 -2.72 -7.39 -0.10
N HIS D 60 -1.97 -6.50 -0.73
CA HIS D 60 -2.54 -5.60 -1.73
C HIS D 60 -3.20 -6.44 -2.81
N ALA D 61 -2.50 -7.46 -3.28
CA ALA D 61 -3.04 -8.37 -4.29
C ALA D 61 -4.23 -9.20 -3.80
N GLN D 62 -4.15 -9.69 -2.57
CA GLN D 62 -5.26 -10.41 -1.94
C GLN D 62 -6.58 -9.68 -2.09
N LEU D 63 -6.59 -8.40 -1.72
CA LEU D 63 -7.79 -7.60 -1.78
C LEU D 63 -8.16 -7.32 -3.23
N SER D 64 -7.15 -7.18 -4.09
CA SER D 64 -7.38 -6.91 -5.51
C SER D 64 -7.99 -8.14 -6.20
N VAL D 65 -7.50 -9.31 -5.81
CA VAL D 65 -8.04 -10.56 -6.37
C VAL D 65 -9.52 -10.71 -5.98
N VAL D 66 -9.86 -10.49 -4.71
CA VAL D 66 -11.25 -10.70 -4.31
C VAL D 66 -12.16 -9.56 -4.80
N TYR D 67 -11.59 -8.39 -5.06
CA TYR D 67 -12.30 -7.32 -5.78
C TYR D 67 -12.77 -7.83 -7.14
N GLY D 68 -11.83 -8.36 -7.92
CA GLY D 68 -12.13 -8.86 -9.24
C GLY D 68 -13.15 -10.00 -9.20
N ALA D 69 -12.95 -10.96 -8.30
CA ALA D 69 -13.83 -12.12 -8.20
C ALA D 69 -15.24 -11.72 -7.75
N SER D 70 -15.34 -10.79 -6.79
CA SER D 70 -16.66 -10.35 -6.35
C SER D 70 -17.44 -9.64 -7.47
N ALA D 71 -16.73 -8.94 -8.35
CA ALA D 71 -17.35 -8.28 -9.48
C ALA D 71 -17.78 -9.27 -10.55
N ALA D 72 -17.20 -10.48 -10.51
CA ALA D 72 -17.56 -11.53 -11.46
C ALA D 72 -18.61 -12.47 -10.86
N GLY D 73 -19.10 -12.15 -9.68
CA GLY D 73 -20.23 -12.85 -9.09
C GLY D 73 -19.90 -13.91 -8.06
N ALA D 74 -18.62 -14.06 -7.74
CA ALA D 74 -18.21 -15.04 -6.74
C ALA D 74 -18.37 -14.49 -5.33
N ARG D 75 -18.80 -15.34 -4.41
CA ARG D 75 -18.64 -15.03 -2.99
C ARG D 75 -17.16 -15.23 -2.65
N VAL D 76 -16.58 -14.30 -1.90
CA VAL D 76 -15.12 -14.30 -1.75
C VAL D 76 -14.69 -14.12 -0.30
N PHE D 77 -13.49 -14.59 0.01
CA PHE D 77 -12.93 -14.45 1.35
C PHE D 77 -11.43 -14.20 1.28
N THR D 78 -10.95 -13.33 2.15
CA THR D 78 -9.52 -13.17 2.33
C THR D 78 -9.32 -12.69 3.76
N GLY D 79 -8.09 -12.38 4.13
CA GLY D 79 -7.84 -11.88 5.47
C GLY D 79 -6.41 -11.46 5.67
N SER D 80 -6.11 -10.82 6.80
CA SER D 80 -4.74 -10.45 7.11
C SER D 80 -4.59 -9.99 8.55
N SER D 81 -3.44 -9.39 8.83
CA SER D 81 -3.05 -8.95 10.16
C SER D 81 -2.03 -7.83 10.03
N GLY D 82 -2.00 -6.93 11.01
CA GLY D 82 -0.91 -5.98 11.12
C GLY D 82 -0.57 -5.18 9.87
N VAL D 83 0.70 -5.20 9.46
CA VAL D 83 1.15 -4.41 8.32
C VAL D 83 0.60 -4.96 7.02
N GLY D 84 0.04 -6.17 7.07
CA GLY D 84 -0.67 -6.70 5.93
C GLY D 84 -1.94 -5.91 5.68
N VAL D 85 -2.57 -5.49 6.78
CA VAL D 85 -3.79 -4.69 6.70
C VAL D 85 -3.50 -3.32 6.10
N THR D 86 -2.40 -2.70 6.52
CA THR D 86 -2.05 -1.39 5.95
C THR D 86 -1.48 -1.52 4.54
N TYR D 87 -0.79 -2.61 4.22
CA TYR D 87 -0.26 -2.78 2.86
C TYR D 87 -1.40 -2.86 1.84
N ALA D 88 -2.54 -3.43 2.24
CA ALA D 88 -3.68 -3.55 1.32
C ALA D 88 -4.59 -2.31 1.28
N MET D 89 -4.23 -1.27 2.03
CA MET D 89 -5.08 -0.08 2.23
C MET D 89 -5.69 0.51 0.96
N GLU D 90 -4.92 0.58 -0.13
CA GLU D 90 -5.41 1.25 -1.34
C GLU D 90 -6.70 0.65 -1.86
N VAL D 91 -6.90 -0.64 -1.61
CA VAL D 91 -7.95 -1.38 -2.30
C VAL D 91 -9.29 -1.33 -1.54
N TYR D 92 -9.26 -0.95 -0.27
CA TYR D 92 -10.47 -0.98 0.56
C TYR D 92 -11.56 -0.06 0.04
N SER D 93 -11.19 1.15 -0.35
CA SER D 93 -12.19 2.09 -0.83
C SER D 93 -12.78 1.69 -2.19
N PRO D 94 -11.94 1.27 -3.16
CA PRO D 94 -12.52 0.72 -4.40
C PRO D 94 -13.51 -0.43 -4.18
N ILE D 95 -13.25 -1.30 -3.20
CA ILE D 95 -14.16 -2.40 -2.93
C ILE D 95 -15.51 -1.89 -2.40
N SER D 96 -15.45 -1.01 -1.42
CA SER D 96 -16.64 -0.44 -0.83
C SER D 96 -17.43 0.39 -1.86
N GLY D 97 -16.74 1.31 -2.52
CA GLY D 97 -17.38 2.20 -3.48
C GLY D 97 -17.97 1.49 -4.68
N GLU D 98 -17.47 0.31 -5.01
CA GLU D 98 -18.07 -0.49 -6.06
C GLU D 98 -19.10 -1.47 -5.50
N ARG D 99 -19.39 -1.33 -4.21
CA ARG D 99 -20.43 -2.11 -3.54
C ARG D 99 -20.25 -3.63 -3.71
N LEU D 100 -19.02 -4.09 -3.46
CA LEU D 100 -18.70 -5.51 -3.54
C LEU D 100 -18.53 -6.04 -2.11
N PRO D 101 -19.44 -6.94 -1.69
CA PRO D 101 -19.47 -7.41 -0.31
C PRO D 101 -18.37 -8.43 -0.01
N VAL D 102 -17.14 -8.09 -0.37
CA VAL D 102 -15.95 -8.79 0.09
C VAL D 102 -15.94 -8.97 1.60
N GLN D 103 -15.63 -10.17 2.08
CA GLN D 103 -15.35 -10.31 3.50
C GLN D 103 -13.86 -10.54 3.72
N MET D 104 -13.31 -9.79 4.67
CA MET D 104 -11.92 -9.90 5.07
C MET D 104 -11.84 -10.14 6.57
N ALA D 105 -11.23 -11.26 6.97
CA ALA D 105 -11.00 -11.52 8.38
C ALA D 105 -9.76 -10.75 8.79
N ILE D 106 -9.81 -10.08 9.93
CA ILE D 106 -8.59 -9.54 10.49
C ILE D 106 -8.35 -10.12 11.88
N ALA D 107 -7.30 -10.93 12.03
CA ALA D 107 -6.80 -11.28 13.36
C ALA D 107 -5.73 -10.26 13.68
N ASP D 108 -5.97 -9.44 14.70
N ASP D 108 -5.98 -9.42 14.68
CA ASP D 108 -5.14 -8.26 14.96
CA ASP D 108 -5.18 -8.22 14.90
C ASP D 108 -3.66 -8.57 15.21
C ASP D 108 -3.73 -8.50 15.25
N ARG D 109 -2.83 -7.75 14.59
N ARG D 109 -2.86 -7.59 14.83
CA ARG D 109 -1.39 -7.78 14.82
CA ARG D 109 -1.44 -7.65 15.14
C ARG D 109 -0.95 -6.32 14.86
C ARG D 109 -0.85 -6.24 15.13
N THR D 110 -0.02 -5.99 15.76
N THR D 110 0.02 -5.95 16.09
CA THR D 110 0.51 -4.63 15.82
CA THR D 110 0.70 -4.67 16.15
C THR D 110 1.11 -4.20 14.50
C THR D 110 1.40 -4.33 14.83
N LEU D 111 1.17 -2.89 14.26
N LEU D 111 1.21 -3.10 14.36
CA LEU D 111 1.94 -2.40 13.13
CA LEU D 111 1.93 -2.63 13.17
C LEU D 111 3.44 -2.52 13.44
C LEU D 111 3.43 -2.50 13.47
N ASP D 112 4.28 -2.20 12.48
N ASP D 112 4.25 -2.59 12.42
CA ASP D 112 5.72 -2.08 12.71
CA ASP D 112 5.66 -2.23 12.52
C ASP D 112 6.05 -0.61 12.99
C ASP D 112 5.77 -0.74 12.82
N PRO D 113 6.59 -0.32 14.18
N PRO D 113 6.90 -0.30 13.41
CA PRO D 113 6.82 -1.17 15.34
CA PRO D 113 8.11 -1.02 13.76
C PRO D 113 5.58 -1.17 16.24
C PRO D 113 8.27 -1.21 15.27
N PRO D 114 5.51 -2.05 17.27
N PRO D 114 9.09 -2.19 15.67
CA PRO D 114 6.51 -2.97 17.82
CA PRO D 114 9.68 -3.17 14.76
C PRO D 114 6.72 -4.29 17.06
C PRO D 114 8.72 -4.32 14.52
N GLY D 115 5.96 -4.55 16.01
N GLY D 115 9.24 -5.47 14.13
CA GLY D 115 6.26 -5.70 15.16
CA GLY D 115 8.41 -6.66 14.04
C GLY D 115 5.41 -6.96 15.28
C GLY D 115 7.90 -7.03 15.43
N ASP D 116 6.07 -8.12 15.25
N ASP D 116 6.57 -7.01 15.59
CA ASP D 116 5.39 -9.38 14.95
CA ASP D 116 5.96 -7.49 16.82
C ASP D 116 4.82 -10.16 16.15
C ASP D 116 4.77 -8.37 16.51
N PHE D 117 5.04 -9.71 17.38
N PHE D 117 4.76 -9.55 17.10
CA PHE D 117 4.59 -10.52 18.52
CA PHE D 117 3.77 -10.57 16.80
C PHE D 117 3.07 -10.63 18.62
C PHE D 117 2.49 -10.44 17.62
N GLY D 118 2.43 -9.62 19.20
N GLY D 118 2.54 -9.62 18.67
CA GLY D 118 1.03 -9.72 19.59
CA GLY D 118 1.40 -9.41 19.53
C GLY D 118 0.12 -8.65 19.02
C GLY D 118 0.33 -8.54 18.90
N GLU D 119 -1.09 -8.58 19.55
N GLU D 119 -0.82 -8.43 19.55
CA GLU D 119 -2.15 -7.77 18.95
CA GLU D 119 -1.95 -7.72 18.97
C GLU D 119 -2.30 -6.37 19.52
C GLU D 119 -2.17 -6.30 19.49
N GLU D 120 -2.73 -5.46 18.62
CA GLU D 120 -3.34 -4.19 18.99
C GLU D 120 -4.49 -4.10 18.01
N HIS D 121 -5.51 -3.32 18.33
CA HIS D 121 -6.60 -3.12 17.39
C HIS D 121 -6.25 -2.05 16.35
N THR D 122 -5.05 -1.48 16.52
CA THR D 122 -4.56 -0.41 15.65
C THR D 122 -4.65 -0.73 14.16
N ASP D 123 -4.21 -1.93 13.77
CA ASP D 123 -4.23 -2.30 12.36
C ASP D 123 -5.62 -2.14 11.75
N ALA D 124 -6.62 -2.80 12.31
CA ALA D 124 -7.97 -2.78 11.72
C ALA D 124 -8.61 -1.40 11.86
N GLU D 125 -8.27 -0.66 12.90
CA GLU D 125 -8.90 0.63 13.09
C GLU D 125 -8.42 1.65 12.06
N CYS D 126 -7.27 1.38 11.43
CA CYS D 126 -6.82 2.23 10.32
C CYS D 126 -7.82 2.24 9.18
N CYS D 127 -8.70 1.24 9.15
CA CYS D 127 -9.64 1.07 8.05
C CYS D 127 -11.01 1.65 8.33
N ARG D 128 -11.15 2.41 9.41
CA ARG D 128 -12.48 2.75 9.91
C ARG D 128 -13.25 3.75 9.03
N ASP D 129 -12.56 4.37 8.07
CA ASP D 129 -13.21 5.33 7.16
C ASP D 129 -13.68 4.71 5.84
N GLN D 130 -13.28 3.47 5.57
CA GLN D 130 -13.36 2.92 4.22
C GLN D 130 -14.77 2.56 3.72
N GLY D 131 -15.75 2.54 4.62
CA GLY D 131 -17.12 2.22 4.24
C GLY D 131 -17.38 0.73 4.28
N TRP D 132 -16.90 0.09 5.35
CA TRP D 132 -17.07 -1.34 5.56
C TRP D 132 -17.88 -1.63 6.81
N ILE D 133 -18.57 -2.76 6.83
CA ILE D 133 -19.08 -3.28 8.10
C ILE D 133 -17.87 -3.78 8.90
N GLN D 134 -17.87 -3.58 10.22
CA GLN D 134 -16.70 -3.91 11.02
C GLN D 134 -17.07 -4.15 12.49
N GLY D 135 -16.51 -5.22 13.05
CA GLY D 135 -16.75 -5.57 14.44
C GLY D 135 -15.79 -6.63 14.93
N TRP D 136 -15.68 -6.75 16.25
CA TRP D 136 -14.72 -7.65 16.88
C TRP D 136 -15.38 -8.84 17.58
N ALA D 137 -15.01 -10.04 17.16
CA ALA D 137 -15.39 -11.25 17.87
C ALA D 137 -14.52 -11.41 19.10
N SER D 138 -15.12 -11.84 20.21
CA SER D 138 -14.38 -11.97 21.47
C SER D 138 -14.16 -13.42 21.86
N THR D 139 -14.80 -14.33 21.12
CA THR D 139 -14.64 -15.77 21.33
C THR D 139 -14.57 -16.46 19.98
N PRO D 140 -13.99 -17.67 19.95
CA PRO D 140 -14.00 -18.44 18.70
C PRO D 140 -15.42 -18.68 18.17
N GLN D 141 -16.37 -19.00 19.05
CA GLN D 141 -17.76 -19.15 18.62
C GLN D 141 -18.29 -17.92 17.89
N GLU D 142 -18.09 -16.75 18.49
CA GLU D 142 -18.52 -15.49 17.88
C GLU D 142 -17.78 -15.24 16.57
N ALA D 143 -16.51 -15.65 16.51
CA ALA D 143 -15.73 -15.51 15.29
C ALA D 143 -16.39 -16.23 14.12
N LEU D 144 -16.81 -17.48 14.36
CA LEU D 144 -17.55 -18.23 13.34
C LEU D 144 -18.87 -17.55 13.02
N ASP D 145 -19.63 -17.20 14.05
CA ASP D 145 -20.96 -16.63 13.87
C ASP D 145 -20.92 -15.31 13.09
N ASN D 146 -19.97 -14.44 13.43
CA ASN D 146 -19.82 -13.16 12.71
C ASN D 146 -19.49 -13.37 11.24
N THR D 147 -18.75 -14.43 10.93
CA THR D 147 -18.43 -14.75 9.55
C THR D 147 -19.72 -14.92 8.75
N LEU D 148 -20.64 -15.71 9.28
CA LEU D 148 -21.91 -15.93 8.62
C LEU D 148 -22.80 -14.69 8.63
N ILE D 149 -22.85 -14.00 9.78
CA ILE D 149 -23.71 -12.83 9.90
C ILE D 149 -23.24 -11.71 8.98
N TYR D 150 -21.94 -11.53 8.85
CA TYR D 150 -21.45 -10.43 8.01
C TYR D 150 -21.67 -10.72 6.52
N TYR D 151 -21.58 -11.99 6.11
CA TYR D 151 -21.94 -12.34 4.74
C TYR D 151 -23.42 -12.05 4.44
N ARG D 152 -24.30 -12.39 5.38
CA ARG D 152 -25.72 -12.17 5.17
C ARG D 152 -26.06 -10.67 5.12
N VAL D 153 -25.48 -9.90 6.03
CA VAL D 153 -25.78 -8.48 6.08
C VAL D 153 -25.13 -7.76 4.90
N GLY D 154 -23.84 -8.03 4.70
CA GLY D 154 -23.10 -7.39 3.62
C GLY D 154 -23.66 -7.65 2.23
N GLU D 155 -24.08 -8.89 1.97
CA GLU D 155 -24.56 -9.27 0.63
C GLU D 155 -26.04 -8.97 0.40
N ASP D 156 -26.76 -8.57 1.44
CA ASP D 156 -28.15 -8.15 1.30
C ASP D 156 -28.23 -7.04 0.27
N GLN D 157 -29.19 -7.14 -0.65
CA GLN D 157 -29.23 -6.23 -1.78
C GLN D 157 -29.54 -4.79 -1.39
N ARG D 158 -29.91 -4.58 -0.12
CA ARG D 158 -30.11 -3.24 0.39
C ARG D 158 -28.78 -2.62 0.83
N VAL D 159 -27.78 -3.47 1.04
CA VAL D 159 -26.51 -3.07 1.63
C VAL D 159 -25.38 -3.13 0.62
N LEU D 160 -24.98 -4.35 0.28
CA LEU D 160 -23.91 -4.60 -0.69
C LEU D 160 -22.67 -3.80 -0.30
N LEU D 161 -22.13 -4.14 0.86
CA LEU D 161 -20.94 -3.51 1.41
C LEU D 161 -20.03 -4.59 1.96
N PRO D 162 -18.71 -4.38 1.83
CA PRO D 162 -17.71 -5.32 2.36
C PRO D 162 -17.67 -5.30 3.88
N GLN D 163 -17.11 -6.34 4.49
CA GLN D 163 -17.07 -6.44 5.95
C GLN D 163 -15.70 -6.83 6.47
N TYR D 164 -15.27 -6.20 7.56
CA TYR D 164 -14.10 -6.64 8.31
C TYR D 164 -14.57 -7.49 9.49
N ALA D 165 -14.43 -8.80 9.42
CA ALA D 165 -14.71 -9.65 10.57
C ALA D 165 -13.44 -9.76 11.41
N CYS D 166 -13.38 -8.98 12.47
CA CYS D 166 -12.17 -8.87 13.28
C CYS D 166 -12.20 -9.77 14.50
N LEU D 167 -11.02 -10.23 14.90
CA LEU D 167 -10.87 -11.02 16.11
C LEU D 167 -9.48 -10.77 16.72
N ASP D 168 -9.41 -10.76 18.04
CA ASP D 168 -8.17 -10.47 18.71
C ASP D 168 -7.10 -11.48 18.36
N GLY D 169 -5.90 -10.99 18.04
CA GLY D 169 -4.78 -11.85 17.74
C GLY D 169 -4.35 -12.62 18.97
N TYR D 170 -4.05 -13.89 18.78
CA TYR D 170 -3.76 -14.87 19.84
C TYR D 170 -4.96 -15.15 20.75
N PHE D 171 -5.48 -14.11 21.41
CA PHE D 171 -6.50 -14.33 22.43
C PHE D 171 -7.80 -14.91 21.89
N VAL D 172 -8.10 -14.65 20.61
CA VAL D 172 -9.19 -15.35 19.96
C VAL D 172 -8.65 -16.29 18.89
N SER D 173 -7.63 -15.84 18.17
CA SER D 173 -7.13 -16.58 17.00
C SER D 173 -6.48 -17.91 17.37
N HIS D 174 -5.92 -18.01 18.57
CA HIS D 174 -5.19 -19.22 18.96
C HIS D 174 -5.79 -19.96 20.13
N ILE D 175 -6.20 -19.22 21.17
CA ILE D 175 -6.76 -19.85 22.35
C ILE D 175 -8.03 -20.63 22.01
N LEU D 176 -8.03 -21.90 22.38
CA LEU D 176 -9.12 -22.81 22.08
C LEU D 176 -10.36 -22.50 22.89
N GLY D 177 -11.51 -22.70 22.28
CA GLY D 177 -12.77 -22.46 22.96
C GLY D 177 -13.87 -23.33 22.39
N PRO D 178 -14.95 -23.53 23.16
CA PRO D 178 -16.06 -24.37 22.72
C PRO D 178 -16.83 -23.69 21.59
N VAL D 179 -16.95 -24.38 20.45
CA VAL D 179 -17.68 -23.82 19.33
C VAL D 179 -18.73 -24.80 18.81
N ASP D 180 -19.97 -24.36 18.77
CA ASP D 180 -21.06 -25.11 18.19
C ASP D 180 -21.05 -24.86 16.69
N ILE D 181 -20.54 -25.83 15.93
CA ILE D 181 -20.45 -25.68 14.49
C ILE D 181 -21.80 -26.01 13.84
N PRO D 182 -22.38 -25.04 13.13
CA PRO D 182 -23.67 -25.25 12.44
C PRO D 182 -23.56 -26.30 11.35
N ASP D 183 -24.70 -26.85 10.94
CA ASP D 183 -24.73 -27.78 9.82
C ASP D 183 -25.20 -27.05 8.57
N GLU D 184 -25.02 -27.70 7.42
CA GLU D 184 -25.29 -27.05 6.14
C GLU D 184 -26.74 -26.58 5.99
N ALA D 185 -27.69 -27.34 6.51
CA ALA D 185 -29.10 -26.96 6.36
C ALA D 185 -29.36 -25.62 7.06
N GLN D 186 -28.78 -25.43 8.23
CA GLN D 186 -28.94 -24.18 8.96
C GLN D 186 -28.42 -22.99 8.16
N VAL D 187 -27.21 -23.12 7.63
CA VAL D 187 -26.60 -22.00 6.92
C VAL D 187 -27.35 -21.70 5.63
N LYS D 188 -27.88 -22.73 4.98
CA LYS D 188 -28.64 -22.53 3.74
C LYS D 188 -29.96 -21.79 4.00
N GLU D 189 -30.48 -21.88 5.22
CA GLU D 189 -31.71 -21.16 5.55
C GLU D 189 -31.39 -19.72 5.92
N PHE D 190 -30.17 -19.49 6.41
CA PHE D 190 -29.77 -18.18 6.90
C PHE D 190 -29.13 -17.32 5.81
N LEU D 191 -28.37 -17.95 4.92
CA LEU D 191 -27.52 -17.23 3.98
C LEU D 191 -27.85 -17.52 2.52
N PRO D 192 -28.62 -16.62 1.87
CA PRO D 192 -28.92 -16.80 0.45
C PRO D 192 -27.67 -16.59 -0.41
N PRO D 193 -27.67 -17.14 -1.63
CA PRO D 193 -26.53 -16.96 -2.54
C PRO D 193 -26.32 -15.49 -2.90
N TYR D 194 -25.04 -15.12 -3.07
CA TYR D 194 -24.64 -13.76 -3.42
C TYR D 194 -25.20 -13.32 -4.76
N LYS D 195 -25.89 -12.18 -4.75
CA LYS D 195 -26.40 -11.57 -5.96
C LYS D 195 -26.21 -10.05 -5.87
N ASN D 196 -25.42 -9.50 -6.78
CA ASN D 196 -25.19 -8.07 -6.79
C ASN D 196 -26.06 -7.42 -7.86
N HIS D 197 -26.08 -6.09 -7.90
CA HIS D 197 -26.79 -5.34 -8.94
C HIS D 197 -25.96 -5.15 -10.20
N HIS D 198 -24.66 -5.37 -10.11
CA HIS D 198 -23.84 -5.38 -11.31
C HIS D 198 -22.89 -6.57 -11.26
N VAL D 199 -22.47 -7.01 -12.43
CA VAL D 199 -21.61 -8.18 -12.53
C VAL D 199 -20.95 -8.12 -13.90
N LEU D 200 -19.75 -8.69 -14.00
CA LEU D 200 -19.05 -8.74 -15.27
C LEU D 200 -19.50 -9.98 -16.03
N ASP D 201 -20.23 -9.76 -17.12
CA ASP D 201 -20.87 -10.84 -17.87
C ASP D 201 -21.16 -10.37 -19.29
N PRO D 202 -20.50 -10.99 -20.29
CA PRO D 202 -20.59 -10.57 -21.68
C PRO D 202 -22.01 -10.65 -22.26
N ARG D 203 -22.90 -11.43 -21.64
CA ARG D 203 -24.28 -11.51 -22.08
C ARG D 203 -25.07 -10.28 -21.65
N LYS D 204 -24.63 -9.62 -20.59
CA LYS D 204 -25.28 -8.40 -20.11
C LYS D 204 -24.21 -7.39 -19.71
N PRO D 205 -23.58 -6.75 -20.71
CA PRO D 205 -22.33 -6.02 -20.49
C PRO D 205 -22.54 -4.71 -19.72
N GLN D 206 -21.74 -4.53 -18.67
CA GLN D 206 -21.75 -3.31 -17.88
C GLN D 206 -20.36 -2.72 -17.78
N ILE D 207 -20.30 -1.41 -17.60
CA ILE D 207 -19.07 -0.67 -17.42
C ILE D 207 -18.99 -0.29 -15.94
N ILE D 208 -18.08 -0.94 -15.22
CA ILE D 208 -18.04 -0.85 -13.77
C ILE D 208 -16.90 0.06 -13.34
N GLY D 209 -17.26 1.21 -12.78
CA GLY D 209 -16.32 2.21 -12.33
C GLY D 209 -15.82 3.31 -13.28
N PRO D 210 -16.71 3.92 -14.09
N PRO D 210 -16.71 3.92 -14.07
CA PRO D 210 -16.21 4.96 -14.99
CA PRO D 210 -16.22 4.95 -14.98
C PRO D 210 -15.79 6.23 -14.24
C PRO D 210 -15.85 6.21 -14.23
N GLN D 211 -14.76 6.91 -14.72
N GLN D 211 -15.03 7.07 -14.83
CA GLN D 211 -14.28 8.17 -14.13
CA GLN D 211 -14.77 8.39 -14.26
C GLN D 211 -15.40 9.22 -14.04
C GLN D 211 -16.03 9.23 -14.35
N ILE D 212 -15.44 9.96 -12.93
N ILE D 212 -16.50 9.75 -13.22
CA ILE D 212 -16.45 10.99 -12.76
CA ILE D 212 -17.73 10.53 -13.21
C ILE D 212 -15.84 12.39 -12.59
C ILE D 212 -17.43 12.02 -13.28
N GLU D 213 -16.65 13.41 -12.85
N GLU D 213 -18.41 12.79 -13.72
CA GLU D 213 -16.23 14.79 -12.61
CA GLU D 213 -18.26 14.24 -13.87
C GLU D 213 -16.67 15.16 -11.20
C GLU D 213 -18.09 14.88 -12.50
N PRO D 214 -16.01 16.18 -10.61
N PRO D 214 -17.52 16.11 -12.45
CA PRO D 214 -16.33 16.63 -9.25
CA PRO D 214 -17.30 16.81 -11.18
C PRO D 214 -17.83 16.80 -8.97
C PRO D 214 -18.55 16.92 -10.31
N ALA D 215 -18.59 17.31 -9.93
N ALA D 215 -19.68 17.27 -10.93
CA ALA D 215 -20.01 17.54 -9.73
CA ALA D 215 -20.92 17.49 -10.21
C ALA D 215 -20.80 16.24 -9.53
C ALA D 215 -21.47 16.20 -9.61
N MET D 216 -20.23 15.11 -9.95
N MET D 216 -21.10 15.07 -10.19
CA MET D 216 -20.85 13.80 -9.75
CA MET D 216 -21.63 13.77 -9.77
C MET D 216 -20.46 13.20 -8.40
C MET D 216 -20.88 13.18 -8.57
N GLY D 217 -19.42 13.76 -7.79
N GLY D 217 -19.87 13.90 -8.09
CA GLY D 217 -18.89 13.30 -6.53
CA GLY D 217 -19.11 13.47 -6.94
C GLY D 217 -19.86 13.24 -5.36
C GLY D 217 -19.91 13.33 -5.66
N PRO D 218 -20.51 14.38 -5.04
N PRO D 218 -20.57 14.41 -5.23
CA PRO D 218 -21.47 14.39 -3.93
CA PRO D 218 -21.40 14.35 -4.02
C PRO D 218 -22.64 13.39 -4.08
C PRO D 218 -22.54 13.30 -4.06
N PRO D 219 -23.27 13.27 -5.27
N PRO D 219 -23.29 13.16 -5.16
CA PRO D 219 -24.33 12.25 -5.34
CA PRO D 219 -24.33 12.14 -5.11
C PRO D 219 -23.84 10.82 -5.04
C PRO D 219 -23.82 10.70 -5.03
N LEU D 220 -22.70 10.43 -5.60
N LEU D 220 -22.63 10.43 -5.56
CA LEU D 220 -22.22 9.08 -5.41
CA LEU D 220 -22.07 9.09 -5.47
C LEU D 220 -21.76 8.83 -3.98
C LEU D 220 -21.62 8.80 -4.04
N GLN D 221 -21.09 9.82 -3.37
CA GLN D 221 -20.65 9.66 -1.99
C GLN D 221 -21.87 9.55 -1.06
N TYR D 222 -22.90 10.35 -1.36
CA TYR D 222 -24.11 10.33 -0.55
C TYR D 222 -24.87 9.03 -0.72
N GLN D 223 -24.83 8.49 -1.92
CA GLN D 223 -25.45 7.21 -2.21
C GLN D 223 -24.84 6.10 -1.33
N ARG D 224 -23.51 6.10 -1.19
CA ARG D 224 -22.86 5.10 -0.35
C ARG D 224 -23.15 5.36 1.13
N TYR D 225 -23.12 6.63 1.52
CA TYR D 225 -23.50 7.03 2.87
C TYR D 225 -24.86 6.43 3.26
N GLN D 226 -25.86 6.60 2.40
CA GLN D 226 -27.19 6.08 2.67
C GLN D 226 -27.18 4.55 2.78
N ALA D 227 -26.33 3.90 2.00
CA ALA D 227 -26.18 2.45 2.12
C ALA D 227 -25.62 2.09 3.49
N VAL D 228 -24.57 2.81 3.89
CA VAL D 228 -23.97 2.64 5.20
C VAL D 228 -25.00 2.83 6.33
N LYS D 229 -25.84 3.84 6.21
CA LYS D 229 -26.78 4.18 7.28
C LYS D 229 -27.91 3.16 7.41
N GLY D 230 -28.06 2.31 6.39
CA GLY D 230 -29.09 1.28 6.41
C GLY D 230 -28.64 -0.07 6.94
N VAL D 231 -27.35 -0.21 7.22
CA VAL D 231 -26.80 -1.48 7.70
C VAL D 231 -27.42 -1.95 9.02
N HIS D 232 -27.53 -1.04 9.99
CA HIS D 232 -28.01 -1.41 11.33
C HIS D 232 -29.34 -2.14 11.30
N LYS D 233 -30.29 -1.64 10.51
CA LYS D 233 -31.60 -2.29 10.37
C LYS D 233 -31.46 -3.74 9.87
N VAL D 234 -30.65 -3.93 8.84
CA VAL D 234 -30.45 -5.24 8.26
C VAL D 234 -29.73 -6.16 9.24
N LEU D 235 -28.79 -5.60 9.99
CA LEU D 235 -28.05 -6.35 11.00
C LEU D 235 -28.97 -6.80 12.15
N GLU D 236 -29.95 -5.97 12.49
CA GLU D 236 -30.91 -6.34 13.51
C GLU D 236 -31.72 -7.54 13.03
N GLU D 237 -32.13 -7.51 11.78
CA GLU D 237 -32.87 -8.62 11.19
C GLU D 237 -32.02 -9.89 11.14
N ALA D 238 -30.73 -9.74 10.84
CA ALA D 238 -29.85 -10.90 10.75
C ALA D 238 -29.66 -11.52 12.12
N CYS D 239 -29.55 -10.69 13.15
CA CYS D 239 -29.35 -11.19 14.51
C CYS D 239 -30.61 -11.89 15.03
N ASP D 240 -31.76 -11.43 14.60
CA ASP D 240 -33.02 -12.07 14.98
C ASP D 240 -33.10 -13.45 14.33
N GLU D 241 -32.81 -13.51 13.03
CA GLU D 241 -32.83 -14.76 12.30
C GLU D 241 -31.76 -15.74 12.80
N PHE D 242 -30.59 -15.23 13.17
CA PHE D 242 -29.52 -16.09 13.65
C PHE D 242 -29.93 -16.77 14.96
N ALA D 243 -30.56 -15.99 15.85
CA ALA D 243 -31.11 -16.53 17.09
C ALA D 243 -32.14 -17.63 16.82
N ARG D 244 -33.03 -17.36 15.87
CA ARG D 244 -34.07 -18.32 15.51
C ARG D 244 -33.49 -19.62 14.93
N ILE D 245 -32.51 -19.48 14.04
CA ILE D 245 -32.00 -20.64 13.30
C ILE D 245 -30.90 -21.39 14.04
N PHE D 246 -30.03 -20.67 14.74
CA PHE D 246 -28.86 -21.30 15.36
C PHE D 246 -28.99 -21.45 16.86
N GLY D 247 -29.90 -20.69 17.46
CA GLY D 247 -30.14 -20.77 18.89
C GLY D 247 -29.21 -19.88 19.71
N ARG D 248 -28.48 -19.00 19.05
CA ARG D 248 -27.62 -18.06 19.76
C ARG D 248 -28.08 -16.64 19.47
N LYS D 249 -28.34 -15.88 20.53
CA LYS D 249 -28.89 -14.55 20.37
C LYS D 249 -27.86 -13.47 20.66
N TYR D 250 -27.44 -12.79 19.60
CA TYR D 250 -26.49 -11.69 19.72
C TYR D 250 -27.20 -10.34 19.74
N ASP D 251 -26.76 -9.45 20.61
CA ASP D 251 -27.16 -8.05 20.51
C ASP D 251 -26.46 -7.43 19.28
N PRO D 252 -27.20 -6.65 18.48
CA PRO D 252 -26.52 -6.13 17.29
C PRO D 252 -25.45 -5.10 17.61
N TYR D 253 -25.49 -4.52 18.80
CA TYR D 253 -24.63 -3.38 19.10
C TYR D 253 -23.75 -3.58 20.32
N LEU D 254 -24.36 -4.01 21.42
CA LEU D 254 -23.67 -4.04 22.71
C LEU D 254 -23.94 -5.32 23.49
N ASP D 255 -22.87 -5.97 23.91
CA ASP D 255 -22.92 -7.10 24.82
C ASP D 255 -22.75 -6.58 26.24
N GLU D 256 -23.86 -6.34 26.94
CA GLU D 256 -23.84 -5.76 28.27
C GLU D 256 -23.83 -6.81 29.35
N TYR D 257 -23.04 -6.57 30.39
CA TYR D 257 -22.93 -7.49 31.50
C TYR D 257 -23.01 -6.72 32.81
N LEU D 258 -24.04 -7.02 33.60
CA LEU D 258 -24.24 -6.41 34.92
C LEU D 258 -24.35 -4.88 34.85
N THR D 259 -25.11 -4.39 33.88
CA THR D 259 -25.27 -2.95 33.70
C THR D 259 -26.57 -2.44 34.33
N ASP D 260 -27.43 -3.37 34.72
CA ASP D 260 -28.77 -3.05 35.25
C ASP D 260 -28.75 -1.94 36.31
N ASP D 261 -27.87 -2.08 37.29
CA ASP D 261 -27.74 -1.06 38.31
C ASP D 261 -26.29 -0.64 38.53
N ALA D 262 -25.45 -0.85 37.52
CA ALA D 262 -24.07 -0.42 37.59
C ALA D 262 -24.04 1.09 37.66
N GLU D 263 -23.07 1.62 38.40
CA GLU D 263 -22.88 3.06 38.46
C GLU D 263 -21.74 3.47 37.54
N VAL D 264 -20.78 2.57 37.35
CA VAL D 264 -19.71 2.77 36.39
C VAL D 264 -19.56 1.53 35.53
N ILE D 265 -19.15 1.71 34.28
CA ILE D 265 -18.88 0.58 33.42
C ILE D 265 -17.55 0.79 32.71
N ILE D 266 -16.99 -0.30 32.22
CA ILE D 266 -15.90 -0.20 31.26
C ILE D 266 -16.47 -0.57 29.91
N PHE D 267 -16.20 0.29 28.92
CA PHE D 267 -16.67 0.11 27.55
C PHE D 267 -15.45 -0.17 26.66
N GLY D 268 -15.58 -1.15 25.77
CA GLY D 268 -14.50 -1.51 24.87
C GLY D 268 -14.93 -2.66 23.97
N GLN D 269 -13.99 -3.25 23.24
CA GLN D 269 -14.34 -4.33 22.33
C GLN D 269 -13.35 -5.49 22.36
N GLY D 270 -13.77 -6.65 21.85
CA GLY D 270 -12.88 -7.79 21.72
C GLY D 270 -12.64 -8.59 22.99
N ALA D 271 -11.59 -9.39 22.97
CA ALA D 271 -11.40 -10.47 23.96
C ALA D 271 -11.12 -9.97 25.37
N HIS D 272 -10.43 -8.84 25.49
CA HIS D 272 -10.06 -8.31 26.81
C HIS D 272 -11.30 -7.89 27.62
N MET D 273 -12.41 -7.65 26.94
CA MET D 273 -13.67 -7.33 27.61
C MET D 273 -14.21 -8.51 28.40
N GLU D 274 -13.84 -9.72 27.98
CA GLU D 274 -14.29 -10.90 28.69
C GLU D 274 -13.57 -10.94 30.03
N THR D 275 -12.32 -10.49 30.02
CA THR D 275 -11.55 -10.40 31.25
C THR D 275 -12.16 -9.34 32.15
N ALA D 276 -12.60 -8.24 31.55
CA ALA D 276 -13.27 -7.17 32.28
C ALA D 276 -14.53 -7.68 32.98
N LYS D 277 -15.26 -8.58 32.33
CA LYS D 277 -16.45 -9.16 32.94
C LYS D 277 -16.13 -9.97 34.19
N ALA D 278 -15.02 -10.69 34.15
CA ALA D 278 -14.62 -11.56 35.25
C ALA D 278 -14.26 -10.72 36.44
N VAL D 279 -13.60 -9.59 36.18
CA VAL D 279 -13.23 -8.65 37.23
C VAL D 279 -14.49 -8.00 37.80
N ALA D 280 -15.43 -7.63 36.93
CA ALA D 280 -16.66 -6.98 37.36
C ALA D 280 -17.44 -7.85 38.34
N ARG D 281 -17.54 -9.14 38.02
CA ARG D 281 -18.29 -10.08 38.86
C ARG D 281 -17.65 -10.22 40.23
N ARG D 282 -16.33 -10.24 40.27
CA ARG D 282 -15.60 -10.31 41.54
C ARG D 282 -15.86 -9.06 42.38
N LEU D 283 -15.81 -7.89 41.73
CA LEU D 283 -16.07 -6.64 42.43
C LEU D 283 -17.53 -6.55 42.87
N ARG D 284 -18.44 -7.18 42.11
CA ARG D 284 -19.85 -7.22 42.46
C ARG D 284 -20.08 -8.02 43.75
N ASN D 285 -19.34 -9.11 43.90
CA ASN D 285 -19.45 -9.92 45.11
C ASN D 285 -18.95 -9.16 46.32
N LEU D 286 -18.12 -8.15 46.06
CA LEU D 286 -17.66 -7.26 47.11
C LEU D 286 -18.64 -6.08 47.30
N GLY D 287 -19.69 -6.05 46.50
CA GLY D 287 -20.71 -5.01 46.61
C GLY D 287 -20.49 -3.78 45.74
N GLU D 288 -19.50 -3.84 44.85
CA GLU D 288 -19.27 -2.74 43.91
C GLU D 288 -20.28 -2.79 42.77
N LYS D 289 -20.89 -1.66 42.46
CA LYS D 289 -21.87 -1.60 41.38
C LYS D 289 -21.17 -1.24 40.07
N VAL D 290 -20.37 -2.17 39.58
CA VAL D 290 -19.62 -2.02 38.34
C VAL D 290 -20.21 -2.91 37.26
N GLY D 291 -20.00 -2.53 36.00
CA GLY D 291 -20.49 -3.29 34.88
C GLY D 291 -19.59 -3.17 33.65
N VAL D 292 -19.98 -3.84 32.57
CA VAL D 292 -19.18 -3.89 31.35
C VAL D 292 -20.08 -3.82 30.12
N ALA D 293 -19.70 -2.99 29.14
CA ALA D 293 -20.39 -2.98 27.86
C ALA D 293 -19.40 -3.22 26.73
N ARG D 294 -19.51 -4.38 26.11
CA ARG D 294 -18.62 -4.76 25.02
C ARG D 294 -19.24 -4.39 23.68
N LEU D 295 -18.52 -3.60 22.89
CA LEU D 295 -18.99 -3.16 21.57
C LEU D 295 -18.90 -4.29 20.55
N ARG D 296 -20.04 -4.70 20.01
CA ARG D 296 -20.04 -5.81 19.05
C ARG D 296 -19.89 -5.30 17.63
N THR D 297 -20.37 -4.08 17.39
CA THR D 297 -20.36 -3.52 16.05
C THR D 297 -19.64 -2.18 16.04
N PHE D 298 -18.49 -2.15 15.38
CA PHE D 298 -17.64 -0.96 15.34
C PHE D 298 -18.02 -0.06 14.15
N ARG D 299 -18.38 -0.67 13.03
CA ARG D 299 -18.83 0.10 11.86
C ARG D 299 -20.05 -0.57 11.22
N PRO D 300 -21.08 0.22 10.89
CA PRO D 300 -21.19 1.64 11.23
C PRO D 300 -21.40 1.83 12.73
N PHE D 301 -20.84 2.90 13.28
CA PHE D 301 -20.83 3.09 14.72
C PHE D 301 -22.25 3.26 15.23
N PRO D 302 -22.58 2.59 16.34
CA PRO D 302 -23.93 2.69 16.94
C PRO D 302 -24.08 3.94 17.79
N THR D 303 -23.95 5.12 17.17
CA THR D 303 -23.98 6.39 17.90
C THR D 303 -25.22 6.52 18.79
N GLU D 304 -26.38 6.34 18.20
CA GLU D 304 -27.64 6.60 18.90
C GLU D 304 -27.98 5.49 19.88
N GLN D 305 -27.57 4.27 19.57
CA GLN D 305 -27.80 3.14 20.45
C GLN D 305 -26.96 3.29 21.72
N ILE D 306 -25.74 3.79 21.54
CA ILE D 306 -24.86 4.08 22.66
C ILE D 306 -25.40 5.26 23.49
N LYS D 307 -25.83 6.32 22.81
CA LYS D 307 -26.40 7.47 23.49
C LYS D 307 -27.59 7.05 24.36
N GLU D 308 -28.44 6.18 23.83
CA GLU D 308 -29.63 5.73 24.53
C GLU D 308 -29.34 4.76 25.67
N ARG D 309 -28.41 3.83 25.46
CA ARG D 309 -28.24 2.71 26.39
C ARG D 309 -27.14 2.93 27.43
N LEU D 310 -26.25 3.89 27.21
CA LEU D 310 -25.12 4.07 28.11
C LEU D 310 -25.08 5.42 28.80
N SER D 311 -26.15 6.21 28.67
CA SER D 311 -26.14 7.55 29.26
C SER D 311 -26.65 7.54 30.71
N LYS D 312 -26.90 6.36 31.25
CA LYS D 312 -27.41 6.21 32.62
C LYS D 312 -26.31 5.96 33.66
N PHE D 313 -25.05 6.05 33.26
CA PHE D 313 -23.95 5.75 34.18
C PHE D 313 -23.27 7.02 34.68
N LYS D 314 -22.70 6.95 35.89
CA LYS D 314 -21.98 8.08 36.45
C LYS D 314 -20.64 8.29 35.76
N ALA D 315 -20.02 7.18 35.38
CA ALA D 315 -18.72 7.24 34.73
C ALA D 315 -18.53 6.04 33.82
N ILE D 316 -17.93 6.28 32.67
CA ILE D 316 -17.58 5.23 31.73
C ILE D 316 -16.09 5.29 31.48
N GLY D 317 -15.41 4.16 31.69
CA GLY D 317 -14.01 4.06 31.33
C GLY D 317 -13.93 3.36 29.99
N VAL D 318 -13.26 3.97 29.03
CA VAL D 318 -13.19 3.40 27.69
C VAL D 318 -11.85 2.73 27.45
N LEU D 319 -11.86 1.43 27.15
CA LEU D 319 -10.63 0.73 26.85
C LEU D 319 -10.31 0.79 25.36
N ASP D 320 -9.14 1.32 25.04
CA ASP D 320 -8.61 1.24 23.69
C ASP D 320 -7.36 0.37 23.67
N VAL D 321 -7.48 -0.83 23.12
CA VAL D 321 -6.32 -1.70 22.94
C VAL D 321 -5.64 -1.33 21.62
N SER D 322 -5.06 -0.14 21.58
CA SER D 322 -4.55 0.41 20.34
C SER D 322 -3.66 1.62 20.57
N ALA D 323 -2.94 2.00 19.53
CA ALA D 323 -2.10 3.19 19.59
C ALA D 323 -2.54 4.15 18.49
N ASN D 324 -3.62 4.88 18.76
CA ASN D 324 -4.09 5.87 17.81
C ASN D 324 -3.45 7.20 18.13
N PHE D 325 -2.26 7.43 17.56
CA PHE D 325 -1.44 8.55 17.99
C PHE D 325 -2.03 9.90 17.61
N GLY D 326 -1.95 10.85 18.54
CA GLY D 326 -2.30 12.24 18.28
C GLY D 326 -3.79 12.56 18.33
N ILE D 327 -4.59 11.54 18.60
CA ILE D 327 -6.04 11.69 18.57
C ILE D 327 -6.55 12.59 19.70
N SER D 328 -7.67 13.26 19.44
CA SER D 328 -8.36 14.06 20.45
C SER D 328 -8.56 13.26 21.74
N CYS D 329 -8.15 13.87 22.85
CA CYS D 329 -8.25 13.32 24.23
C CYS D 329 -7.17 12.28 24.58
N SER D 330 -6.32 11.94 23.63
CA SER D 330 -5.10 11.16 23.87
C SER D 330 -5.34 9.78 24.47
N GLY D 331 -6.54 9.25 24.28
CA GLY D 331 -6.80 7.84 24.55
C GLY D 331 -6.64 7.09 23.24
N GLY D 332 -7.70 6.43 22.81
CA GLY D 332 -7.72 5.86 21.47
C GLY D 332 -9.00 6.27 20.76
N VAL D 333 -9.33 5.57 19.68
CA VAL D 333 -10.48 5.93 18.85
C VAL D 333 -11.82 5.74 19.56
N LEU D 334 -11.96 4.71 20.38
CA LEU D 334 -13.23 4.43 21.03
C LEU D 334 -13.61 5.55 22.01
N LEU D 335 -12.62 6.06 22.71
CA LEU D 335 -12.87 7.18 23.62
C LEU D 335 -13.40 8.40 22.88
N SER D 336 -12.81 8.71 21.73
CA SER D 336 -13.27 9.88 20.99
C SER D 336 -14.67 9.66 20.43
N GLU D 337 -14.97 8.45 19.97
CA GLU D 337 -16.24 8.22 19.32
C GLU D 337 -17.39 7.99 20.32
N LEU D 338 -17.05 7.46 21.50
CA LEU D 338 -18.04 7.33 22.55
C LEU D 338 -18.42 8.69 23.11
N ARG D 339 -17.43 9.56 23.32
CA ARG D 339 -17.69 10.91 23.79
C ARG D 339 -18.50 11.72 22.78
N ALA D 340 -18.21 11.54 21.50
CA ALA D 340 -18.97 12.24 20.47
C ALA D 340 -20.42 11.77 20.51
N ALA D 341 -20.62 10.49 20.81
CA ALA D 341 -21.96 9.91 20.86
C ALA D 341 -22.75 10.40 22.07
N LEU D 342 -22.06 10.52 23.20
CA LEU D 342 -22.69 10.87 24.47
C LEU D 342 -22.56 12.36 24.78
N TYR D 343 -22.14 13.13 23.78
CA TYR D 343 -21.85 14.56 23.94
C TYR D 343 -22.92 15.36 24.67
N ASP D 344 -24.19 15.08 24.38
CA ASP D 344 -25.30 15.81 25.01
C ASP D 344 -25.34 15.62 26.53
N TYR D 345 -24.74 14.54 27.01
CA TYR D 345 -24.74 14.20 28.42
C TYR D 345 -23.38 14.47 29.07
N GLY D 346 -22.54 15.22 28.38
CA GLY D 346 -21.15 15.43 28.80
C GLY D 346 -20.97 16.03 30.18
N ASP D 347 -21.95 16.77 30.64
CA ASP D 347 -21.88 17.36 31.97
C ASP D 347 -22.16 16.32 33.06
N LYS D 348 -22.92 15.28 32.74
CA LYS D 348 -23.35 14.32 33.76
C LYS D 348 -22.60 12.98 33.70
N VAL D 349 -22.38 12.48 32.49
CA VAL D 349 -21.70 11.19 32.32
C VAL D 349 -20.21 11.42 32.12
N LYS D 350 -19.43 11.21 33.17
CA LYS D 350 -17.99 11.39 33.11
C LYS D 350 -17.36 10.26 32.29
N THR D 351 -16.36 10.60 31.48
CA THR D 351 -15.69 9.60 30.65
C THR D 351 -14.18 9.73 30.76
N VAL D 352 -13.50 8.60 30.68
CA VAL D 352 -12.04 8.61 30.66
C VAL D 352 -11.56 7.41 29.84
N GLY D 353 -10.41 7.58 29.17
CA GLY D 353 -9.87 6.53 28.35
C GLY D 353 -8.77 5.74 29.04
N PHE D 354 -8.77 4.43 28.85
CA PHE D 354 -7.68 3.60 29.31
C PHE D 354 -7.02 2.96 28.09
N VAL D 355 -5.75 3.26 27.89
CA VAL D 355 -5.00 2.59 26.83
C VAL D 355 -4.18 1.47 27.47
N ALA D 356 -4.41 0.24 27.03
CA ALA D 356 -3.71 -0.90 27.58
C ALA D 356 -3.64 -2.03 26.57
N GLY D 357 -2.85 -3.05 26.87
CA GLY D 357 -2.67 -4.17 25.97
C GLY D 357 -1.85 -3.82 24.75
N LEU D 358 -1.05 -2.75 24.85
CA LEU D 358 -0.14 -2.37 23.78
C LEU D 358 0.82 -3.52 23.45
N GLY D 359 1.14 -3.67 22.18
CA GLY D 359 2.08 -4.70 21.73
C GLY D 359 1.68 -6.12 22.10
N GLY D 360 0.39 -6.36 22.26
CA GLY D 360 -0.07 -7.71 22.55
C GLY D 360 0.03 -8.14 24.00
N GLU D 361 0.37 -7.20 24.88
CA GLU D 361 0.35 -7.51 26.31
C GLU D 361 -1.06 -7.83 26.79
N VAL D 362 -1.16 -8.75 27.74
CA VAL D 362 -2.43 -9.06 28.38
C VAL D 362 -2.92 -7.85 29.16
N VAL D 363 -4.19 -7.49 28.98
CA VAL D 363 -4.83 -6.56 29.90
C VAL D 363 -5.24 -7.39 31.12
N THR D 364 -4.48 -7.27 32.20
CA THR D 364 -4.62 -8.19 33.33
C THR D 364 -5.79 -7.85 34.24
N HIS D 365 -6.18 -8.81 35.08
CA HIS D 365 -7.23 -8.59 36.08
C HIS D 365 -6.88 -7.41 36.96
N ASP D 366 -5.62 -7.31 37.34
CA ASP D 366 -5.18 -6.21 38.20
C ASP D 366 -5.36 -4.86 37.52
N GLU D 367 -4.93 -4.76 36.26
CA GLU D 367 -5.08 -3.52 35.53
C GLU D 367 -6.55 -3.11 35.41
N PHE D 368 -7.43 -4.08 35.23
CA PHE D 368 -8.87 -3.78 35.19
C PHE D 368 -9.37 -3.32 36.56
N TYR D 369 -8.82 -3.90 37.61
CA TYR D 369 -9.15 -3.49 38.96
C TYR D 369 -8.77 -2.02 39.16
N ARG D 370 -7.60 -1.65 38.67
CA ARG D 370 -7.12 -0.28 38.80
C ARG D 370 -7.96 0.65 37.91
N MET D 371 -8.53 0.09 36.84
CA MET D 371 -9.45 0.85 36.01
C MET D 371 -10.78 1.13 36.71
N PHE D 372 -11.39 0.08 37.27
CA PHE D 372 -12.65 0.25 38.01
C PHE D 372 -12.47 1.13 39.23
N GLN D 373 -11.29 1.09 39.85
CA GLN D 373 -11.04 1.91 41.02
C GLN D 373 -10.85 3.38 40.65
N LYS D 374 -10.34 3.64 39.44
CA LYS D 374 -10.27 5.01 38.94
C LYS D 374 -11.68 5.55 38.68
N LEU D 375 -12.53 4.71 38.10
CA LEU D 375 -13.91 5.09 37.81
C LEU D 375 -14.69 5.36 39.10
N LYS D 376 -14.48 4.53 40.10
CA LYS D 376 -15.11 4.69 41.41
C LYS D 376 -14.79 6.08 41.99
N GLU D 377 -13.53 6.47 41.88
CA GLU D 377 -13.07 7.78 42.34
C GLU D 377 -13.70 8.92 41.54
N ILE D 378 -13.68 8.79 40.22
CA ILE D 378 -14.30 9.77 39.33
C ILE D 378 -15.79 9.92 39.63
N ALA D 379 -16.47 8.81 39.85
CA ALA D 379 -17.89 8.83 40.14
C ALA D 379 -18.20 9.59 41.44
N LYS D 380 -17.36 9.40 42.44
CA LYS D 380 -17.59 10.03 43.75
C LYS D 380 -17.33 11.53 43.72
N THR D 381 -16.29 11.96 43.02
CA THR D 381 -15.95 13.38 42.97
C THR D 381 -16.63 14.07 41.80
N GLY D 382 -17.00 13.30 40.79
CA GLY D 382 -17.64 13.86 39.60
C GLY D 382 -16.66 14.65 38.76
N LYS D 383 -15.38 14.31 38.86
CA LYS D 383 -14.34 15.04 38.16
C LYS D 383 -13.33 14.12 37.47
N VAL D 384 -12.86 14.52 36.29
CA VAL D 384 -11.84 13.79 35.54
C VAL D 384 -10.59 14.65 35.42
N GLU D 385 -9.46 14.10 35.83
CA GLU D 385 -8.22 14.88 35.91
C GLU D 385 -7.47 14.94 34.61
N GLN D 386 -7.31 13.79 33.98
CA GLN D 386 -6.70 13.75 32.65
C GLN D 386 -7.61 12.79 31.87
N THR D 387 -7.75 13.05 30.58
CA THR D 387 -8.73 12.33 29.79
C THR D 387 -8.27 10.92 29.46
N SER D 388 -6.99 10.62 29.62
CA SER D 388 -6.50 9.27 29.34
C SER D 388 -5.41 8.81 30.31
N TYR D 389 -5.32 7.51 30.51
CA TYR D 389 -4.20 6.92 31.24
C TYR D 389 -3.62 5.80 30.41
N TRP D 390 -2.33 5.89 30.11
CA TRP D 390 -1.67 4.82 29.39
C TRP D 390 -1.13 3.81 30.39
N ILE D 391 -1.76 2.64 30.40
CA ILE D 391 -1.47 1.56 31.35
C ILE D 391 -0.32 0.69 30.82
N PRO D 392 0.66 0.35 31.69
CA PRO D 392 0.70 0.59 33.13
C PRO D 392 1.58 1.76 33.54
N PHE D 393 1.95 2.62 32.60
CA PHE D 393 2.86 3.70 32.91
C PHE D 393 2.19 4.83 33.70
N GLU D 394 0.88 4.97 33.57
CA GLU D 394 0.21 6.11 34.18
C GLU D 394 -0.90 5.72 35.15
N LEU D 395 -1.15 4.42 35.28
CA LEU D 395 -2.22 3.94 36.14
C LEU D 395 -2.06 2.44 36.40
N SER E 2 -2.39 -6.10 47.34
CA SER E 2 -3.09 -5.63 46.16
C SER E 2 -4.31 -6.51 45.86
N THR E 3 -4.28 -7.17 44.71
CA THR E 3 -5.38 -8.02 44.28
C THR E 3 -4.96 -9.49 44.17
N LYS E 4 -3.89 -9.84 44.87
CA LYS E 4 -3.35 -11.20 44.84
C LYS E 4 -4.44 -12.23 45.14
N ASP E 5 -5.05 -12.11 46.32
CA ASP E 5 -6.10 -13.02 46.73
C ASP E 5 -7.40 -12.77 45.98
N LEU E 6 -7.58 -11.54 45.51
CA LEU E 6 -8.82 -11.13 44.85
C LEU E 6 -9.10 -11.94 43.58
N PHE E 7 -8.04 -12.20 42.81
CA PHE E 7 -8.20 -12.95 41.56
C PHE E 7 -7.44 -14.26 41.60
N ALA E 8 -7.05 -14.68 42.81
CA ALA E 8 -6.27 -15.89 43.00
C ALA E 8 -7.02 -17.13 42.51
N GLU E 9 -6.25 -18.11 42.06
CA GLU E 9 -6.82 -19.39 41.64
C GLU E 9 -6.15 -20.51 42.42
N PRO E 10 -6.64 -20.77 43.65
CA PRO E 10 -6.05 -21.71 44.60
C PRO E 10 -6.07 -23.14 44.09
N ASN E 11 -7.16 -23.52 43.42
CA ASN E 11 -7.33 -24.88 42.95
C ASN E 11 -6.68 -25.15 41.60
N LEU E 12 -5.85 -24.23 41.12
CA LEU E 12 -5.25 -24.38 39.79
C LEU E 12 -3.81 -24.87 39.87
N LYS E 13 -3.51 -25.91 39.11
CA LYS E 13 -2.14 -26.42 39.00
C LYS E 13 -1.53 -26.04 37.65
N GLN E 14 -0.32 -25.49 37.70
CA GLN E 14 0.40 -25.10 36.50
C GLN E 14 1.46 -26.15 36.12
N ILE E 15 1.41 -26.60 34.87
CA ILE E 15 2.41 -27.53 34.35
C ILE E 15 3.19 -26.91 33.19
N THR E 16 4.52 -26.94 33.29
CA THR E 16 5.39 -26.45 32.24
C THR E 16 6.22 -27.60 31.66
N VAL E 17 6.08 -27.82 30.35
CA VAL E 17 6.86 -28.86 29.67
C VAL E 17 7.89 -28.25 28.71
N TRP E 18 9.17 -28.41 29.04
CA TRP E 18 10.28 -27.95 28.21
C TRP E 18 10.70 -28.99 27.17
N ALA E 19 10.95 -28.54 25.95
CA ALA E 19 11.39 -29.42 24.88
C ALA E 19 12.42 -28.76 23.95
N ARG E 20 12.88 -29.49 22.95
CA ARG E 20 13.75 -28.96 21.92
C ARG E 20 12.90 -28.55 20.73
N GLY E 21 13.07 -27.31 20.27
CA GLY E 21 12.21 -26.78 19.22
C GLY E 21 12.22 -27.59 17.94
N VAL E 22 11.08 -27.62 17.26
CA VAL E 22 10.90 -28.31 15.98
C VAL E 22 10.99 -29.85 16.07
N VAL E 23 12.03 -30.38 16.70
CA VAL E 23 12.19 -31.83 16.73
C VAL E 23 11.37 -32.54 17.82
N MET E 24 11.09 -31.85 18.93
CA MET E 24 10.35 -32.48 20.03
C MET E 24 9.10 -31.70 20.44
N ASN E 25 8.64 -30.79 19.58
CA ASN E 25 7.52 -29.93 19.95
C ASN E 25 6.17 -30.65 19.87
N LYS E 26 6.21 -31.95 19.60
CA LYS E 26 5.01 -32.78 19.67
C LYS E 26 5.05 -33.64 20.93
N ASP E 27 6.25 -34.08 21.29
CA ASP E 27 6.47 -34.75 22.57
C ASP E 27 5.97 -33.88 23.71
N ALA E 28 6.28 -32.59 23.62
CA ALA E 28 5.86 -31.61 24.63
C ALA E 28 4.35 -31.45 24.63
N ARG E 29 3.77 -31.26 23.46
CA ARG E 29 2.34 -31.05 23.34
C ARG E 29 1.54 -32.30 23.72
N ASP E 30 1.96 -33.47 23.25
CA ASP E 30 1.25 -34.70 23.56
C ASP E 30 1.26 -34.99 25.06
N ILE E 31 2.23 -34.43 25.78
CA ILE E 31 2.29 -34.59 27.23
C ILE E 31 1.23 -33.73 27.91
N VAL E 32 1.11 -32.48 27.49
CA VAL E 32 0.14 -31.58 28.13
C VAL E 32 -1.27 -31.94 27.71
N VAL E 33 -1.43 -32.58 26.56
CA VAL E 33 -2.74 -33.01 26.11
C VAL E 33 -3.17 -34.26 26.88
N ALA E 34 -2.22 -35.17 27.10
CA ALA E 34 -2.51 -36.41 27.83
C ALA E 34 -2.93 -36.12 29.26
N LEU E 35 -2.17 -35.27 29.95
CA LEU E 35 -2.47 -34.94 31.33
C LEU E 35 -3.80 -34.19 31.48
N THR E 36 -4.13 -33.32 30.52
CA THR E 36 -5.37 -32.55 30.61
C THR E 36 -6.60 -33.34 30.19
N GLU E 37 -6.45 -34.20 29.20
CA GLU E 37 -7.56 -35.05 28.78
C GLU E 37 -7.91 -36.06 29.88
N ALA E 38 -6.91 -36.41 30.69
CA ALA E 38 -7.11 -37.31 31.81
C ALA E 38 -7.69 -36.57 33.02
N ALA E 39 -7.45 -35.27 33.08
CA ALA E 39 -7.96 -34.44 34.16
C ALA E 39 -9.38 -33.99 33.87
N ALA E 40 -9.69 -33.74 32.59
CA ALA E 40 -11.04 -33.38 32.17
C ALA E 40 -11.95 -34.59 32.31
N LYS E 41 -11.33 -35.74 32.51
CA LYS E 41 -12.02 -36.99 32.78
C LYS E 41 -12.46 -37.04 34.24
N GLU E 42 -11.67 -36.41 35.10
CA GLU E 42 -11.95 -36.36 36.53
C GLU E 42 -12.88 -35.20 36.89
N GLY E 43 -13.29 -34.43 35.89
CA GLY E 43 -14.20 -33.32 36.11
C GLY E 43 -13.53 -31.98 36.29
N LYS E 44 -12.20 -31.95 36.12
CA LYS E 44 -11.45 -30.70 36.26
C LYS E 44 -11.66 -29.77 35.07
N TYR E 45 -11.36 -28.48 35.29
CA TYR E 45 -11.26 -27.51 34.20
C TYR E 45 -9.81 -27.45 33.73
N VAL E 46 -9.60 -27.59 32.43
CA VAL E 46 -8.25 -27.71 31.89
C VAL E 46 -7.96 -26.83 30.68
N GLN E 47 -6.67 -26.54 30.48
CA GLN E 47 -6.20 -25.84 29.28
C GLN E 47 -4.81 -26.33 28.89
N ALA E 48 -4.62 -26.63 27.61
CA ALA E 48 -3.32 -27.06 27.10
C ALA E 48 -2.97 -26.29 25.83
N TRP E 49 -1.78 -25.70 25.80
CA TRP E 49 -1.38 -24.88 24.67
C TRP E 49 0.13 -24.76 24.53
N GLU E 50 0.55 -24.29 23.36
CA GLU E 50 1.96 -24.08 23.07
C GLU E 50 2.33 -22.62 23.28
N ASN E 51 3.52 -22.39 23.82
CA ASN E 51 3.98 -21.05 24.13
C ASN E 51 4.14 -20.18 22.89
N TYR E 52 3.20 -19.28 22.68
CA TYR E 52 3.22 -18.34 21.56
C TYR E 52 4.50 -17.49 21.57
N VAL E 53 5.02 -17.24 22.77
CA VAL E 53 6.24 -16.48 22.95
C VAL E 53 7.45 -17.17 22.31
N ASP E 54 7.41 -18.50 22.26
CA ASP E 54 8.51 -19.29 21.73
C ASP E 54 8.46 -19.43 20.21
N LEU E 55 7.42 -18.86 19.60
CA LEU E 55 7.25 -18.97 18.16
C LEU E 55 7.96 -17.83 17.43
N PRO E 56 8.40 -18.06 16.19
CA PRO E 56 8.45 -19.38 15.55
C PRO E 56 9.54 -20.24 16.19
N ASP E 57 9.28 -21.53 16.34
CA ASP E 57 10.25 -22.39 16.99
C ASP E 57 11.43 -22.64 16.06
N ARG E 58 12.60 -22.85 16.66
CA ARG E 58 13.83 -23.07 15.92
C ARG E 58 14.42 -24.41 16.35
N ILE E 59 15.15 -25.07 15.45
CA ILE E 59 15.69 -26.38 15.79
C ILE E 59 16.62 -26.30 17.00
N TYR E 60 16.21 -26.98 18.08
CA TYR E 60 16.96 -27.21 19.33
C TYR E 60 16.85 -26.09 20.36
N VAL E 61 16.15 -25.01 20.03
CA VAL E 61 15.93 -23.96 21.04
C VAL E 61 15.00 -24.51 22.10
N PRO E 62 15.26 -24.18 23.37
CA PRO E 62 14.33 -24.64 24.42
C PRO E 62 12.97 -23.95 24.29
N VAL E 63 11.94 -24.75 24.03
CA VAL E 63 10.59 -24.24 23.89
C VAL E 63 9.68 -24.88 24.94
N ARG E 64 8.48 -24.32 25.10
CA ARG E 64 7.58 -24.76 26.15
C ARG E 64 6.17 -25.08 25.67
N ALA E 65 5.59 -26.10 26.27
CA ALA E 65 4.16 -26.35 26.18
C ALA E 65 3.60 -26.29 27.59
N TYR E 66 2.36 -25.83 27.73
CA TYR E 66 1.82 -25.55 29.05
C TYR E 66 0.52 -26.29 29.35
N ALA E 67 0.28 -26.54 30.63
CA ALA E 67 -1.00 -27.11 31.06
C ALA E 67 -1.54 -26.39 32.30
N ARG E 68 -2.83 -26.07 32.27
CA ARG E 68 -3.52 -25.56 33.45
C ARG E 68 -4.62 -26.51 33.87
N ILE E 69 -4.59 -26.93 35.13
CA ILE E 69 -5.60 -27.84 35.65
C ILE E 69 -6.18 -27.30 36.95
N SER E 70 -7.50 -27.13 36.98
CA SER E 70 -8.17 -26.59 38.16
C SER E 70 -9.55 -27.20 38.39
N SER E 71 -10.00 -27.21 39.64
CA SER E 71 -11.34 -27.69 39.96
C SER E 71 -12.34 -26.54 39.79
N ASP E 72 -11.81 -25.34 39.64
CA ASP E 72 -12.62 -24.16 39.33
C ASP E 72 -12.41 -23.76 37.88
N PRO E 73 -13.38 -23.04 37.30
CA PRO E 73 -13.19 -22.48 35.95
C PRO E 73 -11.90 -21.68 35.86
N ILE E 74 -11.20 -21.80 34.74
CA ILE E 74 -9.95 -21.08 34.55
C ILE E 74 -10.24 -19.66 34.07
N GLU E 75 -9.70 -18.69 34.80
CA GLU E 75 -9.90 -17.29 34.43
C GLU E 75 -8.59 -16.67 33.92
N SER E 76 -7.53 -17.47 33.92
CA SER E 76 -6.24 -16.99 33.43
C SER E 76 -5.92 -17.53 32.03
N LYS E 77 -6.96 -17.80 31.25
CA LYS E 77 -6.83 -18.34 29.90
C LYS E 77 -5.88 -17.55 28.98
N TYR E 78 -5.97 -16.23 29.06
CA TYR E 78 -5.22 -15.37 28.14
C TYR E 78 -3.73 -15.26 28.46
N ILE E 79 -3.36 -15.55 29.71
CA ILE E 79 -1.98 -15.39 30.12
C ILE E 79 -1.07 -16.30 29.29
N TYR E 80 -0.17 -15.66 28.54
CA TYR E 80 0.74 -16.35 27.62
C TYR E 80 1.47 -17.56 28.22
N GLU E 81 1.96 -17.38 29.45
CA GLU E 81 2.85 -18.36 30.08
C GLU E 81 2.43 -18.69 31.50
N ASN E 82 2.66 -19.93 31.93
CA ASN E 82 2.56 -20.26 33.33
C ASN E 82 3.75 -19.69 34.08
N GLU E 83 3.50 -18.72 34.96
CA GLU E 83 4.58 -18.02 35.64
C GLU E 83 5.03 -18.77 36.89
N THR E 84 4.12 -19.55 37.46
CA THR E 84 4.40 -20.26 38.70
C THR E 84 4.07 -21.74 38.57
N PRO E 85 4.95 -22.50 37.89
CA PRO E 85 4.68 -23.91 37.63
C PRO E 85 4.78 -24.78 38.88
N ASP E 86 3.87 -25.74 39.00
CA ASP E 86 3.91 -26.73 40.08
C ASP E 86 4.64 -27.99 39.61
N ILE E 87 4.61 -28.23 38.30
CA ILE E 87 5.25 -29.40 37.71
C ILE E 87 6.06 -29.00 36.47
N VAL E 88 7.37 -29.11 36.57
CA VAL E 88 8.25 -28.86 35.43
C VAL E 88 8.69 -30.18 34.81
N VAL E 89 8.44 -30.33 33.51
CA VAL E 89 8.71 -31.58 32.79
C VAL E 89 9.70 -31.39 31.64
N LEU E 90 10.81 -32.12 31.66
CA LEU E 90 11.82 -32.03 30.61
C LEU E 90 11.83 -33.25 29.70
N VAL E 91 11.58 -33.04 28.41
CA VAL E 91 11.57 -34.10 27.41
C VAL E 91 12.98 -34.57 27.03
N GLU E 92 13.95 -33.67 27.09
CA GLU E 92 15.33 -34.02 26.78
C GLU E 92 16.23 -33.63 27.94
N GLU E 93 17.16 -34.52 28.29
CA GLU E 93 17.92 -34.40 29.54
C GLU E 93 18.82 -33.17 29.63
N SER E 94 19.32 -32.70 28.50
CA SER E 94 20.30 -31.62 28.51
C SER E 94 19.68 -30.32 28.98
N LEU E 95 18.35 -30.25 28.87
CA LEU E 95 17.60 -29.09 29.33
C LEU E 95 17.80 -28.79 30.81
N ILE E 96 18.44 -29.69 31.54
CA ILE E 96 18.77 -29.44 32.94
C ILE E 96 19.98 -28.52 33.04
N LYS E 97 20.60 -28.23 31.92
CA LYS E 97 21.76 -27.35 31.91
C LYS E 97 21.46 -26.05 31.17
N GLY E 98 21.82 -24.93 31.78
CA GLY E 98 21.74 -23.63 31.15
C GLY E 98 20.35 -23.06 30.89
N VAL E 99 19.31 -23.78 31.29
CA VAL E 99 17.95 -23.35 31.07
C VAL E 99 17.23 -23.05 32.39
N PRO E 100 16.53 -21.90 32.47
CA PRO E 100 15.79 -21.52 33.68
C PRO E 100 14.52 -22.32 33.89
N ILE E 101 14.64 -23.63 34.06
CA ILE E 101 13.48 -24.51 34.19
C ILE E 101 12.87 -24.47 35.59
N LEU E 102 13.56 -23.85 36.54
CA LEU E 102 13.08 -23.80 37.92
C LEU E 102 12.71 -22.37 38.34
N LYS E 103 12.44 -21.52 37.36
CA LYS E 103 12.02 -20.15 37.64
C LYS E 103 10.53 -20.10 37.97
N GLY E 104 10.20 -19.50 39.11
CA GLY E 104 8.82 -19.31 39.50
C GLY E 104 8.17 -20.51 40.16
N ILE E 105 8.92 -21.60 40.29
CA ILE E 105 8.39 -22.83 40.87
C ILE E 105 7.86 -22.61 42.28
N ARG E 106 6.68 -23.16 42.56
CA ARG E 106 6.03 -23.01 43.85
C ARG E 106 6.41 -24.19 44.76
N PRO E 107 6.41 -23.97 46.08
CA PRO E 107 6.74 -25.06 47.02
C PRO E 107 5.88 -26.29 46.81
N GLY E 108 6.47 -27.47 46.96
CA GLY E 108 5.77 -28.72 46.73
C GLY E 108 5.91 -29.17 45.28
N SER E 109 6.69 -28.42 44.50
CA SER E 109 6.85 -28.69 43.08
C SER E 109 7.64 -29.96 42.79
N THR E 110 7.46 -30.46 41.57
CA THR E 110 8.09 -31.70 41.13
C THR E 110 8.79 -31.51 39.77
N LEU E 111 10.09 -31.78 39.72
CA LEU E 111 10.82 -31.74 38.45
C LEU E 111 10.94 -33.15 37.85
N VAL E 112 10.38 -33.33 36.66
CA VAL E 112 10.46 -34.62 35.98
C VAL E 112 11.41 -34.55 34.79
N VAL E 113 12.35 -35.49 34.72
CA VAL E 113 13.37 -35.49 33.66
C VAL E 113 13.43 -36.83 32.92
N ASN E 114 13.47 -36.77 31.59
CA ASN E 114 13.68 -37.96 30.76
C ASN E 114 15.18 -38.25 30.58
N THR E 115 15.68 -39.26 31.28
CA THR E 115 17.13 -39.51 31.32
C THR E 115 17.50 -40.88 31.90
N LYS E 116 18.70 -41.34 31.57
CA LYS E 116 19.25 -42.57 32.14
C LYS E 116 20.17 -42.25 33.30
N ARG E 117 20.66 -41.02 33.34
CA ARG E 117 21.63 -40.60 34.34
C ARG E 117 21.02 -40.69 35.74
N SER E 118 21.89 -40.84 36.74
CA SER E 118 21.44 -40.92 38.12
C SER E 118 20.87 -39.57 38.56
N ILE E 119 20.06 -39.59 39.62
CA ILE E 119 19.49 -38.36 40.17
C ILE E 119 20.61 -37.49 40.72
N ASP E 120 21.63 -38.14 41.27
CA ASP E 120 22.76 -37.44 41.88
C ASP E 120 23.54 -36.63 40.84
N THR E 121 23.69 -37.19 39.65
CA THR E 121 24.36 -36.49 38.55
C THR E 121 23.55 -35.27 38.13
N ILE E 122 22.25 -35.47 37.96
CA ILE E 122 21.34 -34.40 37.60
C ILE E 122 21.41 -33.24 38.58
N LEU E 123 21.42 -33.56 39.87
CA LEU E 123 21.45 -32.55 40.92
C LEU E 123 22.72 -31.71 40.87
N GLU E 124 23.80 -32.30 40.36
CA GLU E 124 25.05 -31.57 40.19
C GLU E 124 24.89 -30.46 39.17
N PHE E 125 24.19 -30.76 38.08
CA PHE E 125 23.93 -29.77 37.04
C PHE E 125 22.97 -28.69 37.52
N LEU E 126 21.91 -29.11 38.21
CA LEU E 126 20.90 -28.20 38.72
C LEU E 126 21.47 -27.18 39.70
N GLY E 127 22.06 -27.67 40.78
CA GLY E 127 22.55 -26.81 41.84
C GLY E 127 21.43 -26.44 42.78
N ASP E 128 21.28 -25.14 43.03
CA ASP E 128 20.23 -24.63 43.90
C ASP E 128 18.86 -24.87 43.27
N THR E 129 18.14 -25.87 43.79
CA THR E 129 16.83 -26.23 43.24
C THR E 129 15.71 -25.41 43.87
N GLY E 130 16.04 -24.63 44.91
CA GLY E 130 15.09 -23.73 45.53
C GLY E 130 13.87 -24.38 46.14
N ASN E 131 12.69 -24.02 45.63
CA ASN E 131 11.43 -24.53 46.16
C ASN E 131 11.10 -25.95 45.73
N LEU E 132 12.00 -26.58 44.98
CA LEU E 132 11.75 -27.92 44.46
C LEU E 132 11.63 -28.94 45.58
N ALA E 133 10.53 -29.70 45.58
CA ALA E 133 10.30 -30.72 46.60
C ALA E 133 10.81 -32.08 46.17
N GLN E 134 10.48 -32.46 44.94
CA GLN E 134 10.89 -33.77 44.42
C GLN E 134 11.69 -33.65 43.14
N ILE E 135 12.54 -34.63 42.89
CA ILE E 135 13.24 -34.76 41.62
C ILE E 135 13.00 -36.18 41.08
N VAL E 136 12.47 -36.25 39.86
CA VAL E 136 12.03 -37.52 39.30
C VAL E 136 12.78 -37.86 38.01
N THR E 137 13.24 -39.10 37.92
CA THR E 137 13.91 -39.58 36.71
C THR E 137 13.14 -40.72 36.07
N VAL E 138 13.07 -40.70 34.75
CA VAL E 138 12.42 -41.77 34.01
C VAL E 138 13.14 -41.98 32.67
N ASP E 139 13.49 -43.24 32.40
CA ASP E 139 14.16 -43.59 31.15
C ASP E 139 13.12 -43.82 30.06
N ALA E 140 12.37 -42.77 29.73
CA ALA E 140 11.26 -42.88 28.78
C ALA E 140 11.72 -43.29 27.40
N ASN E 141 12.96 -42.93 27.06
CA ASN E 141 13.53 -43.26 25.75
C ASN E 141 13.54 -44.75 25.47
N SER E 142 13.88 -45.54 26.48
CA SER E 142 13.89 -46.99 26.33
C SER E 142 12.47 -47.53 26.34
N MET E 143 11.58 -46.84 27.03
CA MET E 143 10.18 -47.26 27.17
C MET E 143 9.38 -46.96 25.90
N ALA E 144 9.84 -45.98 25.13
CA ALA E 144 9.23 -45.68 23.85
C ALA E 144 9.79 -46.60 22.78
N GLU E 145 10.86 -47.31 23.14
CA GLU E 145 11.51 -48.24 22.24
C GLU E 145 11.22 -49.69 22.63
N GLY E 165 4.88 -42.01 21.71
CA GLY E 165 6.32 -42.15 21.91
C GLY E 165 6.72 -42.01 23.37
N ILE E 166 7.57 -41.03 23.67
CA ILE E 166 8.05 -40.83 25.04
C ILE E 166 7.10 -40.02 25.91
N ALA E 167 6.05 -39.47 25.32
CA ALA E 167 5.09 -38.67 26.07
C ALA E 167 4.38 -39.51 27.13
N ALA E 168 3.92 -40.68 26.74
CA ALA E 168 3.20 -41.58 27.64
C ALA E 168 4.04 -42.05 28.83
N PRO E 169 5.29 -42.53 28.60
CA PRO E 169 6.09 -42.90 29.78
C PRO E 169 6.40 -41.70 30.69
N ILE E 170 6.69 -40.55 30.09
CA ILE E 170 6.95 -39.35 30.88
C ILE E 170 5.70 -38.92 31.64
N ALA E 171 4.54 -39.05 30.99
CA ALA E 171 3.26 -38.75 31.63
C ALA E 171 2.99 -39.68 32.80
N GLY E 172 3.39 -40.94 32.65
CA GLY E 172 3.26 -41.92 33.71
C GLY E 172 4.08 -41.53 34.93
N ALA E 173 5.31 -41.07 34.69
CA ALA E 173 6.20 -40.66 35.77
C ALA E 173 5.68 -39.42 36.49
N VAL E 174 4.98 -38.57 35.75
CA VAL E 174 4.38 -37.37 36.31
C VAL E 174 3.28 -37.74 37.30
N VAL E 175 2.41 -38.66 36.88
CA VAL E 175 1.32 -39.13 37.73
C VAL E 175 1.86 -39.79 39.00
N LYS E 176 2.80 -40.72 38.83
CA LYS E 176 3.38 -41.48 39.94
C LYS E 176 3.92 -40.60 41.05
N ALA E 177 4.48 -39.45 40.69
CA ALA E 177 5.13 -38.59 41.67
C ALA E 177 4.18 -37.54 42.22
N THR E 178 3.19 -37.15 41.44
CA THR E 178 2.34 -36.02 41.79
C THR E 178 0.91 -36.43 42.10
N GLY E 179 0.42 -37.46 41.42
CA GLY E 179 -0.94 -37.91 41.57
C GLY E 179 -1.93 -36.84 41.17
N ILE E 180 -1.57 -36.05 40.17
CA ILE E 180 -2.41 -34.95 39.71
C ILE E 180 -3.66 -35.48 39.02
N VAL E 181 -3.54 -36.66 38.41
CA VAL E 181 -4.66 -37.37 37.85
C VAL E 181 -4.55 -38.84 38.23
N ASP E 182 -5.49 -39.66 37.77
CA ASP E 182 -5.46 -41.09 38.07
C ASP E 182 -4.76 -41.88 36.97
N VAL E 183 -4.17 -43.03 37.36
CA VAL E 183 -3.43 -43.88 36.45
C VAL E 183 -4.28 -44.38 35.29
N GLU E 184 -5.51 -44.80 35.60
CA GLU E 184 -6.39 -45.38 34.61
C GLU E 184 -6.97 -44.30 33.70
N ASN E 185 -7.17 -43.11 34.27
CA ASN E 185 -7.66 -41.98 33.48
C ASN E 185 -6.62 -41.58 32.45
N LEU E 186 -5.36 -41.57 32.87
CA LEU E 186 -4.26 -41.32 31.94
C LEU E 186 -4.14 -42.46 30.94
N ALA E 187 -4.41 -43.68 31.41
CA ALA E 187 -4.33 -44.86 30.55
C ALA E 187 -5.34 -44.78 29.41
N ALA E 188 -6.48 -44.15 29.69
CA ALA E 188 -7.56 -44.06 28.71
C ALA E 188 -7.29 -43.00 27.65
N VAL E 189 -6.28 -42.17 27.87
CA VAL E 189 -6.00 -41.06 26.97
C VAL E 189 -4.64 -41.15 26.26
N VAL E 190 -3.70 -41.88 26.85
CA VAL E 190 -2.40 -42.09 26.22
C VAL E 190 -2.54 -42.96 24.99
N LYS E 191 -1.65 -42.79 24.01
CA LYS E 191 -1.69 -43.61 22.80
C LYS E 191 -1.02 -44.96 23.06
N ASN E 192 -0.11 -45.00 24.03
CA ASN E 192 0.48 -46.28 24.45
C ASN E 192 0.46 -46.42 25.97
N PRO E 193 -0.57 -47.11 26.49
CA PRO E 193 -0.75 -47.36 27.92
C PRO E 193 0.35 -48.23 28.49
N ALA E 194 0.82 -49.19 27.69
CA ALA E 194 1.87 -50.10 28.12
C ALA E 194 3.11 -49.31 28.52
N ALA E 195 3.58 -48.45 27.63
CA ALA E 195 4.74 -47.62 27.91
C ALA E 195 4.42 -46.57 28.97
N MET E 196 3.14 -46.32 29.20
CA MET E 196 2.73 -45.39 30.23
C MET E 196 2.94 -46.01 31.62
N ARG E 197 2.34 -47.19 31.81
CA ARG E 197 2.44 -47.92 33.08
C ARG E 197 3.90 -48.29 33.38
N ARG E 198 4.62 -48.69 32.34
CA ARG E 198 6.05 -48.90 32.44
C ARG E 198 6.72 -47.54 32.61
N GLY E 199 7.25 -47.28 33.79
CA GLY E 199 7.81 -45.96 34.06
C GLY E 199 6.96 -45.22 35.07
N TYR E 200 5.68 -45.57 35.13
CA TYR E 200 4.85 -45.17 36.25
C TYR E 200 5.35 -45.90 37.48
N ALA E 201 5.82 -47.13 37.28
CA ALA E 201 6.35 -47.94 38.36
C ALA E 201 7.88 -47.93 38.38
N GLU E 202 8.48 -47.40 37.33
CA GLU E 202 9.94 -47.42 37.22
C GLU E 202 10.57 -46.04 37.45
N ALA E 203 9.73 -45.01 37.57
CA ALA E 203 10.22 -43.66 37.82
C ALA E 203 10.87 -43.55 39.20
N GLN E 204 12.17 -43.31 39.21
CA GLN E 204 12.87 -43.12 40.47
C GLN E 204 12.54 -41.76 41.07
N VAL E 205 11.65 -41.76 42.06
CA VAL E 205 11.23 -40.55 42.73
C VAL E 205 12.07 -40.29 43.97
N ARG E 206 12.45 -39.04 44.18
CA ARG E 206 13.32 -38.69 45.31
C ARG E 206 13.00 -37.30 45.87
N GLN E 207 12.75 -37.24 47.18
CA GLN E 207 12.36 -35.99 47.82
C GLN E 207 13.57 -35.19 48.30
N LEU E 208 13.53 -33.89 48.06
CA LEU E 208 14.59 -32.98 48.45
C LEU E 208 14.26 -32.31 49.78
N PRO E 209 15.25 -31.64 50.39
CA PRO E 209 14.94 -30.68 51.45
C PRO E 209 14.46 -29.36 50.84
N PRO E 210 13.14 -29.17 50.73
CA PRO E 210 12.57 -28.09 49.91
C PRO E 210 12.60 -26.75 50.60
N HIS E 211 13.75 -26.08 50.61
CA HIS E 211 13.87 -24.79 51.27
C HIS E 211 13.18 -23.70 50.45
N GLU E 212 13.37 -22.44 50.86
CA GLU E 212 12.60 -21.34 50.29
C GLU E 212 13.34 -20.57 49.20
N ALA E 213 12.56 -20.00 48.27
CA ALA E 213 13.07 -19.12 47.21
C ALA E 213 11.90 -18.50 46.44
N VAL E 219 10.71 -5.23 38.54
CA VAL E 219 10.86 -4.40 37.36
C VAL E 219 9.61 -3.57 37.11
N SER E 220 9.66 -2.31 37.52
CA SER E 220 8.55 -1.39 37.31
C SER E 220 8.37 -1.07 35.83
N ALA E 221 7.19 -0.58 35.46
CA ALA E 221 6.95 -0.12 34.10
C ALA E 221 7.81 1.10 33.83
N THR E 222 8.07 1.86 34.89
CA THR E 222 9.00 2.98 34.84
C THR E 222 10.40 2.48 34.51
N GLU E 223 10.78 1.35 35.13
CA GLU E 223 12.06 0.71 34.87
C GLU E 223 12.11 0.13 33.47
N LEU E 224 11.01 -0.49 33.05
CA LEU E 224 10.88 -1.01 31.68
C LEU E 224 11.10 0.11 30.66
N LEU E 225 10.45 1.25 30.90
CA LEU E 225 10.55 2.39 30.01
C LEU E 225 11.97 2.90 29.89
N ARG E 226 12.65 3.06 31.03
CA ARG E 226 14.01 3.56 31.05
C ARG E 226 14.97 2.59 30.37
N GLN E 227 14.60 1.31 30.31
CA GLN E 227 15.43 0.30 29.67
C GLN E 227 15.34 0.32 28.15
N MET E 228 14.21 0.81 27.63
CA MET E 228 13.99 0.88 26.18
C MET E 228 14.75 2.03 25.54
N PRO E 229 15.77 1.70 24.71
CA PRO E 229 16.57 2.71 24.02
C PRO E 229 15.71 3.56 23.07
N PHE E 230 16.25 4.69 22.65
CA PHE E 230 15.62 5.53 21.63
C PHE E 230 15.25 4.70 20.41
N ALA E 231 13.94 4.59 20.16
CA ALA E 231 13.40 3.89 18.98
C ALA E 231 13.73 2.40 18.93
N GLY E 232 14.28 1.88 20.03
CA GLY E 232 14.66 0.48 20.09
C GLY E 232 15.96 0.16 19.38
N THR E 233 16.64 1.19 18.89
CA THR E 233 17.91 1.03 18.19
C THR E 233 19.02 0.63 19.16
N VAL E 234 19.86 -0.32 18.75
CA VAL E 234 20.95 -0.77 19.60
C VAL E 234 22.29 -0.67 18.85
N PRO E 235 23.40 -0.62 19.60
CA PRO E 235 24.70 -0.58 18.92
C PRO E 235 25.04 -1.95 18.34
N SER E 236 25.79 -2.00 17.25
CA SER E 236 26.25 -3.28 16.72
C SER E 236 27.21 -3.93 17.73
N PRO E 237 27.17 -5.26 17.82
CA PRO E 237 28.13 -5.99 18.67
C PRO E 237 29.54 -5.94 18.10
N VAL E 238 30.52 -6.27 18.92
CA VAL E 238 31.91 -6.25 18.46
C VAL E 238 32.44 -7.65 18.16
N THR E 239 32.25 -8.57 19.10
CA THR E 239 32.75 -9.93 18.92
C THR E 239 31.65 -10.97 19.06
N GLU E 240 30.61 -10.64 19.82
CA GLU E 240 29.53 -11.60 20.06
C GLU E 240 28.21 -10.89 20.34
N ASN E 241 27.09 -11.59 20.10
CA ASN E 241 25.78 -11.06 20.45
C ASN E 241 25.29 -11.66 21.75
N GLU E 242 25.57 -10.98 22.86
CA GLU E 242 25.22 -11.45 24.19
C GLU E 242 23.71 -11.44 24.43
N GLY E 243 22.97 -10.81 23.51
CA GLY E 243 21.52 -10.79 23.60
C GLY E 243 20.89 -12.15 23.37
N MET E 244 21.62 -13.06 22.71
CA MET E 244 21.08 -14.38 22.40
C MET E 244 22.17 -15.45 22.49
N VAL E 245 22.48 -15.84 23.73
CA VAL E 245 23.49 -16.88 23.97
C VAL E 245 22.86 -18.23 23.74
N THR E 246 23.47 -19.02 22.86
CA THR E 246 22.81 -20.21 22.33
C THR E 246 23.47 -21.55 22.70
N GLY E 247 24.42 -21.52 23.63
CA GLY E 247 25.04 -22.75 24.09
C GLY E 247 24.04 -23.72 24.68
N ASN E 248 22.97 -23.20 25.26
CA ASN E 248 22.01 -24.07 25.94
C ASN E 248 21.03 -24.73 24.99
N TRP E 249 21.27 -24.63 23.68
CA TRP E 249 20.48 -25.38 22.71
C TRP E 249 20.99 -26.81 22.58
N ARG E 250 22.19 -27.08 23.09
CA ARG E 250 22.89 -28.33 22.78
C ARG E 250 22.27 -29.59 23.38
N ILE E 251 22.06 -30.58 22.51
CA ILE E 251 21.83 -31.95 22.93
C ILE E 251 23.17 -32.70 22.85
N GLN E 252 24.05 -32.18 21.99
CA GLN E 252 25.33 -32.81 21.71
C GLN E 252 26.37 -31.73 21.43
N ARG E 253 27.65 -32.07 21.53
CA ARG E 253 28.69 -31.14 21.15
C ARG E 253 29.72 -31.85 20.27
N PRO E 254 30.42 -31.08 19.41
CA PRO E 254 31.47 -31.65 18.57
C PRO E 254 32.79 -31.85 19.32
N ILE E 255 33.30 -33.09 19.29
CA ILE E 255 34.59 -33.38 19.91
C ILE E 255 35.64 -33.76 18.86
N ILE E 256 36.77 -33.08 18.89
CA ILE E 256 37.78 -33.26 17.86
C ILE E 256 38.89 -34.23 18.28
N ASP E 257 39.38 -35.01 17.32
CA ASP E 257 40.59 -35.80 17.47
C ASP E 257 41.66 -35.16 16.60
N ARG E 258 42.54 -34.38 17.20
CA ARG E 258 43.50 -33.59 16.44
C ARG E 258 44.58 -34.45 15.80
N GLU E 259 44.64 -35.72 16.18
CA GLU E 259 45.57 -36.63 15.52
C GLU E 259 45.05 -37.00 14.13
N ALA E 260 43.74 -36.86 13.95
CA ALA E 260 43.11 -37.12 12.66
C ALA E 260 42.95 -35.83 11.84
N CYS E 261 42.85 -34.71 12.53
CA CYS E 261 42.56 -33.40 11.92
C CYS E 261 43.75 -32.85 11.11
N THR E 262 43.46 -32.49 9.85
CA THR E 262 44.46 -31.95 8.94
C THR E 262 44.44 -30.42 8.92
N GLU E 263 43.57 -29.83 9.73
CA GLU E 263 43.41 -28.37 9.79
C GLU E 263 43.03 -27.78 8.43
N CYS E 264 42.09 -28.44 7.76
CA CYS E 264 41.62 -28.00 6.45
C CYS E 264 40.61 -26.86 6.58
N TYR E 265 39.96 -26.81 7.73
CA TYR E 265 39.00 -25.76 8.09
C TYR E 265 37.75 -25.80 7.22
N THR E 266 37.35 -27.00 6.80
CA THR E 266 36.05 -27.21 6.21
C THR E 266 34.95 -26.95 7.25
N CYS E 267 35.15 -27.49 8.45
CA CYS E 267 34.22 -27.26 9.55
C CYS E 267 34.03 -25.75 9.76
N TRP E 268 35.15 -25.05 9.82
CA TRP E 268 35.18 -23.62 10.07
C TRP E 268 34.29 -22.81 9.13
N ILE E 269 34.34 -23.13 7.84
CA ILE E 269 33.68 -22.32 6.83
C ILE E 269 32.19 -22.66 6.72
N TYR E 270 31.78 -23.81 7.25
CA TYR E 270 30.37 -24.18 7.15
C TYR E 270 29.54 -23.94 8.42
N CYS E 271 30.15 -23.47 9.50
CA CYS E 271 29.39 -23.25 10.73
C CYS E 271 28.47 -22.05 10.61
N PRO E 272 27.15 -22.26 10.70
CA PRO E 272 26.26 -21.11 10.52
C PRO E 272 26.26 -20.16 11.71
N ASP E 273 26.95 -20.54 12.79
CA ASP E 273 26.92 -19.72 14.00
C ASP E 273 28.28 -19.15 14.37
N SER E 274 29.21 -19.16 13.42
CA SER E 274 30.53 -18.57 13.61
C SER E 274 31.23 -19.08 14.87
N CYS E 275 31.04 -20.35 15.22
CA CYS E 275 31.56 -20.85 16.50
C CYS E 275 32.95 -21.49 16.39
N ILE E 276 33.57 -21.40 15.22
CA ILE E 276 34.90 -21.97 15.04
C ILE E 276 35.90 -20.89 14.70
N THR E 277 37.07 -20.96 15.33
CA THR E 277 38.15 -20.01 15.11
C THR E 277 39.41 -20.75 14.68
N ARG E 278 40.13 -20.21 13.71
CA ARG E 278 41.37 -20.83 13.25
C ARG E 278 42.52 -20.43 14.14
N THR E 279 43.30 -21.41 14.62
CA THR E 279 44.47 -21.10 15.43
C THR E 279 45.69 -21.89 14.97
N GLU E 280 46.83 -21.62 15.58
CA GLU E 280 48.06 -22.34 15.27
C GLU E 280 47.91 -23.83 15.59
N GLU E 281 47.09 -24.13 16.60
CA GLU E 281 46.88 -25.52 17.01
C GLU E 281 45.66 -26.14 16.33
N GLY E 282 45.07 -25.44 15.37
CA GLY E 282 43.92 -25.95 14.65
C GLY E 282 42.64 -25.28 15.09
N PRO E 283 41.48 -25.82 14.67
CA PRO E 283 40.19 -25.22 14.99
C PRO E 283 39.82 -25.29 16.46
N VAL E 284 39.28 -24.19 16.97
CA VAL E 284 38.79 -24.10 18.34
C VAL E 284 37.28 -23.86 18.30
N PHE E 285 36.53 -24.57 19.14
CA PHE E 285 35.07 -24.54 19.09
C PHE E 285 34.48 -23.77 20.29
N ASN E 286 33.64 -22.78 19.99
CA ASN E 286 33.07 -21.89 21.00
C ASN E 286 31.82 -22.51 21.66
N MET E 287 32.00 -23.12 22.83
CA MET E 287 30.90 -23.80 23.52
C MET E 287 29.90 -22.85 24.17
N LYS E 288 30.24 -21.57 24.24
CA LYS E 288 29.30 -20.58 24.75
C LYS E 288 28.12 -20.44 23.80
N TYR E 289 28.38 -20.61 22.50
CA TYR E 289 27.36 -20.37 21.50
C TYR E 289 26.99 -21.59 20.66
N CYS E 290 27.87 -22.60 20.60
CA CYS E 290 27.62 -23.78 19.78
C CYS E 290 26.28 -24.43 20.07
N LYS E 291 25.56 -24.78 19.00
CA LYS E 291 24.19 -25.30 19.08
C LYS E 291 24.16 -26.80 18.91
N GLY E 292 25.33 -27.40 18.64
CA GLY E 292 25.41 -28.84 18.45
C GLY E 292 24.59 -29.31 17.26
N CYS E 293 24.55 -28.51 16.21
CA CYS E 293 23.82 -28.88 15.00
C CYS E 293 24.46 -30.08 14.33
N GLY E 294 25.76 -30.26 14.54
CA GLY E 294 26.49 -31.38 13.97
C GLY E 294 26.92 -31.22 12.51
N LEU E 295 26.80 -30.01 11.96
CA LEU E 295 27.24 -29.78 10.58
C LEU E 295 28.75 -29.98 10.42
N CYS E 296 29.52 -29.42 11.35
CA CYS E 296 30.98 -29.54 11.33
C CYS E 296 31.38 -31.01 11.31
N THR E 297 30.77 -31.78 12.19
CA THR E 297 30.97 -33.23 12.24
C THR E 297 30.62 -33.88 10.91
N ALA E 298 29.54 -33.42 10.30
CA ALA E 298 29.04 -34.00 9.06
C ALA E 298 29.85 -33.59 7.82
N VAL E 299 30.57 -32.48 7.88
CA VAL E 299 31.35 -32.06 6.72
C VAL E 299 32.84 -32.44 6.79
N CYS E 300 33.30 -32.85 7.97
CA CYS E 300 34.72 -33.19 8.13
C CYS E 300 35.17 -34.28 7.17
N PRO E 301 36.17 -33.96 6.33
CA PRO E 301 36.78 -34.91 5.39
C PRO E 301 37.58 -35.99 6.09
N SER E 302 38.10 -35.70 7.28
CA SER E 302 39.00 -36.61 7.98
C SER E 302 38.30 -37.47 9.03
N GLY E 303 37.04 -37.14 9.32
CA GLY E 303 36.31 -37.84 10.37
C GLY E 303 36.90 -37.57 11.73
N ALA E 304 37.49 -36.40 11.91
CA ALA E 304 38.16 -36.05 13.15
C ALA E 304 37.19 -35.53 14.22
N LEU E 305 35.94 -35.28 13.82
CA LEU E 305 34.93 -34.77 14.74
C LEU E 305 33.94 -35.86 15.10
N THR E 306 33.50 -35.84 16.35
CA THR E 306 32.48 -36.75 16.84
C THR E 306 31.45 -36.00 17.66
N ASN E 307 30.17 -36.29 17.43
CA ASN E 307 29.12 -35.73 18.27
C ASN E 307 29.04 -36.52 19.58
N VAL E 308 29.06 -35.80 20.70
CA VAL E 308 29.00 -36.43 22.02
C VAL E 308 27.96 -35.74 22.90
N PRO E 309 27.05 -36.52 23.52
CA PRO E 309 26.00 -36.04 24.42
C PRO E 309 26.48 -34.95 25.39
N GLU E 310 25.68 -33.89 25.52
CA GLU E 310 26.12 -32.67 26.21
C GLU E 310 26.31 -32.86 27.72
N LEU E 311 25.50 -33.73 28.32
CA LEU E 311 25.59 -33.93 29.76
C LEU E 311 26.84 -34.72 30.18
N ASP E 312 27.56 -35.26 29.19
CA ASP E 312 28.84 -35.91 29.44
C ASP E 312 29.90 -34.90 29.85
N PHE E 313 29.55 -33.61 29.81
CA PHE E 313 30.49 -32.54 30.15
C PHE E 313 29.90 -31.66 31.24
N LYS E 314 30.76 -31.15 32.12
CA LYS E 314 30.32 -30.32 33.23
C LYS E 314 30.14 -28.87 32.81
N ASP E 315 31.10 -28.36 32.03
CA ASP E 315 31.08 -26.97 31.58
C ASP E 315 30.02 -26.73 30.51
N MET F 1 38.88 -2.29 -4.06
CA MET F 1 38.36 -3.48 -4.72
C MET F 1 38.49 -4.70 -3.80
N LEU F 2 37.46 -5.53 -3.76
CA LEU F 2 37.47 -6.74 -2.93
C LEU F 2 38.06 -7.93 -3.70
N ASP F 3 39.13 -8.51 -3.15
CA ASP F 3 39.91 -9.52 -3.88
C ASP F 3 39.25 -10.88 -3.94
N ARG F 4 39.50 -11.59 -5.04
CA ARG F 4 39.07 -12.97 -5.16
C ARG F 4 39.65 -13.84 -4.05
N ILE F 5 38.84 -14.76 -3.53
CA ILE F 5 39.30 -15.70 -2.50
C ILE F 5 39.66 -17.03 -3.15
N ALA F 6 40.90 -17.47 -2.93
CA ALA F 6 41.45 -18.60 -3.68
C ALA F 6 41.02 -19.95 -3.10
N SER F 7 40.74 -19.98 -1.81
CA SER F 7 40.49 -21.24 -1.12
C SER F 7 39.98 -20.99 0.29
N ILE F 8 39.49 -22.04 0.94
CA ILE F 8 39.05 -21.91 2.33
C ILE F 8 40.18 -21.41 3.23
N LYS F 9 41.38 -21.95 3.05
CA LYS F 9 42.50 -21.57 3.91
C LYS F 9 42.90 -20.11 3.68
N LYS F 10 42.63 -19.60 2.48
CA LYS F 10 42.98 -18.23 2.15
C LYS F 10 41.79 -17.29 2.27
N ALA F 11 40.66 -17.83 2.73
CA ALA F 11 39.49 -17.01 3.06
C ALA F 11 39.79 -16.13 4.26
N PRO F 12 39.08 -14.99 4.37
CA PRO F 12 39.25 -14.07 5.50
C PRO F 12 38.92 -14.72 6.85
N ASP F 13 39.66 -14.35 7.90
CA ASP F 13 39.36 -14.81 9.25
C ASP F 13 38.21 -14.03 9.88
N GLU F 14 38.18 -12.72 9.61
CA GLU F 14 37.24 -11.81 10.26
C GLU F 14 35.80 -12.25 10.04
N GLU F 15 35.03 -12.21 11.11
CA GLU F 15 33.59 -12.43 11.04
C GLU F 15 32.87 -11.10 11.27
N TYR F 16 31.93 -10.77 10.40
CA TYR F 16 31.14 -9.56 10.63
C TYR F 16 29.69 -9.94 10.91
N TYR F 17 29.47 -11.24 11.00
CA TYR F 17 28.23 -11.82 11.48
C TYR F 17 28.64 -12.76 12.61
N VAL F 18 28.39 -12.37 13.85
CA VAL F 18 29.03 -13.01 15.00
C VAL F 18 28.13 -14.05 15.68
N PRO F 19 28.69 -14.88 16.57
CA PRO F 19 27.83 -15.85 17.27
C PRO F 19 26.70 -15.17 18.04
N GLY F 20 25.57 -15.85 18.12
CA GLY F 20 24.45 -15.34 18.90
C GLY F 20 23.32 -14.85 18.03
N HIS F 21 22.43 -15.78 17.67
CA HIS F 21 21.21 -15.42 16.94
C HIS F 21 20.24 -16.59 17.03
N ARG F 22 18.95 -16.26 17.03
CA ARG F 22 17.92 -17.25 17.28
C ARG F 22 17.48 -17.94 15.99
N THR F 23 18.47 -18.42 15.25
CA THR F 23 18.24 -19.18 14.03
C THR F 23 18.31 -20.66 14.36
N CYS F 24 17.60 -21.48 13.59
CA CYS F 24 17.64 -22.92 13.79
C CYS F 24 19.07 -23.46 13.78
N ALA F 25 19.29 -24.53 14.55
CA ALA F 25 20.51 -25.30 14.40
C ALA F 25 20.58 -25.75 12.95
N GLY F 26 21.73 -25.55 12.30
CA GLY F 26 21.90 -25.98 10.93
C GLY F 26 21.25 -25.07 9.90
N CYS F 27 20.84 -23.88 10.32
CA CYS F 27 20.15 -22.93 9.42
C CYS F 27 21.00 -22.49 8.22
N GLY F 28 20.54 -22.85 7.02
CA GLY F 28 21.21 -22.45 5.80
C GLY F 28 21.31 -20.94 5.58
N PRO F 29 20.17 -20.24 5.70
CA PRO F 29 20.24 -18.78 5.58
C PRO F 29 21.19 -18.11 6.60
N ALA F 30 21.32 -18.64 7.82
CA ALA F 30 22.27 -18.06 8.78
C ALA F 30 23.69 -18.13 8.24
N LEU F 31 24.05 -19.29 7.71
CA LEU F 31 25.35 -19.49 7.07
C LEU F 31 25.52 -18.57 5.86
N THR F 32 24.44 -18.38 5.11
CA THR F 32 24.46 -17.45 3.99
C THR F 32 24.85 -16.05 4.48
N TYR F 33 24.22 -15.61 5.56
CA TYR F 33 24.48 -14.28 6.12
C TYR F 33 25.92 -14.17 6.61
N ARG F 34 26.41 -15.23 7.24
CA ARG F 34 27.78 -15.25 7.74
C ARG F 34 28.81 -15.06 6.62
N LEU F 35 28.62 -15.80 5.54
CA LEU F 35 29.54 -15.77 4.41
C LEU F 35 29.46 -14.46 3.64
N VAL F 36 28.25 -13.95 3.45
CA VAL F 36 28.07 -12.65 2.80
C VAL F 36 28.75 -11.55 3.60
N ALA F 37 28.52 -11.57 4.91
CA ALA F 37 29.11 -10.58 5.80
C ALA F 37 30.63 -10.69 5.80
N LYS F 38 31.14 -11.93 5.84
CA LYS F 38 32.57 -12.17 5.75
C LYS F 38 33.15 -11.59 4.45
N ALA F 39 32.47 -11.85 3.34
CA ALA F 39 32.91 -11.39 2.04
C ALA F 39 32.84 -9.86 1.89
N ALA F 40 31.80 -9.25 2.45
CA ALA F 40 31.56 -7.83 2.25
C ALA F 40 32.52 -6.95 3.06
N GLY F 41 32.88 -7.39 4.25
CA GLY F 41 33.80 -6.61 5.06
C GLY F 41 33.10 -5.50 5.82
N PRO F 42 33.89 -4.63 6.47
CA PRO F 42 33.35 -3.67 7.45
C PRO F 42 32.71 -2.42 6.85
N ASN F 43 33.02 -2.08 5.61
CA ASN F 43 32.42 -0.90 5.00
C ASN F 43 31.13 -1.27 4.29
N THR F 44 30.14 -1.66 5.08
CA THR F 44 28.94 -2.31 4.57
C THR F 44 27.71 -1.91 5.38
N ILE F 45 26.61 -1.68 4.68
CA ILE F 45 25.32 -1.46 5.33
C ILE F 45 24.36 -2.56 4.89
N PHE F 46 23.70 -3.22 5.83
CA PHE F 46 22.76 -4.27 5.49
C PHE F 46 21.31 -3.80 5.58
N ILE F 47 20.49 -4.28 4.65
CA ILE F 47 19.06 -4.00 4.68
C ILE F 47 18.35 -5.34 4.85
N GLY F 48 17.51 -5.45 5.87
CA GLY F 48 16.83 -6.71 6.13
C GLY F 48 15.32 -6.66 6.01
N PRO F 49 14.79 -6.99 4.81
CA PRO F 49 13.34 -7.10 4.65
C PRO F 49 12.81 -8.19 5.58
N THR F 50 11.58 -8.05 6.05
CA THR F 50 11.06 -8.95 7.07
C THR F 50 11.09 -10.41 6.62
N GLY F 51 11.56 -11.27 7.50
CA GLY F 51 11.68 -12.70 7.26
C GLY F 51 12.56 -13.30 8.35
N CYS F 52 12.92 -14.58 8.23
CA CYS F 52 13.76 -15.22 9.25
C CYS F 52 15.06 -14.46 9.52
N MET F 53 15.77 -14.03 8.47
CA MET F 53 17.09 -13.45 8.70
C MET F 53 16.98 -12.07 9.34
N TYR F 54 15.76 -11.56 9.44
CA TYR F 54 15.50 -10.41 10.27
C TYR F 54 15.08 -10.86 11.68
N VAL F 55 13.97 -11.60 11.75
CA VAL F 55 13.36 -11.96 13.03
C VAL F 55 14.28 -12.84 13.86
N ALA F 56 14.70 -13.95 13.28
CA ALA F 56 15.54 -14.91 13.98
C ALA F 56 16.85 -14.28 14.47
N ASN F 57 17.39 -13.36 13.69
CA ASN F 57 18.68 -12.75 14.00
C ASN F 57 18.64 -11.63 15.02
N THR F 58 17.51 -10.93 15.15
CA THR F 58 17.43 -9.80 16.08
C THR F 58 16.66 -10.12 17.36
N SER F 59 16.20 -11.36 17.51
CA SER F 59 15.49 -11.75 18.73
C SER F 59 16.44 -11.83 19.92
N TYR F 60 16.25 -10.98 20.93
CA TYR F 60 15.27 -9.90 20.93
C TYR F 60 15.97 -8.61 21.32
N GLY F 61 15.72 -7.55 20.57
CA GLY F 61 16.32 -6.26 20.85
C GLY F 61 17.83 -6.28 20.71
N CYS F 62 18.33 -7.07 19.77
CA CYS F 62 19.77 -7.18 19.56
C CYS F 62 20.07 -7.59 18.13
N GLY F 63 21.29 -8.03 17.87
CA GLY F 63 21.66 -8.45 16.53
C GLY F 63 23.08 -8.95 16.45
N PRO F 64 23.39 -9.69 15.38
CA PRO F 64 24.70 -10.31 15.17
C PRO F 64 25.59 -9.59 14.15
N TRP F 65 25.17 -8.44 13.63
CA TRP F 65 25.96 -7.73 12.64
C TRP F 65 26.92 -6.73 13.27
N ARG F 66 28.20 -6.83 12.92
CA ARG F 66 29.20 -5.88 13.41
C ARG F 66 29.11 -4.56 12.67
N VAL F 67 28.41 -4.57 11.55
CA VAL F 67 28.25 -3.41 10.70
C VAL F 67 26.84 -2.84 10.90
N PRO F 68 26.56 -1.63 10.36
CA PRO F 68 25.18 -1.15 10.52
C PRO F 68 24.17 -1.98 9.73
N TRP F 69 22.94 -1.98 10.21
CA TRP F 69 21.85 -2.78 9.66
C TRP F 69 20.54 -2.03 9.89
N ILE F 70 19.60 -2.13 8.95
CA ILE F 70 18.28 -1.56 9.18
C ILE F 70 17.17 -2.48 8.68
N HIS F 71 16.07 -2.48 9.43
CA HIS F 71 14.89 -3.23 9.07
C HIS F 71 14.17 -2.59 7.89
N ALA F 72 13.76 -3.42 6.92
CA ALA F 72 12.89 -2.97 5.85
C ALA F 72 11.60 -3.79 5.86
N GLN F 73 10.54 -3.25 5.30
CA GLN F 73 9.32 -4.01 5.12
C GLN F 73 9.65 -5.10 4.09
N ILE F 74 8.91 -6.20 4.13
CA ILE F 74 9.13 -7.25 3.15
C ILE F 74 8.80 -6.73 1.74
N THR F 75 8.01 -5.65 1.69
CA THR F 75 7.53 -5.07 0.45
C THR F 75 8.52 -4.11 -0.24
N ASN F 76 9.53 -3.64 0.49
CA ASN F 76 10.32 -2.49 0.01
C ASN F 76 11.83 -2.58 0.14
N GLY F 77 12.39 -3.77 0.28
CA GLY F 77 13.83 -3.94 0.43
C GLY F 77 14.63 -3.14 -0.60
N GLY F 78 14.23 -3.26 -1.87
CA GLY F 78 14.91 -2.58 -2.95
C GLY F 78 14.82 -1.07 -2.86
N ALA F 79 13.66 -0.59 -2.39
CA ALA F 79 13.42 0.84 -2.31
C ALA F 79 14.17 1.45 -1.12
N VAL F 80 14.22 0.73 -0.01
CA VAL F 80 14.94 1.23 1.16
C VAL F 80 16.44 1.37 0.85
N ALA F 81 17.01 0.37 0.18
CA ALA F 81 18.41 0.43 -0.22
C ALA F 81 18.66 1.54 -1.23
N SER F 82 17.69 1.76 -2.12
CA SER F 82 17.78 2.85 -3.10
C SER F 82 17.95 4.18 -2.39
N GLY F 83 17.21 4.36 -1.29
CA GLY F 83 17.24 5.61 -0.55
C GLY F 83 18.50 5.80 0.27
N ILE F 84 19.03 4.72 0.82
CA ILE F 84 20.31 4.77 1.52
C ILE F 84 21.43 5.19 0.55
N GLU F 85 21.43 4.58 -0.63
CA GLU F 85 22.39 4.90 -1.68
C GLU F 85 22.28 6.34 -2.17
N ALA F 86 21.05 6.80 -2.34
CA ALA F 86 20.81 8.16 -2.82
C ALA F 86 21.30 9.14 -1.78
N ALA F 87 21.04 8.81 -0.52
CA ALA F 87 21.47 9.67 0.59
C ALA F 87 22.99 9.80 0.61
N TYR F 88 23.68 8.67 0.59
CA TYR F 88 25.15 8.72 0.62
C TYR F 88 25.70 9.48 -0.57
N LYS F 89 25.15 9.24 -1.76
CA LYS F 89 25.55 10.00 -2.95
C LYS F 89 25.40 11.50 -2.73
N ALA F 90 24.22 11.91 -2.27
CA ALA F 90 23.93 13.32 -2.06
C ALA F 90 24.75 13.91 -0.91
N MET F 91 24.81 13.21 0.21
CA MET F 91 25.54 13.70 1.38
C MET F 91 27.03 13.90 1.09
N ILE F 92 27.61 12.96 0.33
CA ILE F 92 29.01 13.07 -0.04
C ILE F 92 29.21 14.23 -1.02
N ARG F 93 28.35 14.30 -2.04
CA ARG F 93 28.45 15.37 -3.02
C ARG F 93 28.29 16.76 -2.40
N LYS F 94 27.36 16.89 -1.46
CA LYS F 94 27.03 18.19 -0.89
C LYS F 94 27.92 18.50 0.32
N LYS F 95 28.91 17.63 0.53
CA LYS F 95 29.91 17.81 1.59
C LYS F 95 29.28 17.93 2.97
N LYS F 96 28.32 17.06 3.25
CA LYS F 96 27.63 17.06 4.54
C LYS F 96 28.02 15.82 5.35
N THR F 97 28.87 14.98 4.77
CA THR F 97 29.42 13.84 5.48
C THR F 97 30.84 13.56 4.98
N ASP F 98 31.70 13.05 5.85
CA ASP F 98 33.03 12.66 5.44
C ASP F 98 33.12 11.15 5.33
N ALA F 99 31.99 10.47 5.52
CA ALA F 99 31.92 9.02 5.38
C ALA F 99 32.25 8.61 3.95
N GLU F 100 32.85 7.44 3.80
CA GLU F 100 33.15 6.89 2.47
C GLU F 100 31.92 6.19 1.92
N PHE F 101 31.86 6.01 0.60
CA PHE F 101 30.72 5.31 0.03
C PHE F 101 30.78 3.84 0.43
N PRO F 102 29.69 3.33 1.02
CA PRO F 102 29.69 1.97 1.60
C PRO F 102 29.16 0.90 0.65
N ASN F 103 29.48 -0.35 0.94
CA ASN F 103 28.76 -1.49 0.38
C ASN F 103 27.33 -1.46 0.88
N ILE F 104 26.36 -1.51 -0.02
CA ILE F 104 24.95 -1.50 0.38
C ILE F 104 24.30 -2.80 -0.07
N ILE F 105 23.86 -3.61 0.90
CA ILE F 105 23.42 -4.97 0.59
C ILE F 105 22.04 -5.31 1.13
N VAL F 106 21.14 -5.72 0.25
CA VAL F 106 19.83 -6.21 0.68
C VAL F 106 19.88 -7.72 0.87
N MET F 107 19.41 -8.19 2.03
CA MET F 107 19.30 -9.61 2.31
C MET F 107 17.82 -10.02 2.36
N ALA F 108 17.20 -10.07 1.20
CA ALA F 108 15.79 -10.41 1.09
C ALA F 108 15.60 -11.92 1.04
N GLY F 109 14.55 -12.40 1.69
CA GLY F 109 14.15 -13.78 1.56
C GLY F 109 13.49 -13.95 0.21
N ASP F 110 13.15 -15.18 -0.16
CA ASP F 110 12.56 -15.42 -1.48
C ASP F 110 11.21 -14.72 -1.61
N GLY F 111 10.44 -14.70 -0.53
CA GLY F 111 9.24 -13.88 -0.52
C GLY F 111 9.56 -12.44 -0.83
N GLY F 112 10.50 -11.88 -0.08
CA GLY F 112 10.91 -10.50 -0.26
C GLY F 112 11.71 -10.19 -1.52
N ALA F 113 11.97 -11.19 -2.35
CA ALA F 113 12.75 -10.93 -3.56
C ALA F 113 11.96 -11.22 -4.84
N VAL F 114 11.20 -12.31 -4.85
CA VAL F 114 10.55 -12.79 -6.07
C VAL F 114 9.03 -12.63 -6.12
N ASP F 115 8.42 -12.33 -4.98
CA ASP F 115 6.96 -12.37 -4.83
C ASP F 115 6.43 -10.97 -4.49
N ILE F 116 6.55 -10.60 -3.22
CA ILE F 116 6.04 -9.33 -2.72
C ILE F 116 7.09 -8.20 -2.77
N GLY F 117 8.36 -8.55 -2.97
CA GLY F 117 9.41 -7.57 -3.07
C GLY F 117 9.97 -7.33 -4.47
N LEU F 118 9.38 -7.98 -5.46
CA LEU F 118 9.90 -7.98 -6.83
C LEU F 118 9.85 -6.61 -7.51
N GLN F 119 8.73 -5.93 -7.34
CA GLN F 119 8.53 -4.63 -7.97
C GLN F 119 9.60 -3.63 -7.51
N ALA F 120 9.93 -3.67 -6.22
CA ALA F 120 10.91 -2.75 -5.67
C ALA F 120 12.33 -3.17 -6.07
N LEU F 121 12.53 -4.46 -6.28
CA LEU F 121 13.81 -4.94 -6.78
C LEU F 121 14.02 -4.48 -8.22
N SER F 122 13.04 -4.72 -9.08
CA SER F 122 13.12 -4.34 -10.49
C SER F 122 13.37 -2.85 -10.66
N ALA F 123 12.68 -2.05 -9.86
CA ALA F 123 12.84 -0.59 -9.92
C ALA F 123 14.24 -0.14 -9.50
N MET F 124 14.80 -0.81 -8.51
CA MET F 124 16.15 -0.46 -8.06
C MET F 124 17.14 -0.77 -9.18
N LEU F 125 16.93 -1.87 -9.89
CA LEU F 125 17.79 -2.20 -11.02
C LEU F 125 17.60 -1.22 -12.17
N TYR F 126 16.36 -0.78 -12.37
CA TYR F 126 16.07 0.16 -13.44
C TYR F 126 16.78 1.49 -13.20
N ARG F 127 16.75 1.96 -11.95
CA ARG F 127 17.35 3.24 -11.62
C ARG F 127 18.88 3.19 -11.51
N GLY F 128 19.42 1.97 -11.38
CA GLY F 128 20.86 1.77 -11.46
C GLY F 128 21.64 2.14 -10.22
N HIS F 129 21.02 2.02 -9.05
CA HIS F 129 21.71 2.30 -7.80
C HIS F 129 22.86 1.33 -7.60
N ASP F 130 23.93 1.81 -6.97
CA ASP F 130 25.09 0.99 -6.69
C ASP F 130 24.80 0.14 -5.44
N VAL F 131 24.04 -0.94 -5.64
CA VAL F 131 23.51 -1.73 -4.53
C VAL F 131 23.57 -3.21 -4.91
N LEU F 132 23.95 -4.06 -3.97
CA LEU F 132 23.89 -5.50 -4.19
C LEU F 132 22.63 -6.06 -3.55
N PHE F 133 21.75 -6.59 -4.38
CA PHE F 133 20.53 -7.19 -3.87
C PHE F 133 20.68 -8.70 -3.81
N ILE F 134 20.58 -9.27 -2.62
CA ILE F 134 20.68 -10.70 -2.45
C ILE F 134 19.34 -11.33 -2.08
N CYS F 135 19.01 -12.44 -2.74
CA CYS F 135 17.91 -13.28 -2.29
C CYS F 135 18.49 -14.53 -1.63
N TYR F 136 18.13 -14.75 -0.38
CA TYR F 136 18.50 -16.01 0.26
C TYR F 136 17.25 -16.87 0.17
N ASP F 137 17.35 -17.92 -0.65
CA ASP F 137 16.19 -18.69 -1.03
C ASP F 137 16.09 -19.96 -0.17
N ASN F 138 15.13 -19.99 0.74
CA ASN F 138 14.85 -21.21 1.51
C ASN F 138 13.54 -21.83 1.04
N GLU F 139 13.04 -21.33 -0.08
CA GLU F 139 11.94 -21.94 -0.83
C GLU F 139 10.62 -22.05 -0.06
N SER F 140 10.39 -21.07 0.81
CA SER F 140 9.08 -20.86 1.42
C SER F 140 9.07 -19.52 2.16
N TYR F 141 7.89 -19.06 2.51
CA TYR F 141 7.73 -18.07 3.56
C TYR F 141 7.99 -18.80 4.87
N ALA F 142 9.22 -18.71 5.38
CA ALA F 142 9.63 -19.63 6.43
C ALA F 142 9.24 -19.15 7.82
N ASN F 143 9.53 -17.89 8.14
CA ASN F 143 9.29 -17.39 9.49
C ASN F 143 7.82 -17.44 9.91
N THR F 144 6.92 -17.37 8.94
CA THR F 144 5.48 -17.45 9.23
C THR F 144 5.01 -18.88 9.47
N GLY F 145 5.92 -19.84 9.41
CA GLY F 145 5.57 -21.23 9.66
C GLY F 145 5.58 -22.15 8.44
N ILE F 146 6.26 -21.73 7.37
CA ILE F 146 6.50 -22.50 6.13
C ILE F 146 5.27 -22.54 5.21
N GLN F 147 5.14 -21.50 4.38
CA GLN F 147 4.07 -21.43 3.38
C GLN F 147 4.66 -21.27 1.98
N THR F 148 3.93 -21.79 0.99
CA THR F 148 4.34 -21.72 -0.41
C THR F 148 4.73 -20.30 -0.85
N SER F 149 5.87 -20.19 -1.53
CA SER F 149 6.27 -18.96 -2.20
C SER F 149 6.46 -19.32 -3.67
N PRO F 150 6.72 -18.33 -4.55
CA PRO F 150 6.92 -18.74 -5.94
C PRO F 150 8.24 -19.48 -6.20
N THR F 151 9.16 -19.54 -5.25
CA THR F 151 10.34 -20.39 -5.44
C THR F 151 10.12 -21.79 -4.86
N THR F 152 8.98 -22.01 -4.22
CA THR F 152 8.69 -23.33 -3.67
C THR F 152 8.56 -24.29 -4.83
N PRO F 153 9.34 -25.39 -4.82
CA PRO F 153 9.28 -26.36 -5.92
C PRO F 153 7.88 -26.97 -6.08
N TYR F 154 7.56 -27.39 -7.29
CA TYR F 154 6.39 -28.17 -7.55
C TYR F 154 6.35 -29.38 -6.61
N GLY F 155 5.16 -29.70 -6.12
CA GLY F 155 4.98 -30.90 -5.32
C GLY F 155 5.40 -30.80 -3.88
N ALA F 156 5.79 -29.61 -3.43
CA ALA F 156 6.28 -29.45 -2.05
C ALA F 156 5.15 -29.21 -1.05
N ASN F 157 5.26 -29.86 0.10
CA ASN F 157 4.29 -29.73 1.17
C ASN F 157 4.58 -28.49 2.00
N THR F 158 3.63 -27.57 2.04
CA THR F 158 3.68 -26.42 2.94
C THR F 158 2.30 -26.29 3.56
N THR F 159 2.14 -25.44 4.58
CA THR F 159 0.84 -25.33 5.22
C THR F 159 -0.23 -24.71 4.28
N PHE F 160 0.20 -24.06 3.20
CA PHE F 160 -0.73 -23.55 2.18
C PHE F 160 -0.89 -24.50 1.00
N THR F 161 -0.05 -25.53 0.95
CA THR F 161 -0.15 -26.53 -0.12
C THR F 161 -0.10 -27.96 0.45
N PRO F 162 -0.99 -28.28 1.40
CA PRO F 162 -0.93 -29.64 1.94
C PRO F 162 -1.46 -30.66 0.92
N PRO F 163 -0.83 -31.84 0.83
CA PRO F 163 -1.36 -32.83 -0.11
C PRO F 163 -2.71 -33.35 0.39
N GLY F 164 -3.59 -33.71 -0.54
CA GLY F 164 -4.94 -34.19 -0.20
C GLY F 164 -5.51 -34.81 -1.45
N GLU F 165 -6.65 -35.50 -1.35
CA GLU F 165 -7.14 -36.26 -2.51
C GLU F 165 -7.55 -35.36 -3.68
N VAL F 166 -7.89 -34.10 -3.39
CA VAL F 166 -8.19 -33.16 -4.46
C VAL F 166 -6.90 -32.59 -5.07
N VAL F 167 -5.89 -32.35 -4.23
CA VAL F 167 -4.58 -31.91 -4.72
C VAL F 167 -3.47 -32.81 -4.18
N PRO F 168 -3.26 -33.97 -4.82
CA PRO F 168 -2.33 -34.99 -4.33
C PRO F 168 -0.88 -34.52 -4.22
N GLU F 169 -0.46 -33.64 -5.12
CA GLU F 169 0.93 -33.19 -5.13
C GLU F 169 1.17 -32.06 -4.13
N GLY F 170 0.10 -31.59 -3.49
CA GLY F 170 0.22 -30.49 -2.55
C GLY F 170 0.32 -29.15 -3.25
N LYS F 171 1.46 -28.90 -3.91
CA LYS F 171 1.63 -27.71 -4.72
C LYS F 171 1.64 -28.08 -6.20
N LYS F 172 0.75 -27.49 -6.98
CA LYS F 172 0.64 -27.86 -8.39
C LYS F 172 1.44 -26.93 -9.29
N LEU F 173 1.79 -25.75 -8.78
CA LEU F 173 2.53 -24.76 -9.56
C LEU F 173 4.03 -25.01 -9.56
N PHE F 174 4.66 -24.87 -10.71
CA PHE F 174 6.12 -24.90 -10.80
C PHE F 174 6.68 -23.52 -10.47
N PRO F 175 7.90 -23.47 -9.91
CA PRO F 175 8.40 -22.20 -9.37
C PRO F 175 8.79 -21.16 -10.42
N LYS F 176 8.69 -19.90 -10.00
CA LYS F 176 9.26 -18.80 -10.76
C LYS F 176 10.78 -18.79 -10.61
N ASP F 177 11.48 -18.44 -11.68
CA ASP F 177 12.94 -18.43 -11.72
C ASP F 177 13.43 -16.98 -11.70
N ASN F 178 13.46 -16.37 -10.52
CA ASN F 178 13.75 -14.92 -10.41
C ASN F 178 15.09 -14.44 -10.99
N PRO F 179 16.17 -15.25 -10.90
CA PRO F 179 17.41 -14.71 -11.49
C PRO F 179 17.31 -14.53 -13.00
N LYS F 180 16.41 -15.27 -13.65
CA LYS F 180 16.25 -15.10 -15.09
C LYS F 180 15.26 -13.97 -15.39
N VAL F 181 14.28 -13.79 -14.51
CA VAL F 181 13.33 -12.69 -14.66
C VAL F 181 14.05 -11.34 -14.71
N ILE F 182 14.94 -11.09 -13.75
CA ILE F 182 15.55 -9.77 -13.69
C ILE F 182 16.82 -9.65 -14.54
N ALA F 183 17.30 -10.77 -15.10
CA ALA F 183 18.54 -10.77 -15.87
C ALA F 183 18.38 -10.13 -17.25
N HIS F 184 17.14 -9.96 -17.69
CA HIS F 184 16.88 -9.29 -18.97
C HIS F 184 16.15 -7.98 -18.78
N GLY F 185 16.34 -7.07 -19.73
CA GLY F 185 15.53 -5.86 -19.82
C GLY F 185 15.89 -4.74 -18.86
N HIS F 186 16.90 -4.94 -18.02
CA HIS F 186 17.38 -3.88 -17.13
C HIS F 186 18.79 -3.44 -17.55
N PRO F 187 18.90 -2.38 -18.38
CA PRO F 187 20.20 -1.96 -18.94
C PRO F 187 21.31 -1.65 -17.92
N GLU F 188 20.97 -1.22 -16.70
CA GLU F 188 22.01 -0.85 -15.72
C GLU F 188 22.58 -2.03 -14.95
N LEU F 189 21.93 -3.18 -15.05
CA LEU F 189 22.32 -4.34 -14.24
C LEU F 189 23.73 -4.82 -14.59
N LYS F 190 24.61 -4.82 -13.60
CA LYS F 190 26.02 -5.07 -13.83
C LYS F 190 26.45 -6.52 -13.67
N TYR F 191 25.63 -7.31 -13.00
CA TYR F 191 26.05 -8.63 -12.57
C TYR F 191 24.89 -9.44 -12.03
N VAL F 192 24.74 -10.66 -12.53
CA VAL F 192 23.77 -11.61 -12.00
C VAL F 192 24.43 -12.95 -11.79
N ALA F 193 24.15 -13.57 -10.64
CA ALA F 193 24.68 -14.89 -10.34
C ALA F 193 23.78 -15.64 -9.39
N THR F 194 23.81 -16.97 -9.50
CA THR F 194 23.23 -17.83 -8.49
C THR F 194 24.35 -18.48 -7.68
N ALA F 195 24.13 -18.63 -6.37
CA ALA F 195 25.12 -19.23 -5.50
C ALA F 195 24.46 -20.25 -4.58
N SER F 196 25.28 -20.92 -3.79
CA SER F 196 24.80 -21.94 -2.87
C SER F 196 25.75 -22.07 -1.69
N ILE F 197 25.21 -22.22 -0.48
CA ILE F 197 26.07 -22.41 0.68
C ILE F 197 26.89 -23.70 0.58
N GLY F 198 26.51 -24.61 -0.31
CA GLY F 198 27.32 -25.79 -0.57
C GLY F 198 28.69 -25.45 -1.12
N TRP F 199 28.79 -24.30 -1.78
CA TRP F 199 30.05 -23.83 -2.37
C TRP F 199 30.38 -22.47 -1.80
N PRO F 200 30.89 -22.45 -0.56
CA PRO F 200 31.01 -21.20 0.19
C PRO F 200 32.06 -20.22 -0.35
N VAL F 201 33.16 -20.69 -0.92
CA VAL F 201 34.14 -19.78 -1.52
C VAL F 201 33.58 -19.18 -2.80
N ASP F 202 32.90 -20.01 -3.59
CA ASP F 202 32.23 -19.52 -4.79
C ASP F 202 31.22 -18.44 -4.43
N LEU F 203 30.50 -18.65 -3.34
CA LEU F 203 29.50 -17.70 -2.87
C LEU F 203 30.16 -16.36 -2.56
N MET F 204 31.17 -16.38 -1.70
CA MET F 204 31.84 -15.15 -1.30
C MET F 204 32.48 -14.43 -2.46
N ASN F 205 33.02 -15.19 -3.42
CA ASN F 205 33.62 -14.56 -4.59
C ASN F 205 32.56 -13.88 -5.46
N LYS F 206 31.39 -14.49 -5.57
CA LYS F 206 30.31 -13.88 -6.33
C LYS F 206 29.83 -12.59 -5.66
N VAL F 207 29.71 -12.61 -4.34
CA VAL F 207 29.36 -11.41 -3.58
C VAL F 207 30.36 -10.28 -3.83
N ARG F 208 31.66 -10.61 -3.76
CA ARG F 208 32.70 -9.63 -4.03
C ARG F 208 32.67 -9.13 -5.45
N LYS F 209 32.44 -10.03 -6.42
CA LYS F 209 32.32 -9.60 -7.81
C LYS F 209 31.13 -8.65 -7.99
N GLY F 210 30.04 -8.92 -7.25
CA GLY F 210 28.86 -8.08 -7.32
C GLY F 210 29.14 -6.72 -6.71
N LEU F 211 29.77 -6.71 -5.55
CA LEU F 211 30.09 -5.47 -4.86
C LEU F 211 31.07 -4.62 -5.66
N ASN F 212 31.99 -5.27 -6.37
CA ASN F 212 33.02 -4.57 -7.13
C ASN F 212 32.46 -3.76 -8.31
N GLN F 213 31.32 -4.21 -8.83
CA GLN F 213 30.64 -3.49 -9.92
C GLN F 213 30.08 -2.14 -9.45
N GLU F 214 30.25 -1.11 -10.28
CA GLU F 214 29.67 0.20 -9.98
C GLU F 214 28.26 0.28 -10.56
N GLY F 215 27.30 -0.21 -9.79
CA GLY F 215 25.93 -0.27 -10.24
C GLY F 215 25.26 -1.46 -9.61
N PRO F 216 24.01 -1.74 -9.99
CA PRO F 216 23.26 -2.79 -9.29
C PRO F 216 23.70 -4.22 -9.61
N ALA F 217 23.57 -5.10 -8.61
CA ALA F 217 23.86 -6.52 -8.78
C ALA F 217 22.78 -7.36 -8.10
N TYR F 218 22.52 -8.54 -8.64
CA TYR F 218 21.58 -9.48 -8.03
C TYR F 218 22.24 -10.84 -7.88
N ILE F 219 22.26 -11.38 -6.67
CA ILE F 219 22.74 -12.74 -6.42
C ILE F 219 21.66 -13.56 -5.71
N HIS F 220 21.32 -14.69 -6.31
CA HIS F 220 20.27 -15.55 -5.78
C HIS F 220 20.92 -16.78 -5.15
N ILE F 221 20.83 -16.88 -3.82
CA ILE F 221 21.57 -17.88 -3.08
C ILE F 221 20.70 -18.99 -2.51
N HIS F 222 20.97 -20.24 -2.91
CA HIS F 222 20.25 -21.38 -2.37
C HIS F 222 20.68 -21.64 -0.93
N ALA F 223 19.70 -21.68 -0.03
CA ALA F 223 19.95 -21.85 1.39
C ALA F 223 18.95 -22.80 2.03
N PRO F 224 19.24 -24.10 1.97
CA PRO F 224 18.37 -25.14 2.54
C PRO F 224 17.96 -24.88 3.99
N CYS F 225 16.72 -25.22 4.28
CA CYS F 225 16.06 -24.92 5.53
C CYS F 225 15.62 -26.25 6.16
N PRO F 226 16.37 -26.73 7.16
CA PRO F 226 16.04 -28.05 7.74
C PRO F 226 14.66 -28.04 8.39
N LYS F 227 14.27 -26.93 9.02
CA LYS F 227 12.92 -26.85 9.58
C LYS F 227 11.88 -26.98 8.49
N GLY F 228 11.96 -26.12 7.48
CA GLY F 228 10.93 -26.04 6.45
C GLY F 228 10.91 -27.18 5.45
N TRP F 229 12.07 -27.75 5.15
CA TRP F 229 12.13 -28.86 4.21
C TRP F 229 12.00 -30.20 4.93
N GLN F 230 12.18 -30.15 6.25
CA GLN F 230 12.15 -31.33 7.13
C GLN F 230 13.27 -32.31 6.79
N PHE F 231 14.49 -31.92 7.16
CA PHE F 231 15.64 -32.81 7.11
C PHE F 231 16.50 -32.50 8.33
N PRO F 232 17.38 -33.45 8.73
CA PRO F 232 18.12 -33.23 9.98
C PRO F 232 19.04 -32.00 9.93
N ALA F 233 19.26 -31.38 11.09
CA ALA F 233 20.06 -30.17 11.18
C ALA F 233 21.49 -30.31 10.65
N ASP F 234 22.01 -31.54 10.59
CA ASP F 234 23.39 -31.71 10.13
C ASP F 234 23.49 -32.15 8.67
N LYS F 235 22.39 -32.05 7.92
CA LYS F 235 22.39 -32.43 6.51
C LYS F 235 22.21 -31.23 5.57
N THR F 236 22.29 -30.03 6.12
CA THR F 236 22.05 -28.80 5.34
C THR F 236 23.02 -28.64 4.17
N ILE F 237 24.28 -29.02 4.36
CA ILE F 237 25.28 -28.87 3.32
C ILE F 237 25.16 -29.99 2.30
N GLU F 238 24.87 -31.20 2.77
CA GLU F 238 24.59 -32.31 1.85
C GLU F 238 23.38 -31.97 0.97
N MET F 239 22.36 -31.37 1.55
CA MET F 239 21.16 -30.99 0.80
C MET F 239 21.50 -29.96 -0.27
N ALA F 240 22.32 -28.99 0.11
CA ALA F 240 22.74 -27.93 -0.80
C ALA F 240 23.50 -28.51 -1.97
N LYS F 241 24.41 -29.45 -1.69
CA LYS F 241 25.21 -30.05 -2.74
C LYS F 241 24.34 -30.90 -3.66
N LEU F 242 23.42 -31.66 -3.08
CA LEU F 242 22.52 -32.50 -3.87
C LEU F 242 21.56 -31.68 -4.74
N ALA F 243 21.16 -30.51 -4.25
CA ALA F 243 20.29 -29.62 -5.04
C ALA F 243 20.96 -29.26 -6.36
N VAL F 244 22.24 -28.96 -6.29
CA VAL F 244 23.02 -28.62 -7.46
C VAL F 244 23.34 -29.87 -8.29
N GLN F 245 23.66 -30.97 -7.61
CA GLN F 245 24.07 -32.19 -8.32
C GLN F 245 22.89 -32.81 -9.09
N THR F 246 21.66 -32.53 -8.66
CA THR F 246 20.49 -33.04 -9.37
C THR F 246 19.90 -32.03 -10.33
N GLY F 247 20.46 -30.82 -10.37
CA GLY F 247 19.93 -29.78 -11.23
C GLY F 247 18.69 -29.06 -10.71
N MET F 248 18.28 -29.36 -9.48
CA MET F 248 17.14 -28.67 -8.85
C MET F 248 17.48 -27.21 -8.63
N PHE F 249 18.77 -26.92 -8.49
CA PHE F 249 19.24 -25.56 -8.43
C PHE F 249 20.43 -25.46 -9.37
N GLN F 250 20.45 -24.43 -10.21
CA GLN F 250 21.54 -24.26 -11.16
C GLN F 250 22.51 -23.17 -10.68
N LEU F 251 23.80 -23.48 -10.69
CA LEU F 251 24.83 -22.54 -10.25
C LEU F 251 25.54 -21.88 -11.43
N TYR F 252 25.47 -20.56 -11.53
CA TYR F 252 26.09 -19.88 -12.66
C TYR F 252 26.30 -18.38 -12.46
N GLU F 253 27.01 -17.79 -13.40
CA GLU F 253 27.05 -16.35 -13.56
C GLU F 253 26.48 -16.03 -14.92
N TYR F 254 25.73 -14.94 -15.01
CA TYR F 254 25.12 -14.60 -16.28
C TYR F 254 25.55 -13.18 -16.66
N GLU F 255 26.24 -13.07 -17.78
CA GLU F 255 26.89 -11.83 -18.19
C GLU F 255 26.97 -11.78 -19.71
N ASN F 256 26.76 -10.60 -20.27
CA ASN F 256 26.78 -10.42 -21.72
C ASN F 256 25.94 -11.45 -22.44
N GLY F 257 24.79 -11.80 -21.86
CA GLY F 257 23.91 -12.79 -22.44
C GLY F 257 24.36 -14.24 -22.42
N GLU F 258 25.38 -14.57 -21.61
CA GLU F 258 25.90 -15.95 -21.59
C GLU F 258 25.96 -16.53 -20.18
N TYR F 259 25.71 -17.84 -20.08
CA TYR F 259 25.78 -18.57 -18.81
C TYR F 259 27.14 -19.22 -18.57
N LYS F 260 27.87 -18.74 -17.56
CA LYS F 260 29.08 -19.41 -17.12
C LYS F 260 28.74 -20.36 -15.98
N LEU F 261 28.78 -21.66 -16.24
CA LEU F 261 28.42 -22.64 -15.23
C LEU F 261 29.52 -22.74 -14.18
N SER F 262 29.14 -22.69 -12.91
CA SER F 262 30.08 -22.63 -11.81
C SER F 262 30.62 -24.01 -11.43
N VAL F 263 29.80 -25.03 -11.58
CA VAL F 263 30.25 -26.39 -11.28
C VAL F 263 29.95 -27.28 -12.47
N LYS F 264 31.02 -27.82 -13.06
CA LYS F 264 30.91 -28.58 -14.30
C LYS F 264 31.43 -30.01 -14.13
N VAL F 265 30.51 -30.96 -14.11
CA VAL F 265 30.85 -32.37 -13.97
C VAL F 265 30.23 -33.18 -15.10
N ASP F 266 30.61 -34.46 -15.21
CA ASP F 266 30.24 -35.23 -16.38
C ASP F 266 28.85 -35.87 -16.28
N LYS F 267 28.19 -35.71 -15.14
CA LYS F 267 26.87 -36.31 -14.98
C LYS F 267 25.97 -35.52 -14.05
N ARG F 268 24.67 -35.77 -14.16
CA ARG F 268 23.68 -35.19 -13.27
C ARG F 268 22.91 -36.30 -12.56
N LYS F 269 22.70 -36.16 -11.25
CA LYS F 269 21.95 -37.16 -10.51
C LYS F 269 20.45 -36.98 -10.70
N PRO F 270 19.68 -38.08 -10.68
CA PRO F 270 18.22 -38.01 -10.74
C PRO F 270 17.64 -37.25 -9.55
N VAL F 271 16.54 -36.53 -9.75
CA VAL F 271 16.03 -35.63 -8.71
C VAL F 271 15.63 -36.37 -7.46
N SER F 272 15.26 -37.64 -7.62
CA SER F 272 14.80 -38.47 -6.51
C SER F 272 15.88 -38.63 -5.45
N GLU F 273 17.15 -38.61 -5.85
CA GLU F 273 18.25 -38.76 -4.90
C GLU F 273 18.34 -37.56 -3.95
N TYR F 274 17.70 -36.47 -4.34
CA TYR F 274 17.62 -35.25 -3.54
C TYR F 274 16.30 -35.20 -2.77
N MET F 275 15.20 -35.44 -3.47
CA MET F 275 13.88 -35.29 -2.88
C MET F 275 13.58 -36.30 -1.76
N LYS F 276 14.10 -37.52 -1.87
CA LYS F 276 13.74 -38.56 -0.91
C LYS F 276 14.31 -38.30 0.48
N LEU F 277 15.26 -37.37 0.58
CA LEU F 277 15.84 -37.03 1.87
C LEU F 277 15.05 -35.94 2.63
N GLN F 278 13.97 -35.45 2.03
CA GLN F 278 13.22 -34.33 2.59
C GLN F 278 11.74 -34.67 2.73
N LYS F 279 11.22 -34.57 3.94
CA LYS F 279 9.83 -34.95 4.16
C LYS F 279 8.84 -33.99 3.48
N ARG F 280 9.32 -32.84 2.98
CA ARG F 280 8.43 -31.94 2.25
C ARG F 280 8.01 -32.57 0.91
N PHE F 281 8.72 -33.60 0.48
CA PHE F 281 8.38 -34.31 -0.75
C PHE F 281 7.83 -35.72 -0.51
N ALA F 282 7.65 -36.08 0.76
CA ALA F 282 7.35 -37.46 1.15
C ALA F 282 6.06 -38.01 0.53
N HIS F 283 5.12 -37.13 0.21
CA HIS F 283 3.80 -37.54 -0.28
C HIS F 283 3.77 -37.90 -1.76
N LEU F 284 4.84 -37.58 -2.48
CA LEU F 284 4.79 -37.61 -3.94
C LEU F 284 4.89 -39.01 -4.52
N LYS F 285 4.14 -39.24 -5.60
CA LYS F 285 4.13 -40.52 -6.30
C LYS F 285 5.15 -40.46 -7.45
N PRO F 286 5.47 -41.63 -8.05
CA PRO F 286 6.42 -41.66 -9.18
C PRO F 286 6.05 -40.74 -10.35
N GLU F 287 4.77 -40.60 -10.63
CA GLU F 287 4.33 -39.75 -11.73
C GLU F 287 4.64 -38.28 -11.44
N HIS F 288 4.62 -37.93 -10.15
CA HIS F 288 4.94 -36.58 -9.70
C HIS F 288 6.44 -36.32 -9.80
N ILE F 289 7.21 -37.30 -9.33
CA ILE F 289 8.67 -37.26 -9.45
C ILE F 289 9.09 -37.14 -10.91
N ALA F 290 8.40 -37.85 -11.79
CA ALA F 290 8.70 -37.77 -13.23
C ALA F 290 8.43 -36.38 -13.77
N LYS F 291 7.38 -35.71 -13.28
CA LYS F 291 7.08 -34.34 -13.70
C LYS F 291 8.21 -33.41 -13.25
N MET F 292 8.69 -33.63 -12.02
CA MET F 292 9.81 -32.84 -11.49
C MET F 292 11.05 -33.04 -12.34
N GLN F 293 11.31 -34.29 -12.71
CA GLN F 293 12.49 -34.61 -13.52
C GLN F 293 12.44 -33.91 -14.87
N ALA F 294 11.29 -33.97 -15.53
CA ALA F 294 11.12 -33.34 -16.83
C ALA F 294 11.30 -31.83 -16.73
N PHE F 295 10.83 -31.25 -15.63
CA PHE F 295 10.96 -29.81 -15.40
C PHE F 295 12.43 -29.44 -15.19
N VAL F 296 13.09 -30.17 -14.31
CA VAL F 296 14.50 -29.94 -14.02
C VAL F 296 15.34 -30.12 -15.28
N ASP F 297 15.01 -31.11 -16.10
CA ASP F 297 15.75 -31.34 -17.34
C ASP F 297 15.66 -30.12 -18.24
N ALA F 298 14.47 -29.51 -18.29
CA ALA F 298 14.23 -28.33 -19.11
C ALA F 298 14.99 -27.14 -18.56
N ARG F 299 15.03 -27.05 -17.24
CA ARG F 299 15.78 -25.99 -16.55
C ARG F 299 17.28 -26.11 -16.79
N CYS F 300 17.79 -27.33 -16.78
CA CYS F 300 19.21 -27.54 -17.01
C CYS F 300 19.57 -27.25 -18.46
N ALA F 301 18.73 -27.67 -19.39
CA ALA F 301 18.95 -27.37 -20.80
C ALA F 301 18.99 -25.86 -21.03
N GLU F 302 18.15 -25.12 -20.31
CA GLU F 302 18.09 -23.67 -20.46
C GLU F 302 19.43 -22.98 -20.19
N VAL F 303 20.20 -23.51 -19.24
CA VAL F 303 21.48 -22.89 -18.89
C VAL F 303 22.64 -23.67 -19.49
N GLY F 304 22.33 -24.69 -20.28
CA GLY F 304 23.35 -25.42 -21.01
C GLY F 304 24.04 -26.53 -20.24
N ILE F 305 23.37 -27.08 -19.23
CA ILE F 305 23.83 -28.29 -18.58
C ILE F 305 23.31 -29.48 -19.38
N THR F 306 24.19 -30.09 -20.17
CA THR F 306 23.77 -31.08 -21.14
C THR F 306 24.27 -32.49 -20.85
N VAL F 307 24.88 -32.67 -19.68
CA VAL F 307 25.39 -33.98 -19.28
C VAL F 307 24.22 -34.94 -19.02
N PRO F 308 24.47 -36.26 -19.16
CA PRO F 308 23.40 -37.23 -18.96
C PRO F 308 22.95 -37.33 -17.50
N VAL F 309 21.73 -37.80 -17.29
CA VAL F 309 21.23 -38.08 -15.95
C VAL F 309 21.56 -39.52 -15.59
N VAL F 310 22.31 -39.70 -14.51
CA VAL F 310 22.87 -41.00 -14.14
C VAL F 310 22.67 -41.27 -12.67
N ALA F 311 22.02 -42.39 -12.34
CA ALA F 311 21.85 -42.78 -10.94
C ALA F 311 23.21 -43.01 -10.29
N SER F 312 23.32 -42.68 -9.01
CA SER F 312 24.56 -42.85 -8.27
C SER F 312 24.86 -44.34 -8.03
N ASN F 313 23.79 -45.13 -7.86
CA ASN F 313 23.92 -46.55 -7.56
C ASN F 313 22.65 -47.30 -7.90
#